data_6WKO
# 
_entry.id   6WKO 
# 
_audit_conform.dict_name       mmcif_pdbx.dic 
_audit_conform.dict_version    5.380 
_audit_conform.dict_location   http://mmcif.pdb.org/dictionaries/ascii/mmcif_pdbx.dic 
# 
loop_
_database_2.database_id 
_database_2.database_code 
_database_2.pdbx_database_accession 
_database_2.pdbx_DOI 
PDB   6WKO         pdb_00006wko 10.2210/pdb6wko/pdb 
WWPDB D_1000248513 ?            ?                   
# 
_pdbx_database_status.status_code                     REL 
_pdbx_database_status.status_code_sf                  REL 
_pdbx_database_status.status_code_mr                  ? 
_pdbx_database_status.entry_id                        6WKO 
_pdbx_database_status.recvd_initial_deposition_date   2020-04-16 
_pdbx_database_status.SG_entry                        N 
_pdbx_database_status.deposit_site                    RCSB 
_pdbx_database_status.process_site                    RCSB 
_pdbx_database_status.status_code_cs                  ? 
_pdbx_database_status.status_code_nmr_data            ? 
_pdbx_database_status.methods_development_category    ? 
_pdbx_database_status.pdb_format_compatible           Y 
# 
loop_
_audit_author.name 
_audit_author.pdbx_ordinal 
_audit_author.identifier_ORCID 
'Serrao, V.H.B.' 1 0000-0002-9398-2941 
'Lee, J.E.'      2 0000-0002-2172-6586 
# 
_citation.abstract                  ? 
_citation.abstract_id_CAS           ? 
_citation.book_id_ISBN              ? 
_citation.book_publisher            ? 
_citation.book_publisher_city       ? 
_citation.book_title                ? 
_citation.coordinate_linkage        ? 
_citation.country                   US 
_citation.database_id_Medline       ? 
_citation.details                   ? 
_citation.id                        primary 
_citation.journal_abbrev            'Cell Rep' 
_citation.journal_id_ASTM           ? 
_citation.journal_id_CSD            ? 
_citation.journal_id_ISSN           2211-1247 
_citation.journal_full              ? 
_citation.journal_issue             ? 
_citation.journal_volume            35 
_citation.language                  ? 
_citation.page_first                109152 
_citation.page_last                 109152 
_citation.title                     'Snapshot of an influenza virus glycoprotein fusion intermediate.' 
_citation.year                      2021 
_citation.database_id_CSD           ? 
_citation.pdbx_database_id_DOI      10.1016/j.celrep.2021.109152 
_citation.pdbx_database_id_PubMed   34010634 
_citation.unpublished_flag          ? 
# 
loop_
_citation_author.citation_id 
_citation_author.name 
_citation_author.ordinal 
_citation_author.identifier_ORCID 
primary 'Serrao, V.H.B.' 1 ? 
primary 'Cook, J.D.'     2 ? 
primary 'Lee, J.E.'      3 ? 
# 
_cell.angle_alpha                  90.000 
_cell.angle_alpha_esd              ? 
_cell.angle_beta                   90.000 
_cell.angle_beta_esd               ? 
_cell.angle_gamma                  90.000 
_cell.angle_gamma_esd              ? 
_cell.entry_id                     6WKO 
_cell.details                      ? 
_cell.formula_units_Z              ? 
_cell.length_a                     65.142 
_cell.length_a_esd                 ? 
_cell.length_b                     65.142 
_cell.length_b_esd                 ? 
_cell.length_c                     65.142 
_cell.length_c_esd                 ? 
_cell.volume                       ? 
_cell.volume_esd                   ? 
_cell.Z_PDB                        12 
_cell.reciprocal_angle_alpha       ? 
_cell.reciprocal_angle_beta        ? 
_cell.reciprocal_angle_gamma       ? 
_cell.reciprocal_angle_alpha_esd   ? 
_cell.reciprocal_angle_beta_esd    ? 
_cell.reciprocal_angle_gamma_esd   ? 
_cell.reciprocal_length_a          ? 
_cell.reciprocal_length_b          ? 
_cell.reciprocal_length_c          ? 
_cell.reciprocal_length_a_esd      ? 
_cell.reciprocal_length_b_esd      ? 
_cell.reciprocal_length_c_esd      ? 
_cell.pdbx_unique_axis             ? 
# 
_symmetry.entry_id                         6WKO 
_symmetry.cell_setting                     ? 
_symmetry.Int_Tables_number                198 
_symmetry.space_group_name_Hall            ? 
_symmetry.space_group_name_H-M             'P 21 3' 
_symmetry.pdbx_full_space_group_name_H-M   ? 
# 
loop_
_entity.id 
_entity.type 
_entity.src_method 
_entity.pdbx_description 
_entity.formula_weight 
_entity.pdbx_number_of_molecules 
_entity.pdbx_ec 
_entity.pdbx_mutation 
_entity.pdbx_fragment 
_entity.details 
1 polymer     man 'Hemagglutinin-esterase-fusion glycoprotein' 10256.511 1 3.1.1.53 C583S ? ? 
2 non-polymer syn 'CHLORIDE ION'                               35.453    1 ?        ?     ? ? 
3 water       nat water                                        18.015    4 ?        ?     ? ? 
# 
_entity_name_com.entity_id   1 
_entity_name_com.name        HEF 
# 
_entity_poly.entity_id                      1 
_entity_poly.type                           'polypeptide(L)' 
_entity_poly.nstd_linkage                   no 
_entity_poly.nstd_monomer                   no 
_entity_poly.pdbx_seq_one_letter_code       
;GSSGNDIQILKSSINIAIEKLNDRISHDEQAIRDLTLEIENARSEALLGELGIIRALLVGNISIGLQESLWELASEITNR
AGDLAVEVSPGSWII
;
_entity_poly.pdbx_seq_one_letter_code_can   
;GSSGNDIQILKSSINIAIEKLNDRISHDEQAIRDLTLEIENARSEALLGELGIIRALLVGNISIGLQESLWELASEITNR
AGDLAVEVSPGSWII
;
_entity_poly.pdbx_strand_id                 A 
_entity_poly.pdbx_target_identifier         ? 
# 
loop_
_entity_poly_seq.entity_id 
_entity_poly_seq.num 
_entity_poly_seq.mon_id 
_entity_poly_seq.hetero 
1 1  GLY n 
1 2  SER n 
1 3  SER n 
1 4  GLY n 
1 5  ASN n 
1 6  ASP n 
1 7  ILE n 
1 8  GLN n 
1 9  ILE n 
1 10 LEU n 
1 11 LYS n 
1 12 SER n 
1 13 SER n 
1 14 ILE n 
1 15 ASN n 
1 16 ILE n 
1 17 ALA n 
1 18 ILE n 
1 19 GLU n 
1 20 LYS n 
1 21 LEU n 
1 22 ASN n 
1 23 ASP n 
1 24 ARG n 
1 25 ILE n 
1 26 SER n 
1 27 HIS n 
1 28 ASP n 
1 29 GLU n 
1 30 GLN n 
1 31 ALA n 
1 32 ILE n 
1 33 ARG n 
1 34 ASP n 
1 35 LEU n 
1 36 THR n 
1 37 LEU n 
1 38 GLU n 
1 39 ILE n 
1 40 GLU n 
1 41 ASN n 
1 42 ALA n 
1 43 ARG n 
1 44 SER n 
1 45 GLU n 
1 46 ALA n 
1 47 LEU n 
1 48 LEU n 
1 49 GLY n 
1 50 GLU n 
1 51 LEU n 
1 52 GLY n 
1 53 ILE n 
1 54 ILE n 
1 55 ARG n 
1 56 ALA n 
1 57 LEU n 
1 58 LEU n 
1 59 VAL n 
1 60 GLY n 
1 61 ASN n 
1 62 ILE n 
1 63 SER n 
1 64 ILE n 
1 65 GLY n 
1 66 LEU n 
1 67 GLN n 
1 68 GLU n 
1 69 SER n 
1 70 LEU n 
1 71 TRP n 
1 72 GLU n 
1 73 LEU n 
1 74 ALA n 
1 75 SER n 
1 76 GLU n 
1 77 ILE n 
1 78 THR n 
1 79 ASN n 
1 80 ARG n 
1 81 ALA n 
1 82 GLY n 
1 83 ASP n 
1 84 LEU n 
1 85 ALA n 
1 86 VAL n 
1 87 GLU n 
1 88 VAL n 
1 89 SER n 
1 90 PRO n 
1 91 GLY n 
1 92 SER n 
1 93 TRP n 
1 94 ILE n 
1 95 ILE n 
# 
_entity_src_gen.entity_id                          1 
_entity_src_gen.pdbx_src_id                        1 
_entity_src_gen.pdbx_alt_source_flag               sample 
_entity_src_gen.pdbx_seq_type                      'Biological sequence' 
_entity_src_gen.pdbx_beg_seq_num                   1 
_entity_src_gen.pdbx_end_seq_num                   95 
_entity_src_gen.gene_src_common_name               ? 
_entity_src_gen.gene_src_genus                     ? 
_entity_src_gen.pdbx_gene_src_gene                 'HEF, HE' 
_entity_src_gen.gene_src_species                   ? 
_entity_src_gen.gene_src_strain                    C/Johannesburg/1/1966 
_entity_src_gen.gene_src_tissue                    ? 
_entity_src_gen.gene_src_tissue_fraction           ? 
_entity_src_gen.gene_src_details                   ? 
_entity_src_gen.pdbx_gene_src_fragment             ? 
_entity_src_gen.pdbx_gene_src_scientific_name      'Influenza C virus (strain C/Johannesburg/1/1966)' 
_entity_src_gen.pdbx_gene_src_ncbi_taxonomy_id     100673 
_entity_src_gen.pdbx_gene_src_variant              ? 
_entity_src_gen.pdbx_gene_src_cell_line            ? 
_entity_src_gen.pdbx_gene_src_atcc                 ? 
_entity_src_gen.pdbx_gene_src_organ                ? 
_entity_src_gen.pdbx_gene_src_organelle            ? 
_entity_src_gen.pdbx_gene_src_cell                 ? 
_entity_src_gen.pdbx_gene_src_cellular_location    ? 
_entity_src_gen.host_org_common_name               ? 
_entity_src_gen.pdbx_host_org_scientific_name      'Escherichia coli BL21(DE3)' 
_entity_src_gen.pdbx_host_org_ncbi_taxonomy_id     469008 
_entity_src_gen.host_org_genus                     ? 
_entity_src_gen.pdbx_host_org_gene                 ? 
_entity_src_gen.pdbx_host_org_organ                ? 
_entity_src_gen.host_org_species                   ? 
_entity_src_gen.pdbx_host_org_tissue               ? 
_entity_src_gen.pdbx_host_org_tissue_fraction      ? 
_entity_src_gen.pdbx_host_org_strain               ? 
_entity_src_gen.pdbx_host_org_variant              ? 
_entity_src_gen.pdbx_host_org_cell_line            ? 
_entity_src_gen.pdbx_host_org_atcc                 ? 
_entity_src_gen.pdbx_host_org_culture_collection   ? 
_entity_src_gen.pdbx_host_org_cell                 ? 
_entity_src_gen.pdbx_host_org_organelle            ? 
_entity_src_gen.pdbx_host_org_cellular_location    ? 
_entity_src_gen.pdbx_host_org_vector_type          plasmid 
_entity_src_gen.pdbx_host_org_vector               ? 
_entity_src_gen.host_org_details                   ? 
_entity_src_gen.expression_system_id               ? 
_entity_src_gen.plasmid_name                       'pET46 Ek/LIC' 
_entity_src_gen.plasmid_details                    ? 
_entity_src_gen.pdbx_description                   ? 
# 
_struct_ref.id                         1 
_struct_ref.db_name                    UNP 
_struct_ref.db_code                    A8E060_INCJH 
_struct_ref.pdbx_db_accession          A8E060 
_struct_ref.pdbx_db_isoform            ? 
_struct_ref.entity_id                  1 
_struct_ref.pdbx_seq_one_letter_code   
;GNDIQILKSSINIAIEKLNDRISHDEQAIRDLTLEIENARSEALLGELGIIRALLVGNISIGLQESLWELASEITNRAGD
LAVEVSPGCWII
;
_struct_ref.pdbx_align_begin           495 
# 
_struct_ref_seq.align_id                      1 
_struct_ref_seq.ref_id                        1 
_struct_ref_seq.pdbx_PDB_id_code              6WKO 
_struct_ref_seq.pdbx_strand_id                A 
_struct_ref_seq.seq_align_beg                 4 
_struct_ref_seq.pdbx_seq_align_beg_ins_code   ? 
_struct_ref_seq.seq_align_end                 95 
_struct_ref_seq.pdbx_seq_align_end_ins_code   ? 
_struct_ref_seq.pdbx_db_accession             A8E060 
_struct_ref_seq.db_align_beg                  495 
_struct_ref_seq.pdbx_db_align_beg_ins_code    ? 
_struct_ref_seq.db_align_end                  586 
_struct_ref_seq.pdbx_db_align_end_ins_code    ? 
_struct_ref_seq.pdbx_auth_seq_align_beg       495 
_struct_ref_seq.pdbx_auth_seq_align_end       586 
# 
loop_
_struct_ref_seq_dif.align_id 
_struct_ref_seq_dif.pdbx_pdb_id_code 
_struct_ref_seq_dif.mon_id 
_struct_ref_seq_dif.pdbx_pdb_strand_id 
_struct_ref_seq_dif.seq_num 
_struct_ref_seq_dif.pdbx_pdb_ins_code 
_struct_ref_seq_dif.pdbx_seq_db_name 
_struct_ref_seq_dif.pdbx_seq_db_accession_code 
_struct_ref_seq_dif.db_mon_id 
_struct_ref_seq_dif.pdbx_seq_db_seq_num 
_struct_ref_seq_dif.details 
_struct_ref_seq_dif.pdbx_auth_seq_num 
_struct_ref_seq_dif.pdbx_ordinal 
1 6WKO GLY A 1  ? UNP A8E060 ?   ?   'expression tag'      492 1 
1 6WKO SER A 2  ? UNP A8E060 ?   ?   'expression tag'      493 2 
1 6WKO SER A 3  ? UNP A8E060 ?   ?   'expression tag'      494 3 
1 6WKO SER A 92 ? UNP A8E060 CYS 583 'engineered mutation' 583 4 
# 
loop_
_chem_comp.id 
_chem_comp.type 
_chem_comp.mon_nstd_flag 
_chem_comp.name 
_chem_comp.pdbx_synonyms 
_chem_comp.formula 
_chem_comp.formula_weight 
ALA 'L-peptide linking' y ALANINE         ? 'C3 H7 N O2'     89.093  
ARG 'L-peptide linking' y ARGININE        ? 'C6 H15 N4 O2 1' 175.209 
ASN 'L-peptide linking' y ASPARAGINE      ? 'C4 H8 N2 O3'    132.118 
ASP 'L-peptide linking' y 'ASPARTIC ACID' ? 'C4 H7 N O4'     133.103 
CL  non-polymer         . 'CHLORIDE ION'  ? 'Cl -1'          35.453  
CYS 'L-peptide linking' y CYSTEINE        ? 'C3 H7 N O2 S'   121.158 
GLN 'L-peptide linking' y GLUTAMINE       ? 'C5 H10 N2 O3'   146.144 
GLU 'L-peptide linking' y 'GLUTAMIC ACID' ? 'C5 H9 N O4'     147.129 
GLY 'peptide linking'   y GLYCINE         ? 'C2 H5 N O2'     75.067  
HIS 'L-peptide linking' y HISTIDINE       ? 'C6 H10 N3 O2 1' 156.162 
HOH non-polymer         . WATER           ? 'H2 O'           18.015  
ILE 'L-peptide linking' y ISOLEUCINE      ? 'C6 H13 N O2'    131.173 
LEU 'L-peptide linking' y LEUCINE         ? 'C6 H13 N O2'    131.173 
LYS 'L-peptide linking' y LYSINE          ? 'C6 H15 N2 O2 1' 147.195 
PRO 'L-peptide linking' y PROLINE         ? 'C5 H9 N O2'     115.130 
SER 'L-peptide linking' y SERINE          ? 'C3 H7 N O3'     105.093 
THR 'L-peptide linking' y THREONINE       ? 'C4 H9 N O3'     119.119 
TRP 'L-peptide linking' y TRYPTOPHAN      ? 'C11 H12 N2 O2'  204.225 
VAL 'L-peptide linking' y VALINE          ? 'C5 H11 N O2'    117.146 
# 
_exptl.absorpt_coefficient_mu     ? 
_exptl.absorpt_correction_T_max   ? 
_exptl.absorpt_correction_T_min   ? 
_exptl.absorpt_correction_type    ? 
_exptl.absorpt_process_details    ? 
_exptl.entry_id                   6WKO 
_exptl.crystals_number            1 
_exptl.details                    ? 
_exptl.method                     'X-RAY DIFFRACTION' 
_exptl.method_details             ? 
# 
_exptl_crystal.colour                      ? 
_exptl_crystal.density_diffrn              ? 
_exptl_crystal.density_Matthews            2.25 
_exptl_crystal.density_method              ? 
_exptl_crystal.density_percent_sol         45.24 
_exptl_crystal.description                 ? 
_exptl_crystal.F_000                       ? 
_exptl_crystal.id                          1 
_exptl_crystal.preparation                 ? 
_exptl_crystal.size_max                    ? 
_exptl_crystal.size_mid                    ? 
_exptl_crystal.size_min                    ? 
_exptl_crystal.size_rad                    ? 
_exptl_crystal.colour_lustre               ? 
_exptl_crystal.colour_modifier             ? 
_exptl_crystal.colour_primary              ? 
_exptl_crystal.density_meas                ? 
_exptl_crystal.density_meas_esd            ? 
_exptl_crystal.density_meas_gt             ? 
_exptl_crystal.density_meas_lt             ? 
_exptl_crystal.density_meas_temp           ? 
_exptl_crystal.density_meas_temp_esd       ? 
_exptl_crystal.density_meas_temp_gt        ? 
_exptl_crystal.density_meas_temp_lt        ? 
_exptl_crystal.pdbx_crystal_image_url      ? 
_exptl_crystal.pdbx_crystal_image_format   ? 
_exptl_crystal.pdbx_mosaicity              ? 
_exptl_crystal.pdbx_mosaicity_esd          ? 
# 
_exptl_crystal_grow.apparatus       ? 
_exptl_crystal_grow.atmosphere      ? 
_exptl_crystal_grow.crystal_id      1 
_exptl_crystal_grow.details         ? 
_exptl_crystal_grow.method          'VAPOR DIFFUSION, SITTING DROP' 
_exptl_crystal_grow.method_ref      ? 
_exptl_crystal_grow.pH              6.1 
_exptl_crystal_grow.pressure        ? 
_exptl_crystal_grow.pressure_esd    ? 
_exptl_crystal_grow.seeding         ? 
_exptl_crystal_grow.seeding_ref     ? 
_exptl_crystal_grow.temp            293 
_exptl_crystal_grow.temp_details    ? 
_exptl_crystal_grow.temp_esd        ? 
_exptl_crystal_grow.time            ? 
_exptl_crystal_grow.pdbx_details    '85 mM tri-sodium citrate pH 5.6, 29.75% (v/v) tert-butanol and 15% (v/v) glycerol' 
_exptl_crystal_grow.pdbx_pH_range   ? 
# 
_diffrn.ambient_environment              ? 
_diffrn.ambient_temp                     100 
_diffrn.ambient_temp_details             ? 
_diffrn.ambient_temp_esd                 ? 
_diffrn.crystal_id                       1 
_diffrn.crystal_support                  ? 
_diffrn.crystal_treatment                ? 
_diffrn.details                          ? 
_diffrn.id                               1 
_diffrn.ambient_pressure                 ? 
_diffrn.ambient_pressure_esd             ? 
_diffrn.ambient_pressure_gt              ? 
_diffrn.ambient_pressure_lt              ? 
_diffrn.ambient_temp_gt                  ? 
_diffrn.ambient_temp_lt                  ? 
_diffrn.pdbx_serial_crystal_experiment   N 
# 
_diffrn_detector.details                      ? 
_diffrn_detector.detector                     PIXEL 
_diffrn_detector.diffrn_id                    1 
_diffrn_detector.type                         'DECTRIS EIGER X 9M' 
_diffrn_detector.area_resol_mean              ? 
_diffrn_detector.dtime                        ? 
_diffrn_detector.pdbx_frames_total            ? 
_diffrn_detector.pdbx_collection_time_total   ? 
_diffrn_detector.pdbx_collection_date         2018-10-09 
_diffrn_detector.pdbx_frequency               ? 
# 
_diffrn_radiation.collimation                      ? 
_diffrn_radiation.diffrn_id                        1 
_diffrn_radiation.filter_edge                      ? 
_diffrn_radiation.inhomogeneity                    ? 
_diffrn_radiation.monochromator                    ? 
_diffrn_radiation.polarisn_norm                    ? 
_diffrn_radiation.polarisn_ratio                   ? 
_diffrn_radiation.probe                            ? 
_diffrn_radiation.type                             ? 
_diffrn_radiation.xray_symbol                      ? 
_diffrn_radiation.wavelength_id                    1 
_diffrn_radiation.pdbx_monochromatic_or_laue_m_l   M 
_diffrn_radiation.pdbx_wavelength_list             ? 
_diffrn_radiation.pdbx_wavelength                  ? 
_diffrn_radiation.pdbx_diffrn_protocol             'SINGLE WAVELENGTH' 
_diffrn_radiation.pdbx_analyzer                    ? 
_diffrn_radiation.pdbx_scattering_type             x-ray 
# 
_diffrn_radiation_wavelength.id           1 
_diffrn_radiation_wavelength.wavelength   0.9397 
_diffrn_radiation_wavelength.wt           1.0 
# 
_diffrn_source.current                     ? 
_diffrn_source.details                     ? 
_diffrn_source.diffrn_id                   1 
_diffrn_source.power                       ? 
_diffrn_source.size                        ? 
_diffrn_source.source                      SYNCHROTRON 
_diffrn_source.target                      ? 
_diffrn_source.type                        'NSLS-II BEAMLINE 17-ID-1' 
_diffrn_source.voltage                     ? 
_diffrn_source.take-off_angle              ? 
_diffrn_source.pdbx_wavelength_list        0.9397 
_diffrn_source.pdbx_wavelength             ? 
_diffrn_source.pdbx_synchrotron_beamline   17-ID-1 
_diffrn_source.pdbx_synchrotron_site       NSLS-II 
# 
_reflns.B_iso_Wilson_estimate            60.020 
_reflns.entry_id                         6WKO 
_reflns.data_reduction_details           ? 
_reflns.data_reduction_method            ? 
_reflns.d_resolution_high                2.400 
_reflns.d_resolution_low                 65.140 
_reflns.details                          ? 
_reflns.limit_h_max                      ? 
_reflns.limit_h_min                      ? 
_reflns.limit_k_max                      ? 
_reflns.limit_k_min                      ? 
_reflns.limit_l_max                      ? 
_reflns.limit_l_min                      ? 
_reflns.number_all                       ? 
_reflns.number_obs                       3791 
_reflns.observed_criterion               ? 
_reflns.observed_criterion_F_max         ? 
_reflns.observed_criterion_F_min         ? 
_reflns.observed_criterion_I_max         ? 
_reflns.observed_criterion_I_min         ? 
_reflns.observed_criterion_sigma_F       ? 
_reflns.observed_criterion_sigma_I       ? 
_reflns.percent_possible_obs             100.000 
_reflns.R_free_details                   ? 
_reflns.Rmerge_F_all                     ? 
_reflns.Rmerge_F_obs                     ? 
_reflns.Friedel_coverage                 ? 
_reflns.number_gt                        ? 
_reflns.threshold_expression             ? 
_reflns.pdbx_redundancy                  20.600 
_reflns.pdbx_Rmerge_I_obs                0.117 
_reflns.pdbx_Rmerge_I_all                ? 
_reflns.pdbx_Rsym_value                  ? 
_reflns.pdbx_netI_over_av_sigmaI         ? 
_reflns.pdbx_netI_over_sigmaI            13.300 
_reflns.pdbx_res_netI_over_av_sigmaI_2   ? 
_reflns.pdbx_res_netI_over_sigmaI_2      ? 
_reflns.pdbx_chi_squared                 ? 
_reflns.pdbx_scaling_rejects             ? 
_reflns.pdbx_d_res_high_opt              ? 
_reflns.pdbx_d_res_low_opt               ? 
_reflns.pdbx_d_res_opt_method            ? 
_reflns.phase_calculation_details        ? 
_reflns.pdbx_Rrim_I_all                  0.12 
_reflns.pdbx_Rpim_I_all                  0.026 
_reflns.pdbx_d_opt                       ? 
_reflns.pdbx_number_measured_all         ? 
_reflns.pdbx_diffrn_id                   1 
_reflns.pdbx_ordinal                     1 
_reflns.pdbx_CC_half                     1.000 
_reflns.pdbx_CC_star                     ? 
_reflns.pdbx_R_split                     ? 
# 
loop_
_reflns_shell.d_res_high 
_reflns_shell.d_res_low 
_reflns_shell.meanI_over_sigI_all 
_reflns_shell.meanI_over_sigI_obs 
_reflns_shell.number_measured_all 
_reflns_shell.number_measured_obs 
_reflns_shell.number_possible 
_reflns_shell.number_unique_all 
_reflns_shell.number_unique_obs 
_reflns_shell.percent_possible_all 
_reflns_shell.percent_possible_obs 
_reflns_shell.Rmerge_F_all 
_reflns_shell.Rmerge_F_obs 
_reflns_shell.Rmerge_I_all 
_reflns_shell.Rmerge_I_obs 
_reflns_shell.meanI_over_sigI_gt 
_reflns_shell.meanI_over_uI_all 
_reflns_shell.meanI_over_uI_gt 
_reflns_shell.number_measured_gt 
_reflns_shell.number_unique_gt 
_reflns_shell.percent_possible_gt 
_reflns_shell.Rmerge_F_gt 
_reflns_shell.Rmerge_I_gt 
_reflns_shell.pdbx_redundancy 
_reflns_shell.pdbx_Rsym_value 
_reflns_shell.pdbx_chi_squared 
_reflns_shell.pdbx_netI_over_sigmaI_all 
_reflns_shell.pdbx_netI_over_sigmaI_obs 
_reflns_shell.pdbx_Rrim_I_all 
_reflns_shell.pdbx_Rpim_I_all 
_reflns_shell.pdbx_rejects 
_reflns_shell.pdbx_ordinal 
_reflns_shell.pdbx_diffrn_id 
_reflns_shell.pdbx_CC_half 
_reflns_shell.pdbx_CC_star 
_reflns_shell.pdbx_R_split 
2.400 2.490  ? ? ? ? ? ? 391 100.000 ? ? ? ? 1.896 ? ? ? ? ? ? ? ? 21.600 ? ? ? ? 1.941 0.414 ? 1 1 0.762 ? ? 
8.980 65.140 ? ? ? ? ? ? 91  99.900  ? ? ? ? 0.043 ? ? ? ? ? ? ? ? 16.500 ? ? ? ? 0.044 0.010 ? 2 1 1.000 ? ? 
# 
_refine.aniso_B[1][1]                            ? 
_refine.aniso_B[1][2]                            ? 
_refine.aniso_B[1][3]                            ? 
_refine.aniso_B[2][2]                            ? 
_refine.aniso_B[2][3]                            ? 
_refine.aniso_B[3][3]                            ? 
_refine.B_iso_max                                164.770 
_refine.B_iso_mean                               77.2259 
_refine.B_iso_min                                36.860 
_refine.correlation_coeff_Fo_to_Fc               ? 
_refine.correlation_coeff_Fo_to_Fc_free          ? 
_refine.details                                  ? 
_refine.diff_density_max                         ? 
_refine.diff_density_max_esd                     ? 
_refine.diff_density_min                         ? 
_refine.diff_density_min_esd                     ? 
_refine.diff_density_rms                         ? 
_refine.diff_density_rms_esd                     ? 
_refine.entry_id                                 6WKO 
_refine.pdbx_refine_id                           'X-RAY DIFFRACTION' 
_refine.ls_abs_structure_details                 ? 
_refine.ls_abs_structure_Flack                   ? 
_refine.ls_abs_structure_Flack_esd               ? 
_refine.ls_abs_structure_Rogers                  ? 
_refine.ls_abs_structure_Rogers_esd              ? 
_refine.ls_d_res_high                            2.4010 
_refine.ls_d_res_low                             46.0620 
_refine.ls_extinction_coef                       ? 
_refine.ls_extinction_coef_esd                   ? 
_refine.ls_extinction_expression                 ? 
_refine.ls_extinction_method                     ? 
_refine.ls_goodness_of_fit_all                   ? 
_refine.ls_goodness_of_fit_all_esd               ? 
_refine.ls_goodness_of_fit_obs                   ? 
_refine.ls_goodness_of_fit_obs_esd               ? 
_refine.ls_hydrogen_treatment                    ? 
_refine.ls_matrix_type                           ? 
_refine.ls_number_constraints                    ? 
_refine.ls_number_parameters                     ? 
_refine.ls_number_reflns_all                     ? 
_refine.ls_number_reflns_obs                     3776 
_refine.ls_number_reflns_R_free                  191 
_refine.ls_number_reflns_R_work                  ? 
_refine.ls_number_restraints                     ? 
_refine.ls_percent_reflns_obs                    99.9700 
_refine.ls_percent_reflns_R_free                 5.0600 
_refine.ls_R_factor_all                          ? 
_refine.ls_R_factor_obs                          0.2002 
_refine.ls_R_factor_R_free                       0.2546 
_refine.ls_R_factor_R_free_error                 ? 
_refine.ls_R_factor_R_free_error_details         ? 
_refine.ls_R_factor_R_work                       0.1971 
_refine.ls_R_Fsqd_factor_obs                     ? 
_refine.ls_R_I_factor_obs                        ? 
_refine.ls_redundancy_reflns_all                 ? 
_refine.ls_redundancy_reflns_obs                 ? 
_refine.ls_restrained_S_all                      ? 
_refine.ls_restrained_S_obs                      ? 
_refine.ls_shift_over_esd_max                    ? 
_refine.ls_shift_over_esd_mean                   ? 
_refine.ls_structure_factor_coef                 ? 
_refine.ls_weighting_details                     ? 
_refine.ls_weighting_scheme                      ? 
_refine.ls_wR_factor_all                         ? 
_refine.ls_wR_factor_obs                         ? 
_refine.ls_wR_factor_R_free                      ? 
_refine.ls_wR_factor_R_work                      ? 
_refine.occupancy_max                            ? 
_refine.occupancy_min                            ? 
_refine.solvent_model_details                    ? 
_refine.solvent_model_param_bsol                 ? 
_refine.solvent_model_param_ksol                 ? 
_refine.pdbx_R_complete                          ? 
_refine.ls_R_factor_gt                           ? 
_refine.ls_goodness_of_fit_gt                    ? 
_refine.ls_goodness_of_fit_ref                   ? 
_refine.ls_shift_over_su_max                     ? 
_refine.ls_shift_over_su_max_lt                  ? 
_refine.ls_shift_over_su_mean                    ? 
_refine.ls_shift_over_su_mean_lt                 ? 
_refine.pdbx_ls_sigma_I                          ? 
_refine.pdbx_ls_sigma_F                          1.340 
_refine.pdbx_ls_sigma_Fsqd                       ? 
_refine.pdbx_data_cutoff_high_absF               ? 
_refine.pdbx_data_cutoff_high_rms_absF           ? 
_refine.pdbx_data_cutoff_low_absF                ? 
_refine.pdbx_isotropic_thermal_model             ? 
_refine.pdbx_ls_cross_valid_method               THROUGHOUT 
_refine.pdbx_method_to_determine_struct          'MOLECULAR REPLACEMENT' 
_refine.pdbx_starting_model                      '4NKJ chain A' 
_refine.pdbx_stereochemistry_target_values       ? 
_refine.pdbx_R_Free_selection_details            'Random selection' 
_refine.pdbx_stereochem_target_val_spec_case     ? 
_refine.pdbx_overall_ESU_R                       ? 
_refine.pdbx_overall_ESU_R_Free                  ? 
_refine.pdbx_solvent_vdw_probe_radii             1.1100 
_refine.pdbx_solvent_ion_probe_radii             ? 
_refine.pdbx_solvent_shrinkage_radii             0.9000 
_refine.pdbx_real_space_R                        ? 
_refine.pdbx_density_correlation                 ? 
_refine.pdbx_pd_number_of_powder_patterns        ? 
_refine.pdbx_pd_number_of_points                 ? 
_refine.pdbx_pd_meas_number_of_points            ? 
_refine.pdbx_pd_proc_ls_prof_R_factor            ? 
_refine.pdbx_pd_proc_ls_prof_wR_factor           ? 
_refine.pdbx_pd_Marquardt_correlation_coeff      ? 
_refine.pdbx_pd_Fsqrd_R_factor                   ? 
_refine.pdbx_pd_ls_matrix_band_width             ? 
_refine.pdbx_overall_phase_error                 20.5100 
_refine.pdbx_overall_SU_R_free_Cruickshank_DPI   ? 
_refine.pdbx_overall_SU_R_free_Blow_DPI          ? 
_refine.pdbx_overall_SU_R_Blow_DPI               ? 
_refine.pdbx_TLS_residual_ADP_flag               ? 
_refine.pdbx_diffrn_id                           1 
_refine.overall_SU_B                             ? 
_refine.overall_SU_ML                            0.0000 
_refine.overall_SU_R_Cruickshank_DPI             ? 
_refine.overall_SU_R_free                        ? 
_refine.overall_FOM_free_R_set                   ? 
_refine.overall_FOM_work_R_set                   ? 
_refine.pdbx_average_fsc_overall                 ? 
_refine.pdbx_average_fsc_work                    ? 
_refine.pdbx_average_fsc_free                    ? 
# 
_refine_hist.pdbx_refine_id                   'X-RAY DIFFRACTION' 
_refine_hist.cycle_id                         final 
_refine_hist.details                          ? 
_refine_hist.d_res_high                       2.4010 
_refine_hist.d_res_low                        46.0620 
_refine_hist.number_atoms_solvent             4 
_refine_hist.number_atoms_total               667 
_refine_hist.number_reflns_all                ? 
_refine_hist.number_reflns_obs                ? 
_refine_hist.number_reflns_R_free             ? 
_refine_hist.number_reflns_R_work             ? 
_refine_hist.R_factor_all                     ? 
_refine_hist.R_factor_obs                     ? 
_refine_hist.R_factor_R_free                  ? 
_refine_hist.R_factor_R_work                  ? 
_refine_hist.pdbx_number_residues_total       90 
_refine_hist.pdbx_B_iso_mean_ligand           92.98 
_refine_hist.pdbx_B_iso_mean_solvent          57.27 
_refine_hist.pdbx_number_atoms_protein        662 
_refine_hist.pdbx_number_atoms_nucleic_acid   0 
_refine_hist.pdbx_number_atoms_ligand         1 
_refine_hist.pdbx_number_atoms_lipid          ? 
_refine_hist.pdbx_number_atoms_carb           ? 
_refine_hist.pdbx_pseudo_atom_details         ? 
# 
loop_
_refine_ls_restr.pdbx_refine_id 
_refine_ls_restr.criterion 
_refine_ls_restr.dev_ideal 
_refine_ls_restr.dev_ideal_target 
_refine_ls_restr.number 
_refine_ls_restr.rejects 
_refine_ls_restr.type 
_refine_ls_restr.weight 
_refine_ls_restr.pdbx_restraint_function 
'X-RAY DIFFRACTION' ? 0.010 ? 667 ? f_bond_d           ? ? 
'X-RAY DIFFRACTION' ? 0.972 ? 906 ? f_angle_d          ? ? 
'X-RAY DIFFRACTION' ? 0.056 ? 113 ? f_chiral_restr     ? ? 
'X-RAY DIFFRACTION' ? 0.005 ? 117 ? f_plane_restr      ? ? 
'X-RAY DIFFRACTION' ? 9.427 ? 406 ? f_dihedral_angle_d ? ? 
# 
_refine_ls_shell.pdbx_refine_id                   'X-RAY DIFFRACTION' 
_refine_ls_shell.d_res_high                       2.40 
_refine_ls_shell.d_res_low                        2.49 
_refine_ls_shell.number_reflns_all                ? 
_refine_ls_shell.number_reflns_obs                ? 
_refine_ls_shell.number_reflns_R_free             191 
_refine_ls_shell.number_reflns_R_work             3585 
_refine_ls_shell.percent_reflns_obs               100.0000 
_refine_ls_shell.percent_reflns_R_free            ? 
_refine_ls_shell.R_factor_all                     ? 
_refine_ls_shell.R_factor_obs                     ? 
_refine_ls_shell.R_factor_R_free                  0.2546 
_refine_ls_shell.R_factor_R_free_error            0.0000 
_refine_ls_shell.R_factor_R_work                  0.1971 
_refine_ls_shell.redundancy_reflns_all            ? 
_refine_ls_shell.redundancy_reflns_obs            ? 
_refine_ls_shell.wR_factor_all                    ? 
_refine_ls_shell.wR_factor_obs                    ? 
_refine_ls_shell.wR_factor_R_free                 ? 
_refine_ls_shell.wR_factor_R_work                 ? 
_refine_ls_shell.pdbx_R_complete                  ? 
_refine_ls_shell.pdbx_total_number_of_bins_used   ? 
_refine_ls_shell.pdbx_phase_error                 ? 
_refine_ls_shell.pdbx_fsc_work                    ? 
_refine_ls_shell.pdbx_fsc_free                    ? 
# 
_struct.entry_id                     6WKO 
_struct.title                        'Structure of an influenza C virus hemagglutinin-esterase-fusion (HEF2) intermediate' 
_struct.pdbx_model_details           ? 
_struct.pdbx_formula_weight          ? 
_struct.pdbx_formula_weight_method   ? 
_struct.pdbx_model_type_details      ? 
_struct.pdbx_CASP_flag               N 
# 
_struct_keywords.entry_id        6WKO 
_struct_keywords.text            
'viral fusion, fusion intermediate, influenza C virus, hemagglutinin-esterase-fusion, VIRAL PROTEIN' 
_struct_keywords.pdbx_keywords   'VIRAL PROTEIN' 
# 
loop_
_struct_asym.id 
_struct_asym.pdbx_blank_PDB_chainid_flag 
_struct_asym.pdbx_modified 
_struct_asym.entity_id 
_struct_asym.details 
A N N 1 ? 
B N N 2 ? 
C N N 3 ? 
# 
loop_
_struct_conf.conf_type_id 
_struct_conf.id 
_struct_conf.pdbx_PDB_helix_id 
_struct_conf.beg_label_comp_id 
_struct_conf.beg_label_asym_id 
_struct_conf.beg_label_seq_id 
_struct_conf.pdbx_beg_PDB_ins_code 
_struct_conf.end_label_comp_id 
_struct_conf.end_label_asym_id 
_struct_conf.end_label_seq_id 
_struct_conf.pdbx_end_PDB_ins_code 
_struct_conf.beg_auth_comp_id 
_struct_conf.beg_auth_asym_id 
_struct_conf.beg_auth_seq_id 
_struct_conf.end_auth_comp_id 
_struct_conf.end_auth_asym_id 
_struct_conf.end_auth_seq_id 
_struct_conf.pdbx_PDB_helix_class 
_struct_conf.details 
_struct_conf.pdbx_PDB_helix_length 
HELX_P HELX_P1 AA1 ASN A 5  ? VAL A 59 ? ASN A 496 VAL A 550 1 ? 55 
HELX_P HELX_P2 AA2 SER A 63 ? ALA A 81 ? SER A 554 ALA A 572 1 ? 19 
# 
_struct_conf_type.id          HELX_P 
_struct_conf_type.criteria    ? 
_struct_conf_type.reference   ? 
# 
_atom_sites.entry_id                    6WKO 
_atom_sites.Cartn_transf_matrix[1][1]   ? 
_atom_sites.Cartn_transf_matrix[1][2]   ? 
_atom_sites.Cartn_transf_matrix[1][3]   ? 
_atom_sites.Cartn_transf_matrix[2][1]   ? 
_atom_sites.Cartn_transf_matrix[2][2]   ? 
_atom_sites.Cartn_transf_matrix[2][3]   ? 
_atom_sites.Cartn_transf_matrix[3][1]   ? 
_atom_sites.Cartn_transf_matrix[3][2]   ? 
_atom_sites.Cartn_transf_matrix[3][3]   ? 
_atom_sites.Cartn_transf_vector[1]      ? 
_atom_sites.Cartn_transf_vector[2]      ? 
_atom_sites.Cartn_transf_vector[3]      ? 
_atom_sites.fract_transf_matrix[1][1]   0.00172612 
_atom_sites.fract_transf_matrix[1][2]   0.01339513 
_atom_sites.fract_transf_matrix[1][3]   -0.00729687 
_atom_sites.fract_transf_matrix[2][1]   -0.01515008 
_atom_sites.fract_transf_matrix[2][2]   0.00065124 
_atom_sites.fract_transf_matrix[2][3]   -0.00238834 
_atom_sites.fract_transf_matrix[3][1]   -0.00177449 
_atom_sites.fract_transf_matrix[3][2]   0.00746992 
_atom_sites.fract_transf_matrix[3][3]   0.01329303 
_atom_sites.fract_transf_vector[1]      -0.146530 
_atom_sites.fract_transf_vector[2]      0.325978 
_atom_sites.fract_transf_vector[3]      0.033705 
_atom_sites.solution_primary            ? 
_atom_sites.solution_secondary          ? 
_atom_sites.solution_hydrogens          ? 
_atom_sites.special_details             ? 
# 
loop_
_atom_type.symbol 
C  
CL 
N  
O  
# 
loop_
_atom_site.group_PDB 
_atom_site.id 
_atom_site.type_symbol 
_atom_site.label_atom_id 
_atom_site.label_alt_id 
_atom_site.label_comp_id 
_atom_site.label_asym_id 
_atom_site.label_entity_id 
_atom_site.label_seq_id 
_atom_site.pdbx_PDB_ins_code 
_atom_site.Cartn_x 
_atom_site.Cartn_y 
_atom_site.Cartn_z 
_atom_site.occupancy 
_atom_site.B_iso_or_equiv 
_atom_site.pdbx_formal_charge 
_atom_site.auth_seq_id 
_atom_site.auth_comp_id 
_atom_site.auth_asym_id 
_atom_site.auth_atom_id 
_atom_site.pdbx_PDB_model_num 
ATOM   1   N  N   . ASN A 1 5  ? 19.154  -15.951 47.967  1.00 105.80 ? 496 ASN A N   1 
ATOM   2   C  CA  . ASN A 1 5  ? 17.767  -16.238 48.316  1.00 111.26 ? 496 ASN A CA  1 
ATOM   3   C  C   . ASN A 1 5  ? 16.781  -15.369 47.504  1.00 107.41 ? 496 ASN A C   1 
ATOM   4   O  O   . ASN A 1 5  ? 16.472  -15.671 46.355  1.00 102.50 ? 496 ASN A O   1 
ATOM   5   C  CB  . ASN A 1 5  ? 17.537  -16.029 49.824  1.00 117.04 ? 496 ASN A CB  1 
ATOM   6   C  CG  . ASN A 1 5  ? 17.768  -17.299 50.645  1.00 137.86 ? 496 ASN A CG  1 
ATOM   7   O  OD1 . ASN A 1 5  ? 18.792  -17.971 50.505  1.00 148.51 ? 496 ASN A OD1 1 
ATOM   8   N  ND2 . ASN A 1 5  ? 16.809  -17.634 51.505  1.00 142.28 ? 496 ASN A ND2 1 
ATOM   9   N  N   . ASP A 1 6  ? 16.300  -14.280 48.107  1.00 104.53 ? 497 ASP A N   1 
ATOM   10  C  CA  . ASP A 1 6  ? 15.228  -13.487 47.514  1.00 103.15 ? 497 ASP A CA  1 
ATOM   11  C  C   . ASP A 1 6  ? 15.677  -12.674 46.311  1.00 101.50 ? 497 ASP A C   1 
ATOM   12  O  O   . ASP A 1 6  ? 14.826  -12.145 45.587  1.00 89.63  ? 497 ASP A O   1 
ATOM   13  C  CB  . ASP A 1 6  ? 14.627  -12.545 48.561  1.00 105.77 ? 497 ASP A CB  1 
ATOM   14  N  N   . ILE A 1 7  ? 16.984  -12.535 46.095  1.00 108.48 ? 498 ILE A N   1 
ATOM   15  C  CA  . ILE A 1 7  ? 17.454  -11.874 44.884  1.00 101.19 ? 498 ILE A CA  1 
ATOM   16  C  C   . ILE A 1 7  ? 17.089  -12.705 43.668  1.00 102.99 ? 498 ILE A C   1 
ATOM   17  O  O   . ILE A 1 7  ? 16.610  -12.178 42.658  1.00 88.03  ? 498 ILE A O   1 
ATOM   18  C  CB  . ILE A 1 7  ? 18.971  -11.624 44.972  1.00 103.18 ? 498 ILE A CB  1 
ATOM   19  C  CG1 . ILE A 1 7  ? 19.252  -10.315 45.702  1.00 100.62 ? 498 ILE A CG1 1 
ATOM   20  C  CG2 . ILE A 1 7  ? 19.615  -11.633 43.585  1.00 106.13 ? 498 ILE A CG2 1 
ATOM   21  C  CD1 . ILE A 1 7  ? 18.643  -9.133  45.036  1.00 95.34  ? 498 ILE A CD1 1 
ATOM   22  N  N   . GLN A 1 8  ? 17.265  -14.026 43.763  1.00 112.22 ? 499 GLN A N   1 
ATOM   23  C  CA  . GLN A 1 8  ? 17.071  -14.889 42.608  1.00 109.81 ? 499 GLN A CA  1 
ATOM   24  C  C   . GLN A 1 8  ? 15.597  -15.031 42.244  1.00 106.32 ? 499 GLN A C   1 
ATOM   25  O  O   . GLN A 1 8  ? 15.254  -15.032 41.055  1.00 108.28 ? 499 GLN A O   1 
ATOM   26  C  CB  . GLN A 1 8  ? 17.697  -16.258 42.858  1.00 114.38 ? 499 GLN A CB  1 
ATOM   27  C  CG  . GLN A 1 8  ? 18.003  -16.997 41.576  1.00 118.02 ? 499 GLN A CG  1 
ATOM   28  C  CD  . GLN A 1 8  ? 18.486  -16.062 40.476  1.00 118.89 ? 499 GLN A CD  1 
ATOM   29  O  OE1 . GLN A 1 8  ? 19.576  -15.499 40.561  1.00 121.63 ? 499 GLN A OE1 1 
ATOM   30  N  NE2 . GLN A 1 8  ? 17.665  -15.880 39.442  1.00 116.42 ? 499 GLN A NE2 1 
ATOM   31  N  N   . ILE A 1 9  ? 14.712  -15.153 43.239  1.00 99.45  ? 500 ILE A N   1 
ATOM   32  C  CA  . ILE A 1 9  ? 13.282  -15.171 42.935  1.00 90.67  ? 500 ILE A CA  1 
ATOM   33  C  C   . ILE A 1 9  ? 12.886  -13.880 42.230  1.00 91.37  ? 500 ILE A C   1 
ATOM   34  O  O   . ILE A 1 9  ? 12.066  -13.883 41.298  1.00 86.78  ? 500 ILE A O   1 
ATOM   35  C  CB  . ILE A 1 9  ? 12.454  -15.395 44.217  1.00 82.65  ? 500 ILE A CB  1 
ATOM   36  C  CG1 . ILE A 1 9  ? 12.673  -16.809 44.777  1.00 92.59  ? 500 ILE A CG1 1 
ATOM   37  C  CG2 . ILE A 1 9  ? 10.996  -15.197 43.932  1.00 72.73  ? 500 ILE A CG2 1 
ATOM   38  C  CD1 . ILE A 1 9  ? 13.576  -16.881 45.983  1.00 87.24  ? 500 ILE A CD1 1 
ATOM   39  N  N   . LEU A 1 10 ? 13.481  -12.762 42.640  1.00 91.53  ? 501 LEU A N   1 
ATOM   40  C  CA  . LEU A 1 10 ? 13.158  -11.479 42.038  1.00 85.41  ? 501 LEU A CA  1 
ATOM   41  C  C   . LEU A 1 10 ? 13.649  -11.403 40.599  1.00 84.83  ? 501 LEU A C   1 
ATOM   42  O  O   . LEU A 1 10 ? 12.913  -10.954 39.718  1.00 73.50  ? 501 LEU A O   1 
ATOM   43  C  CB  . LEU A 1 10 ? 13.760  -10.355 42.877  1.00 84.90  ? 501 LEU A CB  1 
ATOM   44  C  CG  . LEU A 1 10 ? 13.591  -8.935  42.362  1.00 75.12  ? 501 LEU A CG  1 
ATOM   45  C  CD1 . LEU A 1 10 ? 12.122  -8.645  42.343  1.00 63.93  ? 501 LEU A CD1 1 
ATOM   46  C  CD2 . LEU A 1 10 ? 14.298  -7.979  43.302  1.00 84.14  ? 501 LEU A CD2 1 
ATOM   47  N  N   . LYS A 1 11 ? 14.878  -11.872 40.353  1.00 81.32  ? 502 LYS A N   1 
ATOM   48  C  CA  . LYS A 1 11 ? 15.450  -11.877 39.008  1.00 72.10  ? 502 LYS A CA  1 
ATOM   49  C  C   . LYS A 1 11 ? 14.570  -12.642 38.021  1.00 73.19  ? 502 LYS A C   1 
ATOM   50  O  O   . LYS A 1 11 ? 14.306  -12.167 36.910  1.00 74.13  ? 502 LYS A O   1 
ATOM   51  C  CB  . LYS A 1 11 ? 16.857  -12.484 39.062  1.00 74.26  ? 502 LYS A CB  1 
ATOM   52  C  CG  . LYS A 1 11 ? 17.760  -12.146 37.870  1.00 78.96  ? 502 LYS A CG  1 
ATOM   53  C  CD  . LYS A 1 11 ? 19.246  -12.326 38.201  1.00 79.49  ? 502 LYS A CD  1 
ATOM   54  C  CE  . LYS A 1 11 ? 19.724  -11.369 39.306  1.00 75.28  ? 502 LYS A CE  1 
ATOM   55  N  NZ  . LYS A 1 11 ? 21.131  -11.658 39.800  1.00 66.03  ? 502 LYS A NZ  1 
ATOM   56  N  N   . SER A 1 12 ? 14.101  -13.827 38.406  1.00 78.40  ? 503 SER A N   1 
ATOM   57  C  CA  . SER A 1 12 ? 13.299  -14.622 37.476  1.00 82.09  ? 503 SER A CA  1 
ATOM   58  C  C   . SER A 1 12 ? 11.968  -13.946 37.183  1.00 77.24  ? 503 SER A C   1 
ATOM   59  O  O   . SER A 1 12 ? 11.501  -13.945 36.035  1.00 77.62  ? 503 SER A O   1 
ATOM   60  C  CB  . SER A 1 12 ? 13.087  -16.023 38.041  1.00 74.02  ? 503 SER A CB  1 
ATOM   61  O  OG  . SER A 1 12 ? 14.254  -16.431 38.728  1.00 73.89  ? 503 SER A OG  1 
ATOM   62  N  N   . SER A 1 13 ? 11.358  -13.350 38.211  1.00 72.38  ? 504 SER A N   1 
ATOM   63  C  CA  . SER A 1 13 ? 10.089  -12.652 38.045  1.00 65.64  ? 504 SER A CA  1 
ATOM   64  C  C   . SER A 1 13 ? 10.238  -11.413 37.151  1.00 65.54  ? 504 SER A C   1 
ATOM   65  O  O   . SER A 1 13 ? 9.344   -11.124 36.344  1.00 61.23  ? 504 SER A O   1 
ATOM   66  C  CB  . SER A 1 13 ? 9.546   -12.292 39.429  1.00 69.29  ? 504 SER A CB  1 
ATOM   67  O  OG  . SER A 1 13 ? 8.343   -11.556 39.351  1.00 79.25  ? 504 SER A OG  1 
ATOM   68  N  N   . ILE A 1 14 ? 11.359  -10.676 37.277  1.00 61.59  ? 505 ILE A N   1 
ATOM   69  C  CA  . ILE A 1 14 ? 11.701  -9.634  36.300  1.00 65.53  ? 505 ILE A CA  1 
ATOM   70  C  C   . ILE A 1 14 ? 11.678  -10.204 34.887  1.00 67.30  ? 505 ILE A C   1 
ATOM   71  O  O   . ILE A 1 14 ? 11.069  -9.634  33.971  1.00 70.31  ? 505 ILE A O   1 
ATOM   72  C  CB  . ILE A 1 14 ? 13.088  -9.018  36.576  1.00 61.61  ? 505 ILE A CB  1 
ATOM   73  C  CG1 . ILE A 1 14 ? 13.337  -8.623  38.036  1.00 58.77  ? 505 ILE A CG1 1 
ATOM   74  C  CG2 . ILE A 1 14 ? 13.313  -7.810  35.635  1.00 55.32  ? 505 ILE A CG2 1 
ATOM   75  C  CD1 . ILE A 1 14 ? 12.303  -7.772  38.646  1.00 63.43  ? 505 ILE A CD1 1 
ATOM   76  N  N   . ASN A 1 15 ? 12.375  -11.323 34.691  1.00 61.69  ? 506 ASN A N   1 
ATOM   77  C  CA  . ASN A 1 15 ? 12.527  -11.885 33.354  1.00 63.58  ? 506 ASN A CA  1 
ATOM   78  C  C   . ASN A 1 15 ? 11.177  -12.229 32.739  1.00 70.17  ? 506 ASN A C   1 
ATOM   79  O  O   . ASN A 1 15 ? 10.948  -11.950 31.557  1.00 64.42  ? 506 ASN A O   1 
ATOM   80  C  CB  . ASN A 1 15 ? 13.435  -13.116 33.394  1.00 55.96  ? 506 ASN A CB  1 
ATOM   81  C  CG  . ASN A 1 15 ? 14.912  -12.749 33.306  1.00 71.08  ? 506 ASN A CG  1 
ATOM   82  O  OD1 . ASN A 1 15 ? 15.274  -11.670 32.834  1.00 69.95  ? 506 ASN A OD1 1 
ATOM   83  N  ND2 . ASN A 1 15 ? 15.771  -13.651 33.764  1.00 81.06  ? 506 ASN A ND2 1 
ATOM   84  N  N   . ILE A 1 16 ? 10.266  -12.826 33.520  1.00 68.43  ? 507 ILE A N   1 
ATOM   85  C  CA  . ILE A 1 16 ? 8.922   -13.085 33.004  1.00 65.39  ? 507 ILE A CA  1 
ATOM   86  C  C   . ILE A 1 16 ? 8.239   -11.773 32.622  1.00 61.66  ? 507 ILE A C   1 
ATOM   87  O  O   . ILE A 1 16 ? 7.669   -11.651 31.533  1.00 66.22  ? 507 ILE A O   1 
ATOM   88  C  CB  . ILE A 1 16 ? 8.080   -13.879 34.024  1.00 68.33  ? 507 ILE A CB  1 
ATOM   89  C  CG1 . ILE A 1 16 ? 8.456   -15.354 34.013  1.00 75.55  ? 507 ILE A CG1 1 
ATOM   90  C  CG2 . ILE A 1 16 ? 6.607   -13.737 33.726  1.00 64.50  ? 507 ILE A CG2 1 
ATOM   91  C  CD1 . ILE A 1 16 ? 8.571   -15.896 32.602  1.00 85.36  ? 507 ILE A CD1 1 
ATOM   92  N  N   . ALA A 1 17 ? 8.300   -10.766 33.500  1.00 53.39  ? 508 ALA A N   1 
ATOM   93  C  CA  . ALA A 1 17 ? 7.618   -9.513  33.217  1.00 46.45  ? 508 ALA A CA  1 
ATOM   94  C  C   . ALA A 1 17 ? 8.149   -8.871  31.942  1.00 52.16  ? 508 ALA A C   1 
ATOM   95  O  O   . ALA A 1 17 ? 7.374   -8.332  31.140  1.00 56.87  ? 508 ALA A O   1 
ATOM   96  C  CB  . ALA A 1 17 ? 7.756   -8.557  34.397  1.00 42.72  ? 508 ALA A CB  1 
ATOM   97  N  N   . ILE A 1 18 ? 9.463   -8.916  31.735  1.00 52.90  ? 509 ILE A N   1 
ATOM   98  C  CA  . ILE A 1 18 ? 10.034  -8.329  30.526  1.00 55.17  ? 509 ILE A CA  1 
ATOM   99  C  C   . ILE A 1 18 ? 9.609   -9.119  29.294  1.00 60.14  ? 509 ILE A C   1 
ATOM   100 O  O   . ILE A 1 18 ? 9.318   -8.546  28.237  1.00 65.26  ? 509 ILE A O   1 
ATOM   101 C  CB  . ILE A 1 18 ? 11.559  -8.272  30.639  1.00 58.29  ? 509 ILE A CB  1 
ATOM   102 C  CG1 . ILE A 1 18 ? 11.961  -7.103  31.531  1.00 52.26  ? 509 ILE A CG1 1 
ATOM   103 C  CG2 . ILE A 1 18 ? 12.189  -8.165  29.222  1.00 61.87  ? 509 ILE A CG2 1 
ATOM   104 C  CD1 . ILE A 1 18 ? 13.358  -7.228  32.021  1.00 52.00  ? 509 ILE A CD1 1 
ATOM   105 N  N   . GLU A 1 19 ? 9.603   -10.445 29.403  1.00 52.99  ? 510 GLU A N   1 
ATOM   106 C  CA  . GLU A 1 19 ? 9.148   -11.281 28.309  1.00 55.72  ? 510 GLU A CA  1 
ATOM   107 C  C   . GLU A 1 19 ? 7.766   -10.848 27.846  1.00 61.37  ? 510 GLU A C   1 
ATOM   108 O  O   . GLU A 1 19 ? 7.561   -10.557 26.664  1.00 66.99  ? 510 GLU A O   1 
ATOM   109 C  CB  . GLU A 1 19 ? 9.151   -12.743 28.749  1.00 60.89  ? 510 GLU A CB  1 
ATOM   110 C  CG  . GLU A 1 19 ? 8.853   -13.709 27.640  1.00 73.11  ? 510 GLU A CG  1 
ATOM   111 C  CD  . GLU A 1 19 ? 9.980   -13.794 26.650  1.00 83.72  ? 510 GLU A CD  1 
ATOM   112 O  OE1 . GLU A 1 19 ? 11.151  -13.656 27.070  1.00 79.21  ? 510 GLU A OE1 1 
ATOM   113 O  OE2 . GLU A 1 19 ? 9.692   -13.997 25.452  1.00 94.26  ? 510 GLU A OE2 1 
ATOM   114 N  N   . LYS A 1 20 ? 6.814   -10.776 28.782  1.00 60.90  ? 511 LYS A N   1 
ATOM   115 C  CA  . LYS A 1 20 ? 5.463   -10.327 28.461  1.00 58.20  ? 511 LYS A CA  1 
ATOM   116 C  C   . LYS A 1 20 ? 5.488   -9.009  27.710  1.00 52.33  ? 511 LYS A C   1 
ATOM   117 O  O   . LYS A 1 20 ? 4.722   -8.815  26.755  1.00 54.22  ? 511 LYS A O   1 
ATOM   118 C  CB  . LYS A 1 20 ? 4.646   -10.174 29.741  1.00 59.63  ? 511 LYS A CB  1 
ATOM   119 C  CG  . LYS A 1 20 ? 4.174   -11.471 30.321  1.00 61.19  ? 511 LYS A CG  1 
ATOM   120 C  CD  . LYS A 1 20 ? 3.296   -11.206 31.494  1.00 59.89  ? 511 LYS A CD  1 
ATOM   121 C  CE  . LYS A 1 20 ? 2.685   -12.464 31.994  1.00 70.36  ? 511 LYS A CE  1 
ATOM   122 N  NZ  . LYS A 1 20 ? 2.042   -12.180 33.302  1.00 83.56  ? 511 LYS A NZ  1 
ATOM   123 N  N   . LEU A 1 21 ? 6.367   -8.090  28.128  1.00 45.25  ? 512 LEU A N   1 
ATOM   124 C  CA  . LEU A 1 21 ? 6.440   -6.784  27.484  1.00 46.29  ? 512 LEU A CA  1 
ATOM   125 C  C   . LEU A 1 21 ? 6.924   -6.918  26.050  1.00 55.97  ? 512 LEU A C   1 
ATOM   126 O  O   . LEU A 1 21 ? 6.314   -6.373  25.116  1.00 54.78  ? 512 LEU A O   1 
ATOM   127 C  CB  . LEU A 1 21 ? 7.368   -5.854  28.260  1.00 45.90  ? 512 LEU A CB  1 
ATOM   128 C  CG  . LEU A 1 21 ? 6.868   -5.251  29.560  1.00 51.78  ? 512 LEU A CG  1 
ATOM   129 C  CD1 . LEU A 1 21 ? 8.039   -4.581  30.222  1.00 48.78  ? 512 LEU A CD1 1 
ATOM   130 C  CD2 . LEU A 1 21 ? 5.733   -4.249  29.302  1.00 44.79  ? 512 LEU A CD2 1 
ATOM   131 N  N   . ASN A 1 22 ? 8.032   -7.641  25.866  1.00 58.51  ? 513 ASN A N   1 
ATOM   132 C  CA  . ASN A 1 22 ? 8.523   -7.889  24.526  1.00 53.96  ? 513 ASN A CA  1 
ATOM   133 C  C   . ASN A 1 22 ? 7.469   -8.569  23.674  1.00 49.92  ? 513 ASN A C   1 
ATOM   134 O  O   . ASN A 1 22 ? 7.368   -8.259  22.483  1.00 48.89  ? 513 ASN A O   1 
ATOM   135 C  CB  . ASN A 1 22 ? 9.807   -8.704  24.581  1.00 50.34  ? 513 ASN A CB  1 
ATOM   136 C  CG  . ASN A 1 22 ? 11.033  -7.836  24.833  1.00 55.05  ? 513 ASN A CG  1 
ATOM   137 O  OD1 . ASN A 1 22 ? 11.201  -6.777  24.221  1.00 59.21  ? 513 ASN A OD1 1 
ATOM   138 N  ND2 . ASN A 1 22 ? 11.898  -8.281  25.734  1.00 55.85  ? 513 ASN A ND2 1 
ATOM   139 N  N   . ASP A 1 23 ? 6.639   -9.443  24.276  1.00 51.24  ? 514 ASP A N   1 
ATOM   140 C  CA  . ASP A 1 23 ? 5.505   -10.037 23.558  1.00 53.03  ? 514 ASP A CA  1 
ATOM   141 C  C   . ASP A 1 23 ? 4.572   -8.949  23.043  1.00 60.85  ? 514 ASP A C   1 
ATOM   142 O  O   . ASP A 1 23 ? 4.192   -8.933  21.865  1.00 64.74  ? 514 ASP A O   1 
ATOM   143 C  CB  . ASP A 1 23 ? 4.713   -10.982 24.466  1.00 64.13  ? 514 ASP A CB  1 
ATOM   144 C  CG  . ASP A 1 23 ? 5.423   -12.315 24.757  1.00 74.46  ? 514 ASP A CG  1 
ATOM   145 O  OD1 . ASP A 1 23 ? 6.413   -12.681 24.081  1.00 73.33  ? 514 ASP A OD1 1 
ATOM   146 O  OD2 . ASP A 1 23 ? 4.946   -13.018 25.683  1.00 77.82  ? 514 ASP A OD2 1 
ATOM   147 N  N   . ARG A 1 24 ? 4.220   -8.005  23.919  1.00 63.11  ? 515 ARG A N   1 
ATOM   148 C  CA  . ARG A 1 24 ? 3.333   -6.914  23.536  1.00 61.15  ? 515 ARG A CA  1 
ATOM   149 C  C   . ARG A 1 24 ? 3.923   -6.093  22.404  1.00 60.36  ? 515 ARG A C   1 
ATOM   150 O  O   . ARG A 1 24 ? 3.239   -5.795  21.415  1.00 62.54  ? 515 ARG A O   1 
ATOM   151 C  CB  . ARG A 1 24 ? 3.064   -6.022  24.733  1.00 59.09  ? 515 ARG A CB  1 
ATOM   152 C  CG  . ARG A 1 24 ? 2.010   -6.531  25.668  1.00 53.19  ? 515 ARG A CG  1 
ATOM   153 C  CD  . ARG A 1 24 ? 1.524   -5.355  26.504  1.00 51.37  ? 515 ARG A CD  1 
ATOM   154 N  NE  . ARG A 1 24 ? 0.466   -4.579  25.839  1.00 50.96  ? 515 ARG A NE  1 
ATOM   155 C  CZ  . ARG A 1 24 ? 0.056   -3.397  26.286  1.00 57.48  ? 515 ARG A CZ  1 
ATOM   156 N  NH1 . ARG A 1 24 ? 0.631   -2.896  27.373  1.00 61.27  ? 515 ARG A NH1 1 
ATOM   157 N  NH2 . ARG A 1 24 ? -0.914  -2.712  25.671  1.00 55.54  ? 515 ARG A NH2 1 
ATOM   158 N  N   . ILE A 1 25 ? 5.190   -5.701  22.544  1.00 53.36  ? 516 ILE A N   1 
ATOM   159 C  CA  . ILE A 1 25 ? 5.847   -4.888  21.514  1.00 56.32  ? 516 ILE A CA  1 
ATOM   160 C  C   . ILE A 1 25 ? 5.885   -5.634  20.186  1.00 60.52  ? 516 ILE A C   1 
ATOM   161 O  O   . ILE A 1 25 ? 5.495   -5.100  19.135  1.00 62.85  ? 516 ILE A O   1 
ATOM   162 C  CB  . ILE A 1 25 ? 7.260   -4.482  21.974  1.00 56.67  ? 516 ILE A CB  1 
ATOM   163 C  CG1 . ILE A 1 25 ? 7.174   -3.829  23.352  1.00 56.93  ? 516 ILE A CG1 1 
ATOM   164 C  CG2 . ILE A 1 25 ? 7.971   -3.575  20.937  1.00 53.63  ? 516 ILE A CG2 1 
ATOM   165 C  CD1 . ILE A 1 25 ? 8.520   -3.579  23.957  1.00 61.90  ? 516 ILE A CD1 1 
ATOM   166 N  N   . SER A 1 26 ? 6.334   -6.891  20.216  1.00 55.41  ? 517 SER A N   1 
ATOM   167 C  CA  . SER A 1 26 ? 6.395   -7.660  18.978  1.00 61.52  ? 517 SER A CA  1 
ATOM   168 C  C   . SER A 1 26 ? 5.027   -7.735  18.326  1.00 57.20  ? 517 SER A C   1 
ATOM   169 O  O   . SER A 1 26 ? 4.905   -7.676  17.099  1.00 61.74  ? 517 SER A O   1 
ATOM   170 C  CB  . SER A 1 26 ? 6.948   -9.063  19.247  1.00 60.69  ? 517 SER A CB  1 
ATOM   171 O  OG  . SER A 1 26 ? 8.256   -8.994  19.813  1.00 59.05  ? 517 SER A OG  1 
ATOM   172 N  N   . HIS A 1 27 ? 3.984   -7.870  19.137  1.00 73.14  ? 518 HIS A N   1 
ATOM   173 C  CA  . HIS A 1 27 ? 2.632   -7.909  18.596  1.00 72.21  ? 518 HIS A CA  1 
ATOM   174 C  C   . HIS A 1 27 ? 2.242   -6.565  17.981  1.00 68.27  ? 518 HIS A C   1 
ATOM   175 O  O   . HIS A 1 27 ? 1.479   -6.536  17.009  1.00 65.92  ? 518 HIS A O   1 
ATOM   176 C  CB  . HIS A 1 27 ? 1.666   -8.333  19.705  1.00 70.27  ? 518 HIS A CB  1 
ATOM   177 C  CG  . HIS A 1 27 ? 0.235   -8.422  19.279  1.00 75.05  ? 518 HIS A CG  1 
ATOM   178 N  ND1 . HIS A 1 27 ? -0.545  -7.310  19.050  1.00 72.27  ? 518 HIS A ND1 1 
ATOM   179 C  CD2 . HIS A 1 27 ? -0.571  -9.494  19.096  1.00 79.90  ? 518 HIS A CD2 1 
ATOM   180 C  CE1 . HIS A 1 27 ? -1.765  -7.693  18.723  1.00 79.44  ? 518 HIS A CE1 1 
ATOM   181 N  NE2 . HIS A 1 27 ? -1.807  -9.012  18.739  1.00 84.65  ? 518 HIS A NE2 1 
ATOM   182 N  N   . ASP A 1 28 ? 2.776   -5.447  18.507  1.00 57.48  ? 519 ASP A N   1 
ATOM   183 C  CA  . ASP A 1 28 ? 2.541   -4.163  17.851  1.00 57.34  ? 519 ASP A CA  1 
ATOM   184 C  C   . ASP A 1 28 ? 3.337   -4.061  16.556  1.00 59.43  ? 519 ASP A C   1 
ATOM   185 O  O   . ASP A 1 28 ? 2.824   -3.557  15.547  1.00 62.56  ? 519 ASP A O   1 
ATOM   186 C  CB  . ASP A 1 28 ? 2.898   -2.996  18.775  1.00 59.60  ? 519 ASP A CB  1 
ATOM   187 C  CG  . ASP A 1 28 ? 2.143   -3.022  20.099  1.00 63.42  ? 519 ASP A CG  1 
ATOM   188 O  OD1 . ASP A 1 28 ? 1.293   -3.915  20.320  1.00 62.47  ? 519 ASP A OD1 1 
ATOM   189 O  OD2 . ASP A 1 28 ? 2.415   -2.126  20.930  1.00 66.38  ? 519 ASP A OD2 1 
ATOM   190 N  N   . GLU A 1 29 ? 4.590   -4.543  16.558  1.00 61.97  ? 520 GLU A N   1 
ATOM   191 C  CA  . GLU A 1 29 ? 5.404   -4.473  15.343  1.00 72.20  ? 520 GLU A CA  1 
ATOM   192 C  C   . GLU A 1 29 ? 4.773   -5.239  14.189  1.00 64.53  ? 520 GLU A C   1 
ATOM   193 O  O   . GLU A 1 29 ? 4.844   -4.795  13.043  1.00 67.73  ? 520 GLU A O   1 
ATOM   194 C  CB  . GLU A 1 29 ? 6.831   -4.966  15.602  1.00 59.73  ? 520 GLU A CB  1 
ATOM   195 C  CG  . GLU A 1 29 ? 7.571   -4.035  16.511  1.00 60.60  ? 520 GLU A CG  1 
ATOM   196 C  CD  . GLU A 1 29 ? 8.894   -4.573  17.005  1.00 63.93  ? 520 GLU A CD  1 
ATOM   197 O  OE1 . GLU A 1 29 ? 9.245   -5.722  16.674  1.00 67.40  ? 520 GLU A OE1 1 
ATOM   198 O  OE2 . GLU A 1 29 ? 9.569   -3.856  17.776  1.00 69.93  ? 520 GLU A OE2 1 
ATOM   199 N  N   . GLN A 1 30 ? 4.151   -6.386  14.460  1.00 65.82  ? 521 GLN A N   1 
ATOM   200 C  CA  . GLN A 1 30 ? 3.528   -7.131  13.364  1.00 78.89  ? 521 GLN A CA  1 
ATOM   201 C  C   . GLN A 1 30 ? 2.285   -6.411  12.847  1.00 77.56  ? 521 GLN A C   1 
ATOM   202 O  O   . GLN A 1 30 ? 2.004   -6.424  11.642  1.00 80.93  ? 521 GLN A O   1 
ATOM   203 C  CB  . GLN A 1 30 ? 3.195   -8.551  13.809  1.00 81.66  ? 521 GLN A CB  1 
ATOM   204 C  CG  . GLN A 1 30 ? 2.433   -9.372  12.768  1.00 89.89  ? 521 GLN A CG  1 
ATOM   205 C  CD  . GLN A 1 30 ? 3.149   -9.479  11.434  1.00 96.31  ? 521 GLN A CD  1 
ATOM   206 O  OE1 . GLN A 1 30 ? 4.366   -9.624  11.374  1.00 107.70 ? 521 GLN A OE1 1 
ATOM   207 N  NE2 . GLN A 1 30 ? 2.390   -9.416  10.353  1.00 91.98  ? 521 GLN A NE2 1 
ATOM   208 N  N   . ALA A 1 31 ? 1.548   -5.744  13.736  1.00 69.39  ? 522 ALA A N   1 
ATOM   209 C  CA  . ALA A 1 31 ? 0.426   -4.923  13.296  1.00 70.45  ? 522 ALA A CA  1 
ATOM   210 C  C   . ALA A 1 31 ? 0.895   -3.682  12.544  1.00 74.13  ? 522 ALA A C   1 
ATOM   211 O  O   . ALA A 1 31 ? 0.209   -3.211  11.631  1.00 70.92  ? 522 ALA A O   1 
ATOM   212 C  CB  . ALA A 1 31 ? -0.422  -4.510  14.488  1.00 67.82  ? 522 ALA A CB  1 
ATOM   213 N  N   . ILE A 1 32 ? 2.034   -3.106  12.935  1.00 76.98  ? 523 ILE A N   1 
ATOM   214 C  CA  . ILE A 1 32 ? 2.546   -1.966  12.173  1.00 69.29  ? 523 ILE A CA  1 
ATOM   215 C  C   . ILE A 1 32 ? 2.972   -2.436  10.797  1.00 79.41  ? 523 ILE A C   1 
ATOM   216 O  O   . ILE A 1 32 ? 2.929   -1.673  9.831   1.00 85.38  ? 523 ILE A O   1 
ATOM   217 C  CB  . ILE A 1 32 ? 3.699   -1.273  12.931  1.00 63.21  ? 523 ILE A CB  1 
ATOM   218 C  CG1 . ILE A 1 32 ? 3.168   -0.520  14.145  1.00 61.40  ? 523 ILE A CG1 1 
ATOM   219 C  CG2 . ILE A 1 32 ? 4.441   -0.293  12.064  1.00 55.99  ? 523 ILE A CG2 1 
ATOM   220 C  CD1 . ILE A 1 32 ? 4.267   -0.042  15.090  1.00 61.66  ? 523 ILE A CD1 1 
ATOM   221 N  N   . ARG A 1 33 ? 3.326   -3.716  10.681  1.00 80.22  ? 524 ARG A N   1 
ATOM   222 C  CA  . ARG A 1 33 ? 3.730   -4.308  9.420   1.00 72.73  ? 524 ARG A CA  1 
ATOM   223 C  C   . ARG A 1 33 ? 2.524   -4.642  8.543   1.00 79.64  ? 524 ARG A C   1 
ATOM   224 O  O   . ARG A 1 33 ? 2.611   -4.588  7.307   1.00 75.85  ? 524 ARG A O   1 
ATOM   225 C  CB  . ARG A 1 33 ? 4.576   -5.558  9.698   1.00 73.21  ? 524 ARG A CB  1 
ATOM   226 C  CG  . ARG A 1 33 ? 6.051   -5.331  9.419   1.00 73.89  ? 524 ARG A CG  1 
ATOM   227 C  CD  . ARG A 1 33 ? 6.963   -6.518  9.734   1.00 81.01  ? 524 ARG A CD  1 
ATOM   228 N  NE  . ARG A 1 33 ? 6.655   -7.183  10.991  1.00 86.51  ? 524 ARG A NE  1 
ATOM   229 C  CZ  . ARG A 1 33 ? 7.336   -6.978  12.117  1.00 97.56  ? 524 ARG A CZ  1 
ATOM   230 N  NH1 . ARG A 1 33 ? 8.327   -6.092  12.144  1.00 92.52  ? 524 ARG A NH1 1 
ATOM   231 N  NH2 . ARG A 1 33 ? 7.006   -7.628  13.227  1.00 106.94 ? 524 ARG A NH2 1 
ATOM   232 N  N   . ASP A 1 34 ? 1.402   -5.020  9.157   1.00 82.90  ? 525 ASP A N   1 
ATOM   233 C  CA  . ASP A 1 34 ? 0.185   -5.255  8.385   1.00 77.47  ? 525 ASP A CA  1 
ATOM   234 C  C   . ASP A 1 34 ? -0.347  -3.944  7.826   1.00 70.47  ? 525 ASP A C   1 
ATOM   235 O  O   . ASP A 1 34 ? -0.614  -3.832  6.624   1.00 76.02  ? 525 ASP A O   1 
ATOM   236 C  CB  . ASP A 1 34 ? -0.868  -5.957  9.252   1.00 67.36  ? 525 ASP A CB  1 
ATOM   237 C  CG  . ASP A 1 34 ? -0.438  -7.352  9.672   1.00 78.20  ? 525 ASP A CG  1 
ATOM   238 O  OD1 . ASP A 1 34 ? 0.319   -7.982  8.900   1.00 80.00  ? 525 ASP A OD1 1 
ATOM   239 O  OD2 . ASP A 1 34 ? -0.849  -7.815  10.767  1.00 71.72  ? 525 ASP A OD2 1 
ATOM   240 N  N   . LEU A 1 35 ? -0.471  -2.931  8.678   1.00 51.28  ? 526 LEU A N   1 
ATOM   241 C  CA  . LEU A 1 35 ? -0.915  -1.612  8.234   1.00 63.71  ? 526 LEU A CA  1 
ATOM   242 C  C   . LEU A 1 35 ? -0.097  -1.099  7.057   1.00 68.34  ? 526 LEU A C   1 
ATOM   243 O  O   . LEU A 1 35 ? -0.655  -0.608  6.074   1.00 82.78  ? 526 LEU A O   1 
ATOM   244 C  CB  . LEU A 1 35 ? -0.845  -0.617  9.388   1.00 67.52  ? 526 LEU A CB  1 
ATOM   245 C  CG  . LEU A 1 35 ? -1.835  -0.858  10.512  1.00 74.82  ? 526 LEU A CG  1 
ATOM   246 C  CD1 . LEU A 1 35 ? -2.049  0.425   11.266  1.00 79.68  ? 526 LEU A CD1 1 
ATOM   247 C  CD2 . LEU A 1 35 ? -3.134  -1.387  9.966   1.00 78.65  ? 526 LEU A CD2 1 
ATOM   248 N  N   . THR A 1 36 ? 1.231   -1.173  7.144   1.00 59.62  ? 527 THR A N   1 
ATOM   249 C  CA  . THR A 1 36 ? 2.031   -0.707  6.019   1.00 65.83  ? 527 THR A CA  1 
ATOM   250 C  C   . THR A 1 36 ? 1.741   -1.537  4.766   1.00 66.36  ? 527 THR A C   1 
ATOM   251 O  O   . THR A 1 36 ? 1.798   -1.018  3.647   1.00 68.06  ? 527 THR A O   1 
ATOM   252 C  CB  . THR A 1 36 ? 3.523   -0.706  6.392   1.00 57.13  ? 527 THR A CB  1 
ATOM   253 O  OG1 . THR A 1 36 ? 4.349   -0.559  5.224   1.00 66.63  ? 527 THR A OG1 1 
ATOM   254 C  CG2 . THR A 1 36 ? 3.867   -1.925  6.976   1.00 53.70  ? 527 THR A CG2 1 
ATOM   255 N  N   . LEU A 1 37 ? 1.360   -2.799  4.935   1.00 60.08  ? 528 LEU A N   1 
ATOM   256 C  CA  . LEU A 1 37 ? 0.842   -3.557  3.806   1.00 68.66  ? 528 LEU A CA  1 
ATOM   257 C  C   . LEU A 1 37 ? -0.519  -3.017  3.368   1.00 72.16  ? 528 LEU A C   1 
ATOM   258 O  O   . LEU A 1 37 ? -0.769  -2.841  2.169   1.00 70.82  ? 528 LEU A O   1 
ATOM   259 C  CB  . LEU A 1 37 ? 0.752   -5.026  4.186   1.00 78.32  ? 528 LEU A CB  1 
ATOM   260 C  CG  . LEU A 1 37 ? 0.395   -6.046  3.119   1.00 94.62  ? 528 LEU A CG  1 
ATOM   261 C  CD1 . LEU A 1 37 ? 1.468   -7.099  3.122   1.00 91.97  ? 528 LEU A CD1 1 
ATOM   262 C  CD2 . LEU A 1 37 ? -0.958  -6.660  3.421   1.00 105.91 ? 528 LEU A CD2 1 
ATOM   263 N  N   . GLU A 1 38 ? -1.394  -2.703  4.328   1.00 61.66  ? 529 GLU A N   1 
ATOM   264 C  CA  . GLU A 1 38 ? -2.716  -2.206  3.979   1.00 65.49  ? 529 GLU A CA  1 
ATOM   265 C  C   . GLU A 1 38 ? -2.627  -0.872  3.237   1.00 64.13  ? 529 GLU A C   1 
ATOM   266 O  O   . GLU A 1 38 ? -3.410  -0.619  2.316   1.00 66.90  ? 529 GLU A O   1 
ATOM   267 C  CB  . GLU A 1 38 ? -3.579  -2.095  5.239   1.00 55.99  ? 529 GLU A CB  1 
ATOM   268 N  N   . ILE A 1 39 ? -1.651  -0.028  3.593   1.00 58.54  ? 530 ILE A N   1 
ATOM   269 C  CA  . ILE A 1 39 ? -1.494  1.276   2.948   1.00 61.72  ? 530 ILE A CA  1 
ATOM   270 C  C   . ILE A 1 39 ? -1.059  1.096   1.503   1.00 61.94  ? 530 ILE A C   1 
ATOM   271 O  O   . ILE A 1 39 ? -1.604  1.721   0.584   1.00 57.59  ? 530 ILE A O   1 
ATOM   272 C  CB  . ILE A 1 39 ? -0.484  2.149   3.715   1.00 62.79  ? 530 ILE A CB  1 
ATOM   273 C  CG1 . ILE A 1 39 ? -1.003  2.538   5.084   1.00 66.28  ? 530 ILE A CG1 1 
ATOM   274 C  CG2 . ILE A 1 39 ? -0.198  3.413   2.956   1.00 73.28  ? 530 ILE A CG2 1 
ATOM   275 C  CD1 . ILE A 1 39 ? 0.085   3.071   5.990   1.00 75.76  ? 530 ILE A CD1 1 
ATOM   276 N  N   . GLU A 1 40 ? -0.049  0.257   1.287   1.00 62.13  ? 531 GLU A N   1 
ATOM   277 C  CA  . GLU A 1 40 ? 0.363   -0.063  -0.070  1.00 65.64  ? 531 GLU A CA  1 
ATOM   278 C  C   . GLU A 1 40 ? -0.835  -0.511  -0.893  1.00 61.27  ? 531 GLU A C   1 
ATOM   279 O  O   . GLU A 1 40 ? -1.048  -0.025  -2.010  1.00 57.49  ? 531 GLU A O   1 
ATOM   280 C  CB  . GLU A 1 40 ? 1.462   -1.135  -0.039  1.00 76.74  ? 531 GLU A CB  1 
ATOM   281 C  CG  . GLU A 1 40 ? 1.857   -1.722  -1.409  1.00 90.97  ? 531 GLU A CG  1 
ATOM   282 C  CD  . GLU A 1 40 ? 3.080   -2.638  -1.343  1.00 99.03  ? 531 GLU A CD  1 
ATOM   283 O  OE1 . GLU A 1 40 ? 2.925   -3.884  -1.417  1.00 101.60 ? 531 GLU A OE1 1 
ATOM   284 O  OE2 . GLU A 1 40 ? 4.201   -2.108  -1.220  1.00 101.87 ? 531 GLU A OE2 1 
ATOM   285 N  N   . ASN A 1 41 ? -1.669  -1.385  -0.318  1.00 58.57  ? 532 ASN A N   1 
ATOM   286 C  CA  . ASN A 1 41 ? -2.799  -1.940  -1.056  1.00 69.39  ? 532 ASN A CA  1 
ATOM   287 C  C   . ASN A 1 41 ? -3.836  -0.871  -1.371  1.00 60.45  ? 532 ASN A C   1 
ATOM   288 O  O   . ASN A 1 41 ? -4.338  -0.813  -2.497  1.00 70.69  ? 532 ASN A O   1 
ATOM   289 C  CB  . ASN A 1 41 ? -3.432  -3.094  -0.271  1.00 80.81  ? 532 ASN A CB  1 
ATOM   290 C  CG  . ASN A 1 41 ? -2.617  -4.371  -0.355  1.00 84.60  ? 532 ASN A CG  1 
ATOM   291 O  OD1 . ASN A 1 41 ? -2.168  -4.760  -1.432  1.00 91.58  ? 532 ASN A OD1 1 
ATOM   292 N  ND2 . ASN A 1 41 ? -2.421  -5.031  0.784   1.00 81.75  ? 532 ASN A ND2 1 
ATOM   293 N  N   . ALA A 1 42 ? -4.176  -0.030  -0.390  1.00 52.57  ? 533 ALA A N   1 
ATOM   294 C  CA  . ALA A 1 42 ? -5.043  1.115   -0.651  1.00 53.92  ? 533 ALA A CA  1 
ATOM   295 C  C   . ALA A 1 42 ? -4.509  1.948   -1.810  1.00 54.61  ? 533 ALA A C   1 
ATOM   296 O  O   . ALA A 1 42 ? -5.247  2.267   -2.754  1.00 50.95  ? 533 ALA A O   1 
ATOM   297 C  CB  . ALA A 1 42 ? -5.190  1.978   0.606   1.00 42.70  ? 533 ALA A CB  1 
ATOM   298 N  N   . ARG A 1 43 ? -3.210  2.270   -1.783  1.00 52.33  ? 534 ARG A N   1 
ATOM   299 C  CA  . ARG A 1 43 ? -2.623  3.015   -2.893  1.00 51.44  ? 534 ARG A CA  1 
ATOM   300 C  C   . ARG A 1 43 ? -2.782  2.253   -4.208  1.00 64.30  ? 534 ARG A C   1 
ATOM   301 O  O   . ARG A 1 43 ? -3.217  2.819   -5.222  1.00 68.33  ? 534 ARG A O   1 
ATOM   302 C  CB  . ARG A 1 43 ? -1.152  3.323   -2.622  1.00 61.67  ? 534 ARG A CB  1 
ATOM   303 C  CG  . ARG A 1 43 ? -0.902  4.175   -1.409  1.00 69.69  ? 534 ARG A CG  1 
ATOM   304 C  CD  . ARG A 1 43 ? 0.051   5.338   -1.743  1.00 78.35  ? 534 ARG A CD  1 
ATOM   305 N  NE  . ARG A 1 43 ? 1.439   4.956   -1.540  1.00 71.65  ? 534 ARG A NE  1 
ATOM   306 C  CZ  . ARG A 1 43 ? 2.364   4.970   -2.490  1.00 81.39  ? 534 ARG A CZ  1 
ATOM   307 N  NH1 . ARG A 1 43 ? 3.604   4.583   -2.212  1.00 91.37  ? 534 ARG A NH1 1 
ATOM   308 N  NH2 . ARG A 1 43 ? 2.061   5.383   -3.717  1.00 86.14  ? 534 ARG A NH2 1 
ATOM   309 N  N   . SER A 1 44 ? -2.461  0.956   -4.203  1.00 59.91  ? 535 SER A N   1 
ATOM   310 C  CA  . SER A 1 44 ? -2.579  0.174   -5.429  1.00 67.47  ? 535 SER A CA  1 
ATOM   311 C  C   . SER A 1 44 ? -4.003  0.211   -5.976  1.00 62.66  ? 535 SER A C   1 
ATOM   312 O  O   . SER A 1 44 ? -4.195  0.378   -7.180  1.00 65.84  ? 535 SER A O   1 
ATOM   313 C  CB  . SER A 1 44 ? -2.136  -1.263  -5.186  1.00 78.35  ? 535 SER A CB  1 
ATOM   314 O  OG  . SER A 1 44 ? -2.871  -2.153  -6.019  1.00 90.79  ? 535 SER A OG  1 
ATOM   315 N  N   . GLU A 1 45 ? -5.010  0.078   -5.103  1.00 57.04  ? 536 GLU A N   1 
ATOM   316 C  CA  . GLU A 1 45 ? -6.407  0.124   -5.536  1.00 60.59  ? 536 GLU A CA  1 
ATOM   317 C  C   . GLU A 1 45 ? -6.745  1.470   -6.150  1.00 61.94  ? 536 GLU A C   1 
ATOM   318 O  O   . GLU A 1 45 ? -7.365  1.541   -7.215  1.00 53.14  ? 536 GLU A O   1 
ATOM   319 C  CB  . GLU A 1 45 ? -7.357  -0.137  -4.368  1.00 55.19  ? 536 GLU A CB  1 
ATOM   320 C  CG  . GLU A 1 45 ? -7.294  -1.544  -3.787  1.00 69.87  ? 536 GLU A CG  1 
ATOM   321 C  CD  . GLU A 1 45 ? -7.991  -1.632  -2.451  1.00 82.46  ? 536 GLU A CD  1 
ATOM   322 O  OE1 . GLU A 1 45 ? -9.069  -1.006  -2.304  1.00 78.56  ? 536 GLU A OE1 1 
ATOM   323 O  OE2 . GLU A 1 45 ? -7.452  -2.318  -1.550  1.00 92.15  ? 536 GLU A OE2 1 
ATOM   324 N  N   . ALA A 1 46 ? -6.379  2.557   -5.475  1.00 52.89  ? 537 ALA A N   1 
ATOM   325 C  CA  . ALA A 1 46 ? -6.753  3.839   -6.034  1.00 48.25  ? 537 ALA A CA  1 
ATOM   326 C  C   . ALA A 1 46 ? -6.068  4.022   -7.364  1.00 54.21  ? 537 ALA A C   1 
ATOM   327 O  O   . ALA A 1 46 ? -6.654  4.563   -8.305  1.00 54.00  ? 537 ALA A O   1 
ATOM   328 C  CB  . ALA A 1 46 ? -6.386  4.965   -5.085  1.00 43.61  ? 537 ALA A CB  1 
ATOM   329 N  N   . LEU A 1 47 ? -4.820  3.563   -7.442  1.00 52.73  ? 538 LEU A N   1 
ATOM   330 C  CA  . LEU A 1 47 ? -4.039  3.673   -8.658  1.00 53.59  ? 538 LEU A CA  1 
ATOM   331 C  C   . LEU A 1 47 ? -4.715  2.931   -9.794  1.00 58.33  ? 538 LEU A C   1 
ATOM   332 O  O   . LEU A 1 47 ? -4.919  3.484   -10.880 1.00 56.52  ? 538 LEU A O   1 
ATOM   333 C  CB  . LEU A 1 47 ? -2.645  3.121   -8.393  1.00 58.64  ? 538 LEU A CB  1 
ATOM   334 C  CG  . LEU A 1 47 ? -1.651  3.444   -9.481  1.00 65.38  ? 538 LEU A CG  1 
ATOM   335 C  CD1 . LEU A 1 47 ? -1.804  4.892   -9.859  1.00 69.13  ? 538 LEU A CD1 1 
ATOM   336 C  CD2 . LEU A 1 47 ? -0.318  3.197   -8.899  1.00 65.29  ? 538 LEU A CD2 1 
ATOM   337 N  N   . LEU A 1 48 ? -5.135  1.689   -9.536  1.00 54.65  ? 539 LEU A N   1 
ATOM   338 C  CA  . LEU A 1 48 ? -5.792  0.905   -10.579 1.00 49.69  ? 539 LEU A CA  1 
ATOM   339 C  C   . LEU A 1 48 ? -7.166  1.467   -10.912 1.00 50.87  ? 539 LEU A C   1 
ATOM   340 O  O   . LEU A 1 48 ? -7.599  1.419   -12.067 1.00 57.59  ? 539 LEU A O   1 
ATOM   341 C  CB  . LEU A 1 48 ? -5.907  -0.554  -10.150 1.00 48.34  ? 539 LEU A CB  1 
ATOM   342 C  CG  . LEU A 1 48 ? -4.599  -1.324  -10.062 1.00 57.39  ? 539 LEU A CG  1 
ATOM   343 C  CD1 . LEU A 1 48 ? -4.784  -2.653  -9.275  1.00 59.34  ? 539 LEU A CD1 1 
ATOM   344 C  CD2 . LEU A 1 48 ? -4.030  -1.550  -11.468 1.00 59.74  ? 539 LEU A CD2 1 
ATOM   345 N  N   . GLY A 1 49 ? -7.865  2.000   -9.910  1.00 57.99  ? 540 GLY A N   1 
ATOM   346 C  CA  . GLY A 1 49 ? -9.190  2.546   -10.154 1.00 48.28  ? 540 GLY A CA  1 
ATOM   347 C  C   . GLY A 1 49 ? -9.122  3.759   -11.052 1.00 50.88  ? 540 GLY A C   1 
ATOM   348 O  O   . GLY A 1 49 ? -9.973  3.955   -11.927 1.00 54.38  ? 540 GLY A O   1 
ATOM   349 N  N   . GLU A 1 50 ? -8.092  4.575   -10.859 1.00 50.24  ? 541 GLU A N   1 
ATOM   350 C  CA  . GLU A 1 50 ? -8.000  5.822   -11.594 1.00 51.34  ? 541 GLU A CA  1 
ATOM   351 C  C   . GLU A 1 50 ? -7.480  5.574   -13.000 1.00 50.92  ? 541 GLU A C   1 
ATOM   352 O  O   . GLU A 1 50 ? -8.018  6.131   -13.965 1.00 47.91  ? 541 GLU A O   1 
ATOM   353 C  CB  . GLU A 1 50 ? -7.139  6.803   -10.815 1.00 50.92  ? 541 GLU A CB  1 
ATOM   354 C  CG  . GLU A 1 50 ? -7.724  7.163   -9.453  1.00 59.19  ? 541 GLU A CG  1 
ATOM   355 C  CD  . GLU A 1 50 ? -6.667  7.628   -8.457  1.00 55.40  ? 541 GLU A CD  1 
ATOM   356 O  OE1 . GLU A 1 50 ? -5.602  8.069   -8.909  1.00 57.99  ? 541 GLU A OE1 1 
ATOM   357 O  OE2 . GLU A 1 50 ? -6.899  7.551   -7.230  1.00 60.41  ? 541 GLU A OE2 1 
ATOM   358 N  N   . LEU A 1 51 ? -6.487  4.692   -13.153 1.00 50.80  ? 542 LEU A N   1 
ATOM   359 C  CA  . LEU A 1 51 ? -6.080  4.328   -14.505 1.00 46.46  ? 542 LEU A CA  1 
ATOM   360 C  C   . LEU A 1 51 ? -7.192  3.594   -15.224 1.00 52.31  ? 542 LEU A C   1 
ATOM   361 O  O   . LEU A 1 51 ? -7.383  3.796   -16.430 1.00 49.16  ? 542 LEU A O   1 
ATOM   362 C  CB  . LEU A 1 51 ? -4.832  3.469   -14.512 1.00 46.58  ? 542 LEU A CB  1 
ATOM   363 C  CG  . LEU A 1 51 ? -3.672  3.943   -13.653 1.00 59.48  ? 542 LEU A CG  1 
ATOM   364 C  CD1 . LEU A 1 51 ? -2.610  2.884   -13.773 1.00 57.33  ? 542 LEU A CD1 1 
ATOM   365 C  CD2 . LEU A 1 51 ? -3.160  5.363   -13.977 1.00 51.13  ? 542 LEU A CD2 1 
ATOM   366 N  N   . GLY A 1 52 ? -7.938  2.739   -14.495 1.00 42.73  ? 543 GLY A N   1 
ATOM   367 C  CA  . GLY A 1 52 ? -9.073  2.065   -15.108 1.00 36.86  ? 543 GLY A CA  1 
ATOM   368 C  C   . GLY A 1 52 ? -10.050 3.032   -15.758 1.00 48.12  ? 543 GLY A C   1 
ATOM   369 O  O   . GLY A 1 52 ? -10.494 2.820   -16.886 1.00 49.51  ? 543 GLY A O   1 
ATOM   370 N  N   . ILE A 1 53 ? -10.386 4.118   -15.063 1.00 42.40  ? 544 ILE A N   1 
ATOM   371 C  CA  . ILE A 1 53 ? -11.283 5.121   -15.635 1.00 42.50  ? 544 ILE A CA  1 
ATOM   372 C  C   . ILE A 1 53 ? -10.629 5.798   -16.833 1.00 46.37  ? 544 ILE A C   1 
ATOM   373 O  O   . ILE A 1 53 ? -11.248 5.968   -17.897 1.00 47.18  ? 544 ILE A O   1 
ATOM   374 C  CB  . ILE A 1 53 ? -11.673 6.145   -14.562 1.00 45.75  ? 544 ILE A CB  1 
ATOM   375 C  CG1 . ILE A 1 53 ? -12.496 5.462   -13.469 1.00 39.42  ? 544 ILE A CG1 1 
ATOM   376 C  CG2 . ILE A 1 53 ? -12.383 7.379   -15.204 1.00 51.29  ? 544 ILE A CG2 1 
ATOM   377 C  CD1 . ILE A 1 53 ? -12.654 6.322   -12.227 1.00 39.47  ? 544 ILE A CD1 1 
ATOM   378 N  N   . ILE A 1 54 ? -9.369  6.204   -16.675 1.00 45.57  ? 545 ILE A N   1 
ATOM   379 C  CA  . ILE A 1 54 ? -8.684  6.904   -17.755 1.00 47.63  ? 545 ILE A CA  1 
ATOM   380 C  C   . ILE A 1 54 ? -8.656  6.029   -19.009 1.00 48.17  ? 545 ILE A C   1 
ATOM   381 O  O   . ILE A 1 54 ? -8.994  6.487   -20.102 1.00 50.76  ? 545 ILE A O   1 
ATOM   382 C  CB  . ILE A 1 54 ? -7.275  7.338   -17.301 1.00 51.92  ? 545 ILE A CB  1 
ATOM   383 C  CG1 . ILE A 1 54 ? -7.376  8.467   -16.267 1.00 56.56  ? 545 ILE A CG1 1 
ATOM   384 C  CG2 . ILE A 1 54 ? -6.378  7.758   -18.504 1.00 45.85  ? 545 ILE A CG2 1 
ATOM   385 C  CD1 . ILE A 1 54 ? -6.071  8.748   -15.586 1.00 54.46  ? 545 ILE A CD1 1 
ATOM   386 N  N   . ARG A 1 55 ? -8.301  4.740   -18.861 1.00 48.07  ? 546 ARG A N   1 
ATOM   387 C  CA  . ARG A 1 55 ? -8.209  3.865   -20.033 1.00 46.83  ? 546 ARG A CA  1 
ATOM   388 C  C   . ARG A 1 55 ? -9.574  3.592   -20.650 1.00 50.13  ? 546 ARG A C   1 
ATOM   389 O  O   . ARG A 1 55 ? -9.686  3.481   -21.875 1.00 58.13  ? 546 ARG A O   1 
ATOM   390 C  CB  . ARG A 1 55 ? -7.522  2.550   -19.683 1.00 47.40  ? 546 ARG A CB  1 
ATOM   391 N  N   . ALA A 1 56 ? -10.630 3.519   -19.838 1.00 47.92  ? 547 ALA A N   1 
ATOM   392 C  CA  . ALA A 1 56 ? -11.970 3.417   -20.415 1.00 49.76  ? 547 ALA A CA  1 
ATOM   393 C  C   . ALA A 1 56 ? -12.265 4.595   -21.351 1.00 52.61  ? 547 ALA A C   1 
ATOM   394 O  O   . ALA A 1 56 ? -12.719 4.397   -22.484 1.00 57.18  ? 547 ALA A O   1 
ATOM   395 C  CB  . ALA A 1 56 ? -13.001 3.328   -19.305 1.00 46.59  ? 547 ALA A CB  1 
ATOM   396 N  N   . LEU A 1 57 ? -11.988 5.831   -20.901 1.00 45.40  ? 548 LEU A N   1 
ATOM   397 C  CA  . LEU A 1 57 ? -12.158 6.983   -21.781 1.00 39.81  ? 548 LEU A CA  1 
ATOM   398 C  C   . LEU A 1 57 ? -11.212 6.919   -22.970 1.00 49.70  ? 548 LEU A C   1 
ATOM   399 O  O   . LEU A 1 57 ? -11.609 7.237   -24.091 1.00 60.53  ? 548 LEU A O   1 
ATOM   400 C  CB  . LEU A 1 57 ? -11.946 8.285   -21.012 1.00 48.55  ? 548 LEU A CB  1 
ATOM   401 C  CG  . LEU A 1 57 ? -12.991 8.525   -19.913 1.00 48.52  ? 548 LEU A CG  1 
ATOM   402 C  CD1 . LEU A 1 57 ? -12.345 9.251   -18.776 1.00 38.44  ? 548 LEU A CD1 1 
ATOM   403 C  CD2 . LEU A 1 57 ? -14.232 9.256   -20.441 1.00 42.91  ? 548 LEU A CD2 1 
ATOM   404 N  N   . LEU A 1 58 ? -9.957  6.506   -22.757 1.00 56.62  ? 549 LEU A N   1 
ATOM   405 C  CA  . LEU A 1 58 ? -8.983  6.547   -23.847 1.00 58.28  ? 549 LEU A CA  1 
ATOM   406 C  C   . LEU A 1 58 ? -9.378  5.624   -24.995 1.00 63.26  ? 549 LEU A C   1 
ATOM   407 O  O   . LEU A 1 58 ? -9.141  5.957   -26.163 1.00 68.89  ? 549 LEU A O   1 
ATOM   408 C  CB  . LEU A 1 58 ? -7.591  6.171   -23.338 1.00 56.67  ? 549 LEU A CB  1 
ATOM   409 C  CG  . LEU A 1 58 ? -6.792  7.242   -22.579 1.00 65.33  ? 549 LEU A CG  1 
ATOM   410 C  CD1 . LEU A 1 58 ? -5.612  6.612   -21.826 1.00 72.29  ? 549 LEU A CD1 1 
ATOM   411 C  CD2 . LEU A 1 58 ? -6.277  8.341   -23.530 1.00 60.53  ? 549 LEU A CD2 1 
ATOM   412 N  N   . VAL A 1 59 ? -9.975  4.462   -24.691 1.00 63.82  ? 550 VAL A N   1 
ATOM   413 C  CA  . VAL A 1 59 ? -10.305 3.486   -25.735 1.00 73.86  ? 550 VAL A CA  1 
ATOM   414 C  C   . VAL A 1 59 ? -11.575 3.838   -26.493 1.00 75.91  ? 550 VAL A C   1 
ATOM   415 O  O   . VAL A 1 59 ? -11.929 3.134   -27.443 1.00 82.18  ? 550 VAL A O   1 
ATOM   416 C  CB  . VAL A 1 59 ? -10.458 2.052   -25.180 1.00 73.15  ? 550 VAL A CB  1 
ATOM   417 C  CG1 . VAL A 1 59 ? -9.189  1.594   -24.452 1.00 73.90  ? 550 VAL A CG1 1 
ATOM   418 C  CG2 . VAL A 1 59 ? -11.632 1.975   -24.239 1.00 72.49  ? 550 VAL A CG2 1 
ATOM   419 N  N   . GLY A 1 60 ? -12.273 4.902   -26.114 1.00 78.05  ? 551 GLY A N   1 
ATOM   420 C  CA  . GLY A 1 60 ? -13.488 5.303   -26.780 1.00 86.31  ? 551 GLY A CA  1 
ATOM   421 C  C   . GLY A 1 60 ? -13.257 6.334   -27.866 1.00 89.67  ? 551 GLY A C   1 
ATOM   422 O  O   . GLY A 1 60 ? -12.128 6.635   -28.265 1.00 93.68  ? 551 GLY A O   1 
ATOM   423 N  N   . ASN A 1 61 ? -14.365 6.880   -28.360 1.00 89.54  ? 552 ASN A N   1 
ATOM   424 C  CA  . ASN A 1 61 ? -14.351 7.952   -29.350 1.00 96.23  ? 552 ASN A CA  1 
ATOM   425 C  C   . ASN A 1 61 ? -14.472 9.283   -28.606 1.00 96.71  ? 552 ASN A C   1 
ATOM   426 O  O   . ASN A 1 61 ? -15.533 9.908   -28.547 1.00 98.86  ? 552 ASN A O   1 
ATOM   427 C  CB  . ASN A 1 61 ? -15.479 7.751   -30.356 1.00 99.87  ? 552 ASN A CB  1 
ATOM   428 C  CG  . ASN A 1 61 ? -15.436 8.751   -31.490 1.00 115.12 ? 552 ASN A CG  1 
ATOM   429 O  OD1 . ASN A 1 61 ? -14.508 8.748   -32.303 1.00 120.95 ? 552 ASN A OD1 1 
ATOM   430 N  ND2 . ASN A 1 61 ? -16.441 9.617   -31.553 1.00 121.39 ? 552 ASN A ND2 1 
ATOM   431 N  N   . ILE A 1 62 ? -13.362 9.710   -28.010 1.00 100.55 ? 553 ILE A N   1 
ATOM   432 C  CA  . ILE A 1 62 ? -13.314 10.966  -27.279 1.00 89.10  ? 553 ILE A CA  1 
ATOM   433 C  C   . ILE A 1 62 ? -12.506 11.969  -28.091 1.00 88.45  ? 553 ILE A C   1 
ATOM   434 O  O   . ILE A 1 62 ? -11.751 11.611  -28.998 1.00 95.97  ? 553 ILE A O   1 
ATOM   435 C  CB  . ILE A 1 62 ? -12.737 10.787  -25.857 1.00 84.09  ? 553 ILE A CB  1 
ATOM   436 C  CG1 . ILE A 1 62 ? -11.430 9.996   -25.878 1.00 88.71  ? 553 ILE A CG1 1 
ATOM   437 C  CG2 . ILE A 1 62 ? -13.742 10.048  -24.984 1.00 78.97  ? 553 ILE A CG2 1 
ATOM   438 C  CD1 . ILE A 1 62 ? -10.191 10.844  -25.832 1.00 96.24  ? 553 ILE A CD1 1 
ATOM   439 N  N   . SER A 1 63 ? -12.695 13.245  -27.776 1.00 81.34  ? 554 SER A N   1 
ATOM   440 C  CA  . SER A 1 63 ? -12.056 14.297  -28.551 1.00 80.95  ? 554 SER A CA  1 
ATOM   441 C  C   . SER A 1 63 ? -10.540 14.224  -28.405 1.00 94.58  ? 554 SER A C   1 
ATOM   442 O  O   . SER A 1 63 ? -10.006 13.580  -27.493 1.00 103.11 ? 554 SER A O   1 
ATOM   443 C  CB  . SER A 1 63 ? -12.548 15.661  -28.102 1.00 68.33  ? 554 SER A CB  1 
ATOM   444 O  OG  . SER A 1 63 ? -11.994 15.966  -26.844 1.00 78.29  ? 554 SER A OG  1 
ATOM   445 N  N   . ILE A 1 64 ? -9.838  14.895  -29.324 1.00 91.31  ? 555 ILE A N   1 
ATOM   446 C  CA  . ILE A 1 64 ? -8.388  14.723  -29.354 1.00 89.61  ? 555 ILE A CA  1 
ATOM   447 C  C   . ILE A 1 64 ? -7.731  15.470  -28.198 1.00 87.28  ? 555 ILE A C   1 
ATOM   448 O  O   . ILE A 1 64 ? -6.670  15.060  -27.706 1.00 89.49  ? 555 ILE A O   1 
ATOM   449 C  CB  . ILE A 1 64 ? -7.802  15.123  -30.727 1.00 90.66  ? 555 ILE A CB  1 
ATOM   450 C  CG1 . ILE A 1 64 ? -6.342  14.667  -30.816 1.00 85.66  ? 555 ILE A CG1 1 
ATOM   451 C  CG2 . ILE A 1 64 ? -7.873  16.623  -30.933 1.00 83.60  ? 555 ILE A CG2 1 
ATOM   452 C  CD1 . ILE A 1 64 ? -5.968  13.997  -32.101 1.00 96.36  ? 555 ILE A CD1 1 
ATOM   453 N  N   . GLY A 1 65 ? -8.358  16.538  -27.701 1.00 80.55  ? 556 GLY A N   1 
ATOM   454 C  CA  . GLY A 1 65 ? -7.781  17.252  -26.578 1.00 76.36  ? 556 GLY A CA  1 
ATOM   455 C  C   . GLY A 1 65 ? -7.917  16.491  -25.285 1.00 71.92  ? 556 GLY A C   1 
ATOM   456 O  O   . GLY A 1 65 ? -6.987  16.458  -24.476 1.00 78.79  ? 556 GLY A O   1 
ATOM   457 N  N   . LEU A 1 66 ? -9.063  15.855  -25.078 1.00 73.66  ? 557 LEU A N   1 
ATOM   458 C  CA  . LEU A 1 66 ? -9.237  15.051  -23.879 1.00 65.82  ? 557 LEU A CA  1 
ATOM   459 C  C   . LEU A 1 66 ? -8.270  13.879  -23.871 1.00 69.15  ? 557 LEU A C   1 
ATOM   460 O  O   . LEU A 1 66 ? -7.748  13.526  -22.809 1.00 65.24  ? 557 LEU A O   1 
ATOM   461 C  CB  . LEU A 1 66 ? -10.698 14.590  -23.766 1.00 59.49  ? 557 LEU A CB  1 
ATOM   462 C  CG  . LEU A 1 66 ? -11.024 13.609  -22.643 1.00 63.15  ? 557 LEU A CG  1 
ATOM   463 C  CD1 . LEU A 1 66 ? -10.686 14.174  -21.239 1.00 58.48  ? 557 LEU A CD1 1 
ATOM   464 C  CD2 . LEU A 1 66 ? -12.477 13.230  -22.756 1.00 52.08  ? 557 LEU A CD2 1 
ATOM   465 N  N   . GLN A 1 67 ? -7.976  13.294  -25.044 1.00 77.33  ? 558 GLN A N   1 
ATOM   466 C  CA  . GLN A 1 67 ? -6.948  12.259  -25.080 1.00 74.44  ? 558 GLN A CA  1 
ATOM   467 C  C   . GLN A 1 67 ? -5.601  12.808  -24.623 1.00 73.03  ? 558 GLN A C   1 
ATOM   468 O  O   . GLN A 1 67 ? -4.909  12.157  -23.834 1.00 76.60  ? 558 GLN A O   1 
ATOM   469 C  CB  . GLN A 1 67 ? -6.862  11.623  -26.478 1.00 93.24  ? 558 GLN A CB  1 
ATOM   470 C  CG  . GLN A 1 67 ? -6.368  10.152  -26.409 1.00 112.19 ? 558 GLN A CG  1 
ATOM   471 C  CD  . GLN A 1 67 ? -7.117  9.130   -27.296 1.00 123.22 ? 558 GLN A CD  1 
ATOM   472 O  OE1 . GLN A 1 67 ? -8.234  9.390   -27.753 1.00 128.72 ? 558 GLN A OE1 1 
ATOM   473 N  NE2 . GLN A 1 67 ? -6.526  7.925   -27.460 1.00 119.44 ? 558 GLN A NE2 1 
ATOM   474 N  N   . GLU A 1 68 ? -5.237  14.029  -25.029 1.00 78.96  ? 559 GLU A N   1 
ATOM   475 C  CA  . GLU A 1 68 ? -3.965  14.599  -24.578 1.00 84.26  ? 559 GLU A CA  1 
ATOM   476 C  C   . GLU A 1 68 ? -3.940  14.753  -23.061 1.00 71.40  ? 559 GLU A C   1 
ATOM   477 O  O   . GLU A 1 68 ? -2.996  14.313  -22.397 1.00 72.50  ? 559 GLU A O   1 
ATOM   478 C  CB  . GLU A 1 68 ? -3.692  15.949  -25.265 1.00 86.12  ? 559 GLU A CB  1 
ATOM   479 N  N   . SER A 1 69 ? -4.980  15.365  -22.489 1.00 65.04  ? 560 SER A N   1 
ATOM   480 C  CA  . SER A 1 69 ? -4.988  15.608  -21.048 1.00 68.55  ? 560 SER A CA  1 
ATOM   481 C  C   . SER A 1 69 ? -4.996  14.321  -20.247 1.00 64.95  ? 560 SER A C   1 
ATOM   482 O  O   . SER A 1 69 ? -4.446  14.292  -19.141 1.00 63.67  ? 560 SER A O   1 
ATOM   483 C  CB  . SER A 1 69 ? -6.180  16.488  -20.654 1.00 72.02  ? 560 SER A CB  1 
ATOM   484 O  OG  . SER A 1 69 ? -7.318  16.234  -21.456 1.00 81.46  ? 560 SER A OG  1 
ATOM   485 N  N   . LEU A 1 70 ? -5.582  13.247  -20.799 1.00 63.12  ? 561 LEU A N   1 
ATOM   486 C  CA  . LEU A 1 70 ? -5.717  11.975  -20.099 1.00 53.76  ? 561 LEU A CA  1 
ATOM   487 C  C   . LEU A 1 70 ? -4.422  11.155  -20.114 1.00 59.46  ? 561 LEU A C   1 
ATOM   488 O  O   . LEU A 1 70 ? -4.053  10.528  -19.099 1.00 46.72  ? 561 LEU A O   1 
ATOM   489 C  CB  . LEU A 1 70 ? -6.848  11.178  -20.731 1.00 53.62  ? 561 LEU A CB  1 
ATOM   490 C  CG  . LEU A 1 70 ? -8.247  11.714  -20.413 1.00 56.80  ? 561 LEU A CG  1 
ATOM   491 C  CD1 . LEU A 1 70 ? -9.300  10.763  -20.934 1.00 47.47  ? 561 LEU A CD1 1 
ATOM   492 C  CD2 . LEU A 1 70 ? -8.444  12.036  -18.918 1.00 41.63  ? 561 LEU A CD2 1 
ATOM   493 N  N   . TRP A 1 71 ? -3.749  11.108  -21.265 1.00 63.43  ? 562 TRP A N   1 
ATOM   494 C  CA  . TRP A 1 71 ? -2.416  10.517  -21.316 1.00 63.55  ? 562 TRP A CA  1 
ATOM   495 C  C   . TRP A 1 71 ? -1.472  11.225  -20.357 1.00 64.77  ? 562 TRP A C   1 
ATOM   496 O  O   . TRP A 1 71 ? -0.848  10.588  -19.505 1.00 64.20  ? 562 TRP A O   1 
ATOM   497 C  CB  . TRP A 1 71 ? -1.868  10.559  -22.746 1.00 64.72  ? 562 TRP A CB  1 
ATOM   498 C  CG  . TRP A 1 71 ? -2.378  9.412   -23.584 1.00 70.35  ? 562 TRP A CG  1 
ATOM   499 C  CD1 . TRP A 1 71 ? -3.044  9.498   -24.773 1.00 67.04  ? 562 TRP A CD1 1 
ATOM   500 C  CD2 . TRP A 1 71 ? -2.301  8.010   -23.263 1.00 65.75  ? 562 TRP A CD2 1 
ATOM   501 N  NE1 . TRP A 1 71 ? -3.372  8.233   -25.215 1.00 74.05  ? 562 TRP A NE1 1 
ATOM   502 C  CE2 . TRP A 1 71 ? -2.923  7.306   -24.311 1.00 67.32  ? 562 TRP A CE2 1 
ATOM   503 C  CE3 . TRP A 1 71 ? -1.756  7.286   -22.199 1.00 69.89  ? 562 TRP A CE3 1 
ATOM   504 C  CZ2 . TRP A 1 71 ? -3.007  5.911   -24.330 1.00 69.00  ? 562 TRP A CZ2 1 
ATOM   505 C  CZ3 . TRP A 1 71 ? -1.848  5.894   -22.216 1.00 68.33  ? 562 TRP A CZ3 1 
ATOM   506 C  CH2 . TRP A 1 71 ? -2.473  5.227   -23.269 1.00 64.63  ? 562 TRP A CH2 1 
ATOM   507 N  N   . GLU A 1 72 ? -1.372  12.548  -20.469 1.00 66.81  ? 563 GLU A N   1 
ATOM   508 C  CA  . GLU A 1 72 ? -0.559  13.308  -19.535 1.00 68.67  ? 563 GLU A CA  1 
ATOM   509 C  C   . GLU A 1 72 ? -0.953  12.973  -18.108 1.00 74.52  ? 563 GLU A C   1 
ATOM   510 O  O   . GLU A 1 72 ? -0.103  12.651  -17.264 1.00 68.91  ? 563 GLU A O   1 
ATOM   511 C  CB  . GLU A 1 72 ? -0.706  14.808  -19.804 1.00 75.80  ? 563 GLU A CB  1 
ATOM   512 C  CG  . GLU A 1 72 ? 0.096   15.668  -18.824 1.00 90.86  ? 563 GLU A CG  1 
ATOM   513 C  CD  . GLU A 1 72 ? 0.593   16.991  -19.406 1.00 102.23 ? 563 GLU A CD  1 
ATOM   514 O  OE1 . GLU A 1 72 ? 0.170   17.378  -20.524 1.00 99.14  ? 563 GLU A OE1 1 
ATOM   515 O  OE2 . GLU A 1 72 ? 1.429   17.636  -18.729 1.00 107.50 ? 563 GLU A OE2 1 
ATOM   516 N  N   . LEU A 1 73 ? -2.256  12.994  -17.837 1.00 80.59  ? 564 LEU A N   1 
ATOM   517 C  CA  . LEU A 1 73 ? -2.740  12.715  -16.492 1.00 75.79  ? 564 LEU A CA  1 
ATOM   518 C  C   . LEU A 1 73 ? -2.339  11.315  -16.033 1.00 76.42  ? 564 LEU A C   1 
ATOM   519 O  O   . LEU A 1 73 ? -2.013  11.112  -14.856 1.00 85.49  ? 564 LEU A O   1 
ATOM   520 C  CB  . LEU A 1 73 ? -4.253  12.903  -16.458 1.00 69.92  ? 564 LEU A CB  1 
ATOM   521 C  CG  . LEU A 1 73 ? -5.049  12.434  -15.251 1.00 72.75  ? 564 LEU A CG  1 
ATOM   522 C  CD1 . LEU A 1 73 ? -4.647  13.191  -13.988 1.00 66.79  ? 564 LEU A CD1 1 
ATOM   523 C  CD2 . LEU A 1 73 ? -6.509  12.654  -15.590 1.00 76.00  ? 564 LEU A CD2 1 
ATOM   524 N  N   . ALA A 1 74 ? -2.346  10.336  -16.947 1.00 63.73  ? 565 ALA A N   1 
ATOM   525 C  CA  . ALA A 1 74 ? -1.903  8.995   -16.572 1.00 71.56  ? 565 ALA A CA  1 
ATOM   526 C  C   . ALA A 1 74 ? -0.453  8.982   -16.091 1.00 79.78  ? 565 ALA A C   1 
ATOM   527 O  O   . ALA A 1 74 ? -0.118  8.249   -15.153 1.00 83.08  ? 565 ALA A O   1 
ATOM   528 C  CB  . ALA A 1 74 ? -2.078  8.024   -17.738 1.00 60.17  ? 565 ALA A CB  1 
ATOM   529 N  N   . SER A 1 75 ? 0.417   9.786   -16.701 1.00 81.39  ? 566 SER A N   1 
ATOM   530 C  CA  . SER A 1 75 ? 1.798   9.834   -16.240 1.00 84.54  ? 566 SER A CA  1 
ATOM   531 C  C   . SER A 1 75 ? 1.910   10.506  -14.873 1.00 81.91  ? 566 SER A C   1 
ATOM   532 O  O   . SER A 1 75 ? 2.565   9.973   -13.974 1.00 75.56  ? 566 SER A O   1 
ATOM   533 C  CB  . SER A 1 75 ? 2.673   10.544  -17.272 1.00 94.19  ? 566 SER A CB  1 
ATOM   534 O  OG  . SER A 1 75 ? 2.845   9.727   -18.420 1.00 100.94 ? 566 SER A OG  1 
ATOM   535 N  N   . GLU A 1 76 ? 1.292   11.683  -14.699 1.00 94.89  ? 567 GLU A N   1 
ATOM   536 C  CA  . GLU A 1 76 ? 1.374   12.388  -13.416 1.00 88.61  ? 567 GLU A CA  1 
ATOM   537 C  C   . GLU A 1 76 ? 0.916   11.494  -12.271 1.00 86.25  ? 567 GLU A C   1 
ATOM   538 O  O   . GLU A 1 76 ? 1.623   11.321  -11.272 1.00 90.61  ? 567 GLU A O   1 
ATOM   539 C  CB  . GLU A 1 76 ? 0.540   13.675  -13.453 1.00 85.77  ? 567 GLU A CB  1 
ATOM   540 C  CG  . GLU A 1 76 ? 0.792   14.558  -14.680 1.00 101.53 ? 567 GLU A CG  1 
ATOM   541 C  CD  . GLU A 1 76 ? 0.105   15.926  -14.609 1.00 113.71 ? 567 GLU A CD  1 
ATOM   542 O  OE1 . GLU A 1 76 ? -1.083  15.978  -14.205 1.00 113.84 ? 567 GLU A OE1 1 
ATOM   543 O  OE2 . GLU A 1 76 ? 0.758   16.946  -14.961 1.00 117.58 ? 567 GLU A OE2 1 
ATOM   544 N  N   . ILE A 1 77 ? -0.270  10.908  -12.406 1.00 81.68  ? 568 ILE A N   1 
ATOM   545 C  CA  . ILE A 1 77 ? -0.753  9.938   -11.431 1.00 77.55  ? 568 ILE A CA  1 
ATOM   546 C  C   . ILE A 1 77 ? 0.286   8.843   -11.214 1.00 79.77  ? 568 ILE A C   1 
ATOM   547 O  O   . ILE A 1 77 ? 0.666   8.533   -10.077 1.00 77.87  ? 568 ILE A O   1 
ATOM   548 C  CB  . ILE A 1 77 ? -2.098  9.360   -11.901 1.00 67.10  ? 568 ILE A CB  1 
ATOM   549 C  CG1 . ILE A 1 77 ? -3.212  10.387  -11.730 1.00 64.13  ? 568 ILE A CG1 1 
ATOM   550 C  CG2 . ILE A 1 77 ? -2.392  8.099   -11.196 1.00 61.16  ? 568 ILE A CG2 1 
ATOM   551 C  CD1 . ILE A 1 77 ? -4.576  9.970   -12.397 1.00 63.28  ? 568 ILE A CD1 1 
ATOM   552 N  N   . THR A 1 78 ? 0.770   8.253   -12.311 1.00 84.40  ? 569 THR A N   1 
ATOM   553 C  CA  . THR A 1 78 ? 1.741   7.163   -12.220 1.00 81.69  ? 569 THR A CA  1 
ATOM   554 C  C   . THR A 1 78 ? 3.068   7.640   -11.630 1.00 83.91  ? 569 THR A C   1 
ATOM   555 O  O   . THR A 1 78 ? 3.778   6.861   -10.977 1.00 80.91  ? 569 THR A O   1 
ATOM   556 C  CB  . THR A 1 78 ? 1.920   6.530   -13.613 1.00 77.10  ? 569 THR A CB  1 
ATOM   557 O  OG1 . THR A 1 78 ? 0.702   5.865   -13.990 1.00 80.50  ? 569 THR A OG1 1 
ATOM   558 C  CG2 . THR A 1 78 ? 3.065   5.525   -13.649 1.00 77.71  ? 569 THR A CG2 1 
ATOM   559 N  N   . ASN A 1 79 ? 3.411   8.914   -11.826 1.00 110.43 ? 570 ASN A N   1 
ATOM   560 C  CA  . ASN A 1 79 ? 4.623   9.456   -11.218 1.00 104.91 ? 570 ASN A CA  1 
ATOM   561 C  C   . ASN A 1 79 ? 4.451   9.620   -9.714  1.00 100.54 ? 570 ASN A C   1 
ATOM   562 O  O   . ASN A 1 79 ? 5.325   9.225   -8.934  1.00 108.84 ? 570 ASN A O   1 
ATOM   563 C  CB  . ASN A 1 79 ? 4.986   10.791  -11.867 1.00 100.76 ? 570 ASN A CB  1 
ATOM   564 C  CG  . ASN A 1 79 ? 5.647   10.617  -13.204 1.00 107.36 ? 570 ASN A CG  1 
ATOM   565 O  OD1 . ASN A 1 79 ? 6.132   9.530   -13.530 1.00 106.52 ? 570 ASN A OD1 1 
ATOM   566 N  ND2 . ASN A 1 79 ? 5.666   11.684  -14.001 1.00 114.73 ? 570 ASN A ND2 1 
ATOM   567 N  N   . ARG A 1 80 ? 3.327   10.210  -9.291  1.00 86.84  ? 571 ARG A N   1 
ATOM   568 C  CA  . ARG A 1 80 ? 3.054   10.379  -7.867  1.00 88.31  ? 571 ARG A CA  1 
ATOM   569 C  C   . ARG A 1 80 ? 3.154   9.055   -7.118  1.00 98.67  ? 571 ARG A C   1 
ATOM   570 O  O   . ARG A 1 80 ? 3.553   9.028   -5.949  1.00 106.92 ? 571 ARG A O   1 
ATOM   571 C  CB  . ARG A 1 80 ? 1.660   10.997  -7.661  1.00 81.19  ? 571 ARG A CB  1 
ATOM   572 C  CG  . ARG A 1 80 ? 1.646   12.486  -7.364  1.00 72.43  ? 571 ARG A CG  1 
ATOM   573 C  CD  . ARG A 1 80 ? 0.232   13.014  -7.157  1.00 71.91  ? 571 ARG A CD  1 
ATOM   574 N  NE  . ARG A 1 80 ? -0.324  13.598  -8.375  1.00 77.38  ? 571 ARG A NE  1 
ATOM   575 C  CZ  . ARG A 1 80 ? -1.314  13.045  -9.087  1.00 95.68  ? 571 ARG A CZ  1 
ATOM   576 N  NH1 . ARG A 1 80 ? -1.862  11.893  -8.698  1.00 97.41  ? 571 ARG A NH1 1 
ATOM   577 N  NH2 . ARG A 1 80 ? -1.770  13.641  -10.189 1.00 98.04  ? 571 ARG A NH2 1 
ATOM   578 N  N   . ALA A 1 81 ? 2.801   7.951   -7.772  1.00 93.88  ? 572 ALA A N   1 
ATOM   579 C  CA  . ALA A 1 81 ? 2.851   6.632   -7.153  1.00 90.87  ? 572 ALA A CA  1 
ATOM   580 C  C   . ALA A 1 81 ? 4.284   6.126   -7.210  1.00 102.44 ? 572 ALA A C   1 
ATOM   581 O  O   . ALA A 1 81 ? 4.630   5.292   -8.049  1.00 112.57 ? 572 ALA A O   1 
ATOM   582 C  CB  . ALA A 1 81 ? 1.912   5.678   -7.870  1.00 88.70  ? 572 ALA A CB  1 
ATOM   583 N  N   . GLY A 1 82 ? 5.113   6.652   -6.294  1.00 105.02 ? 573 GLY A N   1 
ATOM   584 C  CA  . GLY A 1 82 ? 6.549   6.398   -6.213  1.00 106.38 ? 573 GLY A CA  1 
ATOM   585 C  C   . GLY A 1 82 ? 6.995   5.227   -7.057  1.00 107.77 ? 573 GLY A C   1 
ATOM   586 O  O   . GLY A 1 82 ? 7.321   5.398   -8.234  1.00 110.53 ? 573 GLY A O   1 
ATOM   587 N  N   . ASP A 1 83 ? 6.958   4.029   -6.487  1.00 109.32 ? 574 ASP A N   1 
ATOM   588 C  CA  . ASP A 1 83 ? 6.832   2.829   -7.308  1.00 116.27 ? 574 ASP A CA  1 
ATOM   589 C  C   . ASP A 1 83 ? 6.212   1.733   -6.458  1.00 115.76 ? 574 ASP A C   1 
ATOM   590 O  O   . ASP A 1 83 ? 6.884   1.160   -5.597  1.00 122.25 ? 574 ASP A O   1 
ATOM   591 C  CB  . ASP A 1 83 ? 8.169   2.376   -7.882  1.00 122.66 ? 574 ASP A CB  1 
ATOM   592 C  CG  . ASP A 1 83 ? 8.024   1.138   -8.757  1.00 132.02 ? 574 ASP A CG  1 
ATOM   593 O  OD1 . ASP A 1 83 ? 7.641   1.282   -9.937  1.00 135.82 ? 574 ASP A OD1 1 
ATOM   594 O  OD2 . ASP A 1 83 ? 8.280   0.019   -8.260  1.00 133.66 ? 574 ASP A OD2 1 
ATOM   595 N  N   . LEU A 1 84 ? 4.936   1.455   -6.687  1.00 109.70 ? 575 LEU A N   1 
ATOM   596 C  CA  . LEU A 1 84 ? 4.327   0.224   -6.217  1.00 107.41 ? 575 LEU A CA  1 
ATOM   597 C  C   . LEU A 1 84 ? 4.372   -0.792  -7.349  1.00 119.78 ? 575 LEU A C   1 
ATOM   598 O  O   . LEU A 1 84 ? 4.423   -0.427  -8.526  1.00 121.84 ? 575 LEU A O   1 
ATOM   599 C  CB  . LEU A 1 84 ? 2.883   0.452   -5.749  1.00 99.92  ? 575 LEU A CB  1 
ATOM   600 N  N   . ALA A 1 85 ? 4.385   -2.076  -6.986  1.00 129.85 ? 576 ALA A N   1 
ATOM   601 C  CA  . ALA A 1 85 ? 4.290   -3.150  -7.975  1.00 137.73 ? 576 ALA A CA  1 
ATOM   602 C  C   . ALA A 1 85 ? 2.868   -3.153  -8.531  1.00 145.48 ? 576 ALA A C   1 
ATOM   603 O  O   . ALA A 1 85 ? 1.975   -3.853  -8.048  1.00 149.52 ? 576 ALA A O   1 
ATOM   604 C  CB  . ALA A 1 85 ? 4.664   -4.497  -7.363  1.00 134.83 ? 576 ALA A CB  1 
ATOM   605 N  N   . VAL A 1 86 ? 2.656   -2.328  -9.558  1.00 164.77 ? 577 VAL A N   1 
ATOM   606 C  CA  . VAL A 1 86 ? 1.359   -2.267  -10.219 1.00 152.74 ? 577 VAL A CA  1 
ATOM   607 C  C   . VAL A 1 86 ? 1.233   -3.476  -11.132 1.00 141.35 ? 577 VAL A C   1 
ATOM   608 O  O   . VAL A 1 86 ? 2.214   -4.177  -11.401 1.00 141.37 ? 577 VAL A O   1 
ATOM   609 C  CB  . VAL A 1 86 ? 1.183   -0.962  -11.019 1.00 149.31 ? 577 VAL A CB  1 
ATOM   610 C  CG1 . VAL A 1 86 ? -0.303  -0.668  -11.269 1.00 148.11 ? 577 VAL A CG1 1 
ATOM   611 C  CG2 . VAL A 1 86 ? 1.846   0.199   -10.324 1.00 152.92 ? 577 VAL A CG2 1 
ATOM   612 N  N   . GLU A 1 87 ? 0.020   -3.724  -11.608 1.00 132.04 ? 578 GLU A N   1 
ATOM   613 C  CA  . GLU A 1 87 ? -0.211  -4.703  -12.655 1.00 122.39 ? 578 GLU A CA  1 
ATOM   614 C  C   . GLU A 1 87 ? -1.510  -4.334  -13.361 1.00 125.47 ? 578 GLU A C   1 
ATOM   615 O  O   . GLU A 1 87 ? -2.540  -4.982  -13.156 1.00 134.69 ? 578 GLU A O   1 
ATOM   616 C  CB  . GLU A 1 87 ? -0.259  -6.118  -12.076 1.00 117.49 ? 578 GLU A CB  1 
ATOM   617 N  N   . VAL A 1 88 ? -1.478  -3.266  -14.164 1.00 122.18 ? 579 VAL A N   1 
ATOM   618 C  CA  . VAL A 1 88 ? -2.682  -2.824  -14.853 1.00 115.58 ? 579 VAL A CA  1 
ATOM   619 C  C   . VAL A 1 88 ? -3.187  -3.949  -15.733 1.00 117.47 ? 579 VAL A C   1 
ATOM   620 O  O   . VAL A 1 88 ? -2.400  -4.714  -16.308 1.00 112.51 ? 579 VAL A O   1 
ATOM   621 C  CB  . VAL A 1 88 ? -2.412  -1.552  -15.673 1.00 112.77 ? 579 VAL A CB  1 
ATOM   622 N  N   . SER A 1 89 ? -4.516  -4.066  -15.825 1.00 124.68 ? 580 SER A N   1 
ATOM   623 C  CA  . SER A 1 89 ? -5.178  -5.119  -16.583 1.00 125.04 ? 580 SER A CA  1 
ATOM   624 C  C   . SER A 1 89 ? -4.605  -5.176  -17.998 1.00 126.13 ? 580 SER A C   1 
ATOM   625 O  O   . SER A 1 89 ? -3.974  -4.209  -18.449 1.00 124.37 ? 580 SER A O   1 
ATOM   626 C  CB  . SER A 1 89 ? -6.693  -4.889  -16.603 1.00 122.28 ? 580 SER A CB  1 
ATOM   627 N  N   . PRO A 1 90 ? -4.781  -6.297  -18.720 1.00 125.26 ? 581 PRO A N   1 
ATOM   628 C  CA  . PRO A 1 90 ? -4.192  -6.432  -20.066 1.00 124.31 ? 581 PRO A CA  1 
ATOM   629 C  C   . PRO A 1 90 ? -4.337  -5.223  -20.993 1.00 123.55 ? 581 PRO A C   1 
ATOM   630 O  O   . PRO A 1 90 ? -3.523  -5.043  -21.907 1.00 126.38 ? 581 PRO A O   1 
ATOM   631 C  CB  . PRO A 1 90 ? -4.937  -7.648  -20.634 1.00 121.66 ? 581 PRO A CB  1 
ATOM   632 C  CG  . PRO A 1 90 ? -5.229  -8.496  -19.430 1.00 121.40 ? 581 PRO A CG  1 
ATOM   633 C  CD  . PRO A 1 90 ? -5.384  -7.561  -18.248 1.00 123.77 ? 581 PRO A CD  1 
ATOM   634 N  N   . GLY A 1 91 ? -5.346  -4.379  -20.755 1.00 118.83 ? 582 GLY A N   1 
ATOM   635 C  CA  . GLY A 1 91 ? -5.705  -3.323  -21.682 1.00 112.04 ? 582 GLY A CA  1 
ATOM   636 C  C   . GLY A 1 91 ? -6.848  -3.768  -22.565 1.00 104.82 ? 582 GLY A C   1 
ATOM   637 O  O   . GLY A 1 91 ? -7.329  -4.904  -22.487 1.00 105.80 ? 582 GLY A O   1 
ATOM   638 N  N   . SER A 1 92 ? -7.299  -2.858  -23.432 1.00 96.77  ? 583 SER A N   1 
ATOM   639 C  CA  . SER A 1 92 ? -8.375  -3.233  -24.347 1.00 93.22  ? 583 SER A CA  1 
ATOM   640 C  C   . SER A 1 92 ? -8.606  -2.206  -25.446 1.00 91.29  ? 583 SER A C   1 
ATOM   641 O  O   . SER A 1 92 ? -9.655  -1.558  -25.489 1.00 92.50  ? 583 SER A O   1 
ATOM   642 C  CB  . SER A 1 92 ? -9.682  -3.456  -23.581 1.00 93.78  ? 583 SER A CB  1 
ATOM   643 O  OG  . SER A 1 92 ? -10.690 -3.949  -24.446 1.00 90.72  ? 583 SER A OG  1 
ATOM   644 N  N   . TRP A 1 93 ? -7.665  -2.094  -26.371 1.00 85.41  ? 584 TRP A N   1 
ATOM   645 C  CA  . TRP A 1 93 ? -7.720  -1.044  -27.375 1.00 81.22  ? 584 TRP A CA  1 
ATOM   646 C  C   . TRP A 1 93 ? -8.517  -1.422  -28.613 1.00 86.06  ? 584 TRP A C   1 
ATOM   647 O  O   . TRP A 1 93 ? -8.978  -0.524  -29.323 1.00 96.33  ? 584 TRP A O   1 
ATOM   648 C  CB  . TRP A 1 93 ? -6.295  -0.648  -27.741 1.00 81.75  ? 584 TRP A CB  1 
ATOM   649 C  CG  . TRP A 1 93 ? -5.573  -0.329  -26.496 1.00 86.90  ? 584 TRP A CG  1 
ATOM   650 C  CD1 . TRP A 1 93 ? -4.843  -1.183  -25.722 1.00 83.35  ? 584 TRP A CD1 1 
ATOM   651 C  CD2 . TRP A 1 93 ? -5.560  0.933   -25.823 1.00 92.09  ? 584 TRP A CD2 1 
ATOM   652 N  NE1 . TRP A 1 93 ? -4.354  -0.523  -24.623 1.00 86.02  ? 584 TRP A NE1 1 
ATOM   653 C  CE2 . TRP A 1 93 ? -4.785  0.777   -24.659 1.00 89.48  ? 584 TRP A CE2 1 
ATOM   654 C  CE3 . TRP A 1 93 ? -6.125  2.183   -26.099 1.00 91.43  ? 584 TRP A CE3 1 
ATOM   655 C  CZ2 . TRP A 1 93 ? -4.567  1.818   -23.769 1.00 94.26  ? 584 TRP A CZ2 1 
ATOM   656 C  CZ3 . TRP A 1 93 ? -5.910  3.214   -25.217 1.00 96.61  ? 584 TRP A CZ3 1 
ATOM   657 C  CH2 . TRP A 1 93 ? -5.130  3.029   -24.068 1.00 100.94 ? 584 TRP A CH2 1 
ATOM   658 N  N   . ILE A 1 94 ? -8.701  -2.708  -28.886 1.00 89.07  ? 585 ILE A N   1 
ATOM   659 C  CA  . ILE A 1 94 ? -9.520  -3.146  -30.013 1.00 89.64  ? 585 ILE A CA  1 
ATOM   660 C  C   . ILE A 1 94 ? -10.664 -4.006  -29.491 1.00 88.50  ? 585 ILE A C   1 
ATOM   661 O  O   . ILE A 1 94 ? -10.437 -4.921  -28.691 1.00 91.50  ? 585 ILE A O   1 
ATOM   662 C  CB  . ILE A 1 94 ? -8.682  -3.914  -31.057 1.00 89.11  ? 585 ILE A CB  1 
HETATM 663 CL CL  . CL  B 2 .  ? -17.275 11.927  -22.826 0.33 92.98  ? 601 CL  A CL  1 
HETATM 664 O  O   . HOH C 3 .  ? -9.263  17.668  -21.444 1.00 63.58  ? 701 HOH A O   1 
HETATM 665 O  O   . HOH C 3 .  ? -14.291 13.630  -25.737 1.00 63.34  ? 702 HOH A O   1 
HETATM 666 O  O   . HOH C 3 .  ? 4.728   -0.494  20.573  0.33 47.85  ? 703 HOH A O   1 
HETATM 667 O  O   . HOH C 3 .  ? 4.734   -7.137  31.967  1.00 54.32  ? 704 HOH A O   1 
# 
loop_
_atom_site_anisotrop.id 
_atom_site_anisotrop.type_symbol 
_atom_site_anisotrop.pdbx_label_atom_id 
_atom_site_anisotrop.pdbx_label_alt_id 
_atom_site_anisotrop.pdbx_label_comp_id 
_atom_site_anisotrop.pdbx_label_asym_id 
_atom_site_anisotrop.pdbx_label_seq_id 
_atom_site_anisotrop.pdbx_PDB_ins_code 
_atom_site_anisotrop.U[1][1] 
_atom_site_anisotrop.U[2][2] 
_atom_site_anisotrop.U[3][3] 
_atom_site_anisotrop.U[1][2] 
_atom_site_anisotrop.U[1][3] 
_atom_site_anisotrop.U[2][3] 
_atom_site_anisotrop.pdbx_auth_seq_id 
_atom_site_anisotrop.pdbx_auth_comp_id 
_atom_site_anisotrop.pdbx_auth_asym_id 
_atom_site_anisotrop.pdbx_auth_atom_id 
1   N N   . ASN A 5  ? 1.3556 1.4095 1.2549 0.5649  -0.0787 0.2682  496 ASN A N   
2   C CA  . ASN A 5  ? 1.4766 1.4337 1.3172 0.5280  -0.0877 0.3470  496 ASN A CA  
3   C C   . ASN A 5  ? 1.4564 1.3832 1.2414 0.4468  -0.0546 0.3230  496 ASN A C   
4   O O   . ASN A 5  ? 1.4273 1.2592 1.2082 0.4189  -0.0365 0.2866  496 ASN A O   
5   C CB  . ASN A 5  ? 1.5368 1.5593 1.3508 0.5417  -0.1156 0.4243  496 ASN A CB  
6   C CG  . ASN A 5  ? 1.8123 1.7750 1.6507 0.5914  -0.1575 0.4794  496 ASN A CG  
7   O OD1 . ASN A 5  ? 1.9275 1.8919 1.8235 0.6608  -0.1762 0.4571  496 ASN A OD1 
8   N ND2 . ASN A 5  ? 1.8996 1.8061 1.7003 0.5361  -0.1722 0.5294  496 ASN A ND2 
9   N N   . ASP A 6  ? 1.4081 1.4144 1.1494 0.4099  -0.0489 0.3420  497 ASP A N   
10  C CA  . ASP A 6  ? 1.4198 1.3923 1.1072 0.3382  -0.0272 0.3318  497 ASP A CA  
11  C C   . ASP A 6  ? 1.3969 1.3855 1.0742 0.3043  0.0029  0.2415  497 ASP A C   
12  O O   . ASP A 6  ? 1.2796 1.2143 0.9114 0.2464  0.0169  0.2258  497 ASP A O   
13  C CB  . ASP A 6  ? 1.4382 1.4947 1.0859 0.3131  -0.0303 0.3750  497 ASP A CB  
14  N N   . ILE A 7  ? 1.4480 1.5103 1.1635 0.3362  0.0122  0.1804  498 ILE A N   
15  C CA  . ILE A 7  ? 1.3602 1.4246 1.0601 0.2989  0.0440  0.0905  498 ILE A CA  
16  C C   . ILE A 7  ? 1.4297 1.3526 1.1308 0.2802  0.0536  0.0669  498 ILE A C   
17  O O   . ILE A 7  ? 1.2769 1.1406 0.9274 0.2207  0.0731  0.0273  498 ILE A O   
18  C CB  . ILE A 7  ? 1.3297 1.5123 1.0785 0.3372  0.0540  0.0273  498 ILE A CB  
19  C CG1 . ILE A 7  ? 1.2630 1.5800 0.9799 0.3210  0.0594  0.0205  498 ILE A CG1 
20  C CG2 . ILE A 7  ? 1.3764 1.5229 1.1331 0.3146  0.0863  -0.0668 498 ILE A CG2 
21  C CD1 . ILE A 7  ? 1.2289 1.5274 0.8662 0.2467  0.0829  -0.0128 498 ILE A CD1 
22  N N   . GLN A 8  ? 1.5510 1.4093 1.3035 0.3294  0.0375  0.0938  499 GLN A N   
23  C CA  . GLN A 8  ? 1.5623 1.2887 1.3212 0.3164  0.0489  0.0656  499 GLN A CA  
24  C C   . GLN A 8  ? 1.5760 1.1842 1.2795 0.2626  0.0445  0.1106  499 GLN A C   
25  O O   . GLN A 8  ? 1.6406 1.1595 1.3142 0.2160  0.0625  0.0686  499 GLN A O   
26  C CB  . GLN A 8  ? 1.6093 1.2977 1.4387 0.3882  0.0308  0.0815  499 GLN A CB  
27  C CG  . GLN A 8  ? 1.6816 1.2699 1.5327 0.3832  0.0519  0.0206  499 GLN A CG  
28  C CD  . GLN A 8  ? 1.6898 1.3113 1.5163 0.3316  0.0914  -0.0753 499 GLN A CD  
29  O OE1 . GLN A 8  ? 1.6750 1.4132 1.5332 0.3496  0.1053  -0.1331 499 GLN A OE1 
30  N NE2 . GLN A 8  ? 1.7138 1.2313 1.4785 0.2634  0.1084  -0.0928 499 GLN A NE2 
31  N N   . ILE A 9  ? 1.4944 1.1011 1.1830 0.2651  0.0211  0.1931  500 ILE A N   
32  C CA  . ILE A 9  ? 1.4299 0.9436 1.0716 0.2103  0.0178  0.2306  500 ILE A CA  
33  C C   . ILE A 9  ? 1.4497 0.9840 1.0380 0.1470  0.0348  0.1838  500 ILE A C   
34  O O   . ILE A 9  ? 1.4356 0.8733 0.9884 0.0968  0.0391  0.1711  500 ILE A O   
35  C CB  . ILE A 9  ? 1.3251 0.8547 0.9605 0.2195  -0.0056 0.3208  500 ILE A CB  
36  C CG1 . ILE A 9  ? 1.4599 0.9280 1.1302 0.2735  -0.0264 0.3724  500 ILE A CG1 
37  C CG2 . ILE A 9  ? 1.2357 0.6981 0.8297 0.1589  -0.0061 0.3489  500 ILE A CG2 
38  C CD1 . ILE A 9  ? 1.3492 0.9153 1.0502 0.3353  -0.0453 0.3997  500 ILE A CD1 
39  N N   . LEU A 10 ? 1.4150 1.0699 0.9927 0.1478  0.0424  0.1562  501 LEU A N   
40  C CA  . LEU A 10 ? 1.3519 1.0231 0.8702 0.0899  0.0554  0.1125  501 LEU A CA  
41  C C   . LEU A 10 ? 1.3743 0.9796 0.8692 0.0578  0.0776  0.0315  501 LEU A C   
42  O O   . LEU A 10 ? 1.2749 0.8039 0.7139 0.0007  0.0798  0.0108  501 LEU A O   
43  C CB  . LEU A 10 ? 1.3008 1.1145 0.8104 0.1002  0.0593  0.1025  501 LEU A CB  
44  C CG  . LEU A 10 ? 1.1912 1.0294 0.6334 0.0452  0.0719  0.0546  501 LEU A CG  
45  C CD1 . LEU A 10 ? 1.0817 0.8596 0.4877 0.0051  0.0561  0.0960  501 LEU A CD1 
46  C CD2 . LEU A 10 ? 1.2589 1.2398 0.6982 0.0623  0.0768  0.0480  501 LEU A CD2 
47  N N   . LYS A 11 ? 1.1169 1.0236 0.9493 0.0570  -0.0882 0.1045  502 LYS A N   
48  C CA  . LYS A 11 ? 0.9783 0.9152 0.8462 0.0893  -0.0875 0.0904  502 LYS A CA  
49  C C   . LYS A 11 ? 1.0247 0.8863 0.8700 0.0881  -0.0855 0.0886  502 LYS A C   
50  O O   . LYS A 11 ? 1.0158 0.9042 0.8966 0.0836  -0.0717 0.0763  502 LYS A O   
51  C CB  . LYS A 11 ? 0.9993 0.9626 0.8596 0.1456  -0.1111 0.0897  502 LYS A CB  
52  C CG  . LYS A 11 ? 1.0157 1.0570 0.9274 0.1775  -0.1046 0.0721  502 LYS A CG  
53  C CD  . LYS A 11 ? 0.9918 1.1084 0.9202 0.2249  -0.1234 0.0694  502 LYS A CD  
54  C CE  . LYS A 11 ? 0.9031 1.0974 0.8596 0.1963  -0.1264 0.0729  502 LYS A CE  
55  N NZ  . LYS A 11 ? 0.7554 1.0276 0.7258 0.2418  -0.1521 0.0724  502 LYS A NZ  
56  N N   . SER A 12 ? 1.1451 0.9080 0.9260 0.0887  -0.1009 0.1018  503 SER A N   
57  C CA  . SER A 12 ? 1.2267 0.9118 0.9807 0.0831  -0.1032 0.0978  503 SER A CA  
58  C C   . SER A 12 ? 1.1488 0.8509 0.9351 0.0291  -0.0814 0.0953  503 SER A C   
59  O O   . SER A 12 ? 1.1500 0.8478 0.9516 0.0262  -0.0775 0.0831  503 SER A O   
60  C CB  . SER A 12 ? 1.1924 0.7565 0.8636 0.0878  -0.1259 0.1148  503 SER A CB  
61  O OG  . SER A 12 ? 1.2007 0.7620 0.8447 0.1352  -0.1468 0.1229  503 SER A OG  
62  N N   . SER A 13 ? 1.0756 0.8026 0.8718 -0.0102 -0.0677 0.1054  504 SER A N   
63  C CA  . SER A 13 ? 0.9684 0.7243 0.8013 -0.0549 -0.0463 0.1018  504 SER A CA  
64  C C   . SER A 13 ? 0.9190 0.7534 0.8178 -0.0467 -0.0323 0.0854  504 SER A C   
65  O O   . SER A 13 ? 0.8521 0.6963 0.7779 -0.0637 -0.0245 0.0791  504 SER A O   
66  C CB  . SER A 13 ? 1.0127 0.7833 0.8369 -0.0901 -0.0328 0.1131  504 SER A CB  
67  O OG  . SER A 13 ? 1.1111 0.9231 0.9771 -0.1260 -0.0103 0.1071  504 SER A OG  
68  N N   . ILE A 14 ? 0.8420 0.7325 0.7654 -0.0235 -0.0308 0.0799  505 ILE A N   
69  C CA  . ILE A 14 ? 0.8549 0.8061 0.8289 -0.0150 -0.0201 0.0681  505 ILE A CA  
70  C C   . ILE A 14 ? 0.8867 0.8160 0.8544 0.0051  -0.0268 0.0615  505 ILE A C   
71  O O   . ILE A 14 ? 0.9102 0.8571 0.9041 -0.0055 -0.0183 0.0566  505 ILE A O   
72  C CB  . ILE A 14 ? 0.7784 0.7900 0.7726 0.0048  -0.0213 0.0644  505 ILE A CB  
73  C CG1 . ILE A 14 ? 0.7390 0.7679 0.7261 -0.0105 -0.0217 0.0683  505 ILE A CG1 
74  C CG2 . ILE A 14 ? 0.6639 0.7321 0.7061 0.0000  -0.0067 0.0565  505 ILE A CG2 
75  C CD1 . ILE A 14 ? 0.7930 0.8245 0.7924 -0.0471 -0.0041 0.0660  505 ILE A CD1 
76  N N   . ASN A 15 ? 0.8421 0.7312 0.7707 0.0386  -0.0437 0.0603  506 ASN A N   
77  C CA  . ASN A 15 ? 0.8777 0.7459 0.7922 0.0646  -0.0499 0.0487  506 ASN A CA  
78  C C   . ASN A 15 ? 0.9822 0.8006 0.8832 0.0355  -0.0522 0.0468  506 ASN A C   
79  O O   . ASN A 15 ? 0.8996 0.7353 0.8129 0.0384  -0.0490 0.0372  506 ASN A O   
80  C CB  . ASN A 15 ? 0.8130 0.6332 0.6801 0.1108  -0.0691 0.0450  506 ASN A CB  
81  C CG  . ASN A 15 ? 0.9687 0.8686 0.8633 0.1521  -0.0666 0.0387  506 ASN A CG  
82  O OD1 . ASN A 15 ? 0.9102 0.8936 0.8537 0.1443  -0.0495 0.0349  506 ASN A OD1 
83  N ND2 . ASN A 15 ? 1.1138 0.9892 0.9769 0.1956  -0.0847 0.0389  506 ASN A ND2 
84  N N   . ILE A 16 ? 0.9874 0.7501 0.8625 0.0041  -0.0579 0.0567  507 ILE A N   
85  C CA  . ILE A 16 ? 0.9594 0.6930 0.8322 -0.0319 -0.0602 0.0550  507 ILE A CA  
86  C C   . ILE A 16 ? 0.8656 0.6769 0.8002 -0.0516 -0.0434 0.0530  507 ILE A C   
87  O O   . ILE A 16 ? 0.9171 0.7366 0.8626 -0.0560 -0.0473 0.0451  507 ILE A O   
88  C CB  . ILE A 16 ? 1.0278 0.7017 0.8667 -0.0706 -0.0651 0.0690  507 ILE A CB  
89  C CG1 . ILE A 16 ? 1.1805 0.7458 0.9441 -0.0549 -0.0884 0.0706  507 ILE A CG1 
90  C CG2 . ILE A 16 ? 0.9658 0.6550 0.8300 -0.1179 -0.0605 0.0686  507 ILE A CG2 
91  C CD1 . ILE A 16 ? 1.3248 0.8521 1.0663 -0.0317 -0.1027 0.0505  507 ILE A CD1 
92  N N   . ALA A 17 ? 0.7312 0.5953 0.7018 -0.0608 -0.0269 0.0592  508 ALA A N   
93  C CA  . ALA A 17 ? 0.6061 0.5294 0.6294 -0.0745 -0.0127 0.0571  508 ALA A CA  
94  C C   . ALA A 17 ? 0.6632 0.6155 0.7032 -0.0509 -0.0127 0.0511  508 ALA A C   
95  O O   . ALA A 17 ? 0.7082 0.6811 0.7715 -0.0581 -0.0125 0.0498  508 ALA A O   
96  C CB  . ALA A 17 ? 0.5380 0.4994 0.5859 -0.0833 0.0042  0.0603  508 ALA A CB  
97  N N   . ILE A 18 ? 0.6742 0.6341 0.7016 -0.0228 -0.0132 0.0488  509 ILE A N   
98  C CA  . ILE A 18 ? 0.6886 0.6813 0.7264 -0.0045 -0.0093 0.0453  509 ILE A CA  
99  C C   . ILE A 18 ? 0.7723 0.7328 0.7801 0.0043  -0.0225 0.0372  509 ILE A C   
100 O O   . ILE A 18 ? 0.8272 0.8089 0.8434 0.0046  -0.0213 0.0372  509 ILE A O   
101 C CB  . ILE A 18 ? 0.7181 0.7424 0.7543 0.0212  -0.0047 0.0436  509 ILE A CB  
102 C CG1 . ILE A 18 ? 0.6152 0.6838 0.6866 0.0052  0.0080  0.0497  509 ILE A CG1 
103 C CG2 . ILE A 18 ? 0.7568 0.8076 0.7864 0.0430  -0.0011 0.0383  509 ILE A CG2 
104 C CD1 . ILE A 18 ? 0.5995 0.7040 0.6721 0.0234  0.0076  0.0480  509 ILE A CD1 
105 N N   . GLU A 19 ? 0.7157 0.6171 0.6805 0.0120  -0.0371 0.0303  510 GLU A N   
106 C CA  . GLU A 19 ? 0.7775 0.6350 0.7047 0.0164  -0.0526 0.0182  510 GLU A CA  
107 C C   . GLU A 19 ? 0.8370 0.7077 0.7870 -0.0162 -0.0574 0.0208  510 GLU A C   
108 O O   . GLU A 19 ? 0.9038 0.7912 0.8501 -0.0103 -0.0621 0.0156  510 GLU A O   
109 C CB  . GLU A 19 ? 0.8891 0.6615 0.7629 0.0203  -0.0697 0.0122  510 GLU A CB  
110 C CG  . GLU A 19 ? 1.0811 0.7927 0.9039 0.0276  -0.0881 -0.0058 510 GLU A CG  
111 C CD  . GLU A 19 ? 1.2185 0.9445 1.0180 0.0762  -0.0846 -0.0217 510 GLU A CD  
112 O OE1 . GLU A 19 ? 1.1479 0.9052 0.9567 0.1096  -0.0739 -0.0199 510 GLU A OE1 
113 O OE2 . GLU A 19 ? 1.3652 1.0788 1.1374 0.0806  -0.0924 -0.0369 510 GLU A OE2 
114 N N   . LYS A 20 ? 0.8225 0.6946 0.7968 -0.0492 -0.0560 0.0292  511 LYS A N   
115 C CA  . LYS A 20 ? 0.7667 0.6700 0.7748 -0.0773 -0.0602 0.0311  511 LYS A CA  
116 C C   . LYS A 20 ? 0.6618 0.6221 0.7044 -0.0627 -0.0529 0.0356  511 LYS A C   
117 O O   . LYS A 20 ? 0.6780 0.6549 0.7271 -0.0672 -0.0654 0.0337  511 LYS A O   
118 C CB  . LYS A 20 ? 0.7682 0.6893 0.8082 -0.1085 -0.0501 0.0398  511 LYS A CB  
119 C CG  . LYS A 20 ? 0.8187 0.6830 0.8233 -0.1383 -0.0602 0.0403  511 LYS A CG  
120 C CD  . LYS A 20 ? 0.7793 0.6785 0.8177 -0.1720 -0.0456 0.0496  511 LYS A CD  
121 C CE  . LYS A 20 ? 0.9422 0.7870 0.9441 -0.2126 -0.0548 0.0542  511 LYS A CE  
122 N NZ  . LYS A 20 ? 1.0873 0.9722 1.1155 -0.2431 -0.0336 0.0652  511 LYS A NZ  
123 N N   . LEU A 21 ? 0.5572 0.5441 0.6180 -0.0471 -0.0350 0.0426  512 LEU A N   
124 C CA  . LEU A 21 ? 0.5491 0.5749 0.6349 -0.0374 -0.0276 0.0506  512 LEU A CA  
125 C C   . LEU A 21 ? 0.6841 0.7066 0.7360 -0.0192 -0.0352 0.0482  512 LEU A C   
126 O O   . LEU A 21 ? 0.6629 0.7004 0.7180 -0.0186 -0.0438 0.0536  512 LEU A O   
127 C CB  . LEU A 21 ? 0.5314 0.5768 0.6360 -0.0324 -0.0082 0.0571  512 LEU A CB  
128 C CG  . LEU A 21 ? 0.5909 0.6478 0.7289 -0.0475 0.0027  0.0588  512 LEU A CG  
129 C CD1 . LEU A 21 ? 0.5483 0.6155 0.6897 -0.0439 0.0167  0.0608  512 LEU A CD1 
130 C CD2 . LEU A 21 ? 0.4836 0.5618 0.6566 -0.0503 0.0026  0.0628  512 LEU A CD2 
131 N N   . ASN A 22 ? 0.7336 0.7393 0.7502 -0.0009 -0.0325 0.0399  513 ASN A N   
132 C CA  . ASN A 22 ? 0.6890 0.6945 0.6666 0.0187  -0.0364 0.0335  513 ASN A CA  
133 C C   . ASN A 22 ? 0.6565 0.6336 0.6065 0.0106  -0.0598 0.0234  513 ASN A C   
134 O O   . ASN A 22 ? 0.6464 0.6364 0.5747 0.0179  -0.0656 0.0241  513 ASN A O   
135 C CB  . ASN A 22 ? 0.6566 0.6525 0.6036 0.0457  -0.0298 0.0211  513 ASN A CB  
136 C CG  . ASN A 22 ? 0.6899 0.7403 0.6616 0.0551  -0.0074 0.0309  513 ASN A CG  
137 O OD1 . ASN A 22 ? 0.7264 0.8136 0.7096 0.0484  0.0038  0.0437  513 ASN A OD1 
138 N ND2 . ASN A 22 ? 0.6964 0.7517 0.6739 0.0683  -0.0027 0.0262  513 ASN A ND2 
139 N N   . ASP A 23 ? 0.6856 0.6265 0.6348 -0.0094 -0.0743 0.0156  514 ASP A N   
140 C CA  . ASP A 23 ? 0.7209 0.6421 0.6520 -0.0280 -0.0995 0.0058  514 ASP A CA  
141 C C   . ASP A 23 ? 0.7892 0.7640 0.7589 -0.0372 -0.1056 0.0187  514 ASP A C   
142 O O   . ASP A 23 ? 0.8446 0.8255 0.7896 -0.0339 -0.1231 0.0147  514 ASP A O   
143 C CB  . ASP A 23 ? 0.8731 0.7564 0.8073 -0.0596 -0.1104 0.0008  514 ASP A CB  
144 C CG  . ASP A 23 ? 1.0495 0.8535 0.9262 -0.0502 -0.1155 -0.0131 514 ASP A CG  
145 O OD1 . ASP A 23 ? 1.0584 0.8374 0.8902 -0.0152 -0.1148 -0.0258 514 ASP A OD1 
146 O OD2 . ASP A 23 ? 1.1060 0.8709 0.9800 -0.0777 -0.1204 -0.0107 514 ASP A OD2 
147 N N   . ARG A 24 ? 0.7865 0.7985 0.8127 -0.0446 -0.0923 0.0335  515 ARG A N   
148 C CA  . ARG A 24 ? 0.7333 0.7917 0.7984 -0.0447 -0.0987 0.0460  515 ARG A CA  
149 C C   . ARG A 24 ? 0.7295 0.7953 0.7685 -0.0217 -0.0978 0.0573  515 ARG A C   
150 O O   . ARG A 24 ? 0.7543 0.8367 0.7854 -0.0181 -0.1179 0.0621  515 ARG A O   
151 C CB  . ARG A 24 ? 0.6793 0.7655 0.8004 -0.0484 -0.0805 0.0558  515 ARG A CB  
152 C CG  . ARG A 24 ? 0.5867 0.6906 0.7437 -0.0744 -0.0830 0.0494  515 ARG A CG  
153 C CD  . ARG A 24 ? 0.5312 0.6764 0.7441 -0.0685 -0.0670 0.0570  515 ARG A CD  
154 N NE  . ARG A 24 ? 0.4986 0.6903 0.7475 -0.0568 -0.0824 0.0623  515 ARG A NE  
155 C CZ  . ARG A 24 ? 0.5574 0.7778 0.8488 -0.0388 -0.0724 0.0681  515 ARG A CZ  
156 N NH1 . ARG A 24 ? 0.6083 0.8130 0.9067 -0.0362 -0.0468 0.0671  515 ARG A NH1 
157 N NH2 . ARG A 24 ? 0.5082 0.7701 0.8319 -0.0203 -0.0897 0.0734  515 ARG A NH2 
158 N N   . ILE A 25 ? 0.6481 0.7065 0.6729 -0.0083 -0.0752 0.0633  516 ILE A N   
159 C CA  . ILE A 25 ? 0.6920 0.7594 0.6886 0.0064  -0.0690 0.0777  516 ILE A CA  
160 C C   . ILE A 25 ? 0.7683 0.8255 0.7058 0.0148  -0.0848 0.0671  516 ILE A C   
161 O O   . ILE A 25 ? 0.8019 0.8692 0.7169 0.0196  -0.0979 0.0788  516 ILE A O   
162 C CB  . ILE A 25 ? 0.6949 0.7675 0.6909 0.0114  -0.0407 0.0834  516 ILE A CB  
163 C CG1 . ILE A 25 ? 0.6798 0.7564 0.7268 0.0006  -0.0283 0.0887  516 ILE A CG1 
164 C CG2 . ILE A 25 ? 0.6616 0.7478 0.6283 0.0173  -0.0299 0.1023  516 ILE A CG2 
165 C CD1 . ILE A 25 ? 0.7383 0.8250 0.7887 0.0000  -0.0057 0.0902  516 ILE A CD1 
166 N N   . SER A 26 ? 0.7231 0.7541 0.6281 0.0186  -0.0860 0.0439  517 SER A N   
167 C CA  . SER A 26 ? 0.8279 0.8410 0.6684 0.0288  -0.1007 0.0272  517 SER A CA  
168 C C   . SER A 26 ? 0.7738 0.7890 0.6104 0.0139  -0.1339 0.0256  517 SER A C   
169 O O   . SER A 26 ? 0.8460 0.8652 0.6348 0.0213  -0.1479 0.0246  517 SER A O   
170 C CB  . SER A 26 ? 0.8441 0.8125 0.6495 0.0380  -0.1009 -0.0011 517 SER A CB  
171 O OG  . SER A 26 ? 0.8169 0.7969 0.6297 0.0574  -0.0731 0.0002  517 SER A OG  
172 N N   . HIS A 27 ? 0.9575 0.9777 0.8440 -0.0081 -0.1470 0.0252  518 HIS A N   
173 C CA  . HIS A 27 ? 0.9350 0.9766 0.8321 -0.0243 -0.1800 0.0236  518 HIS A CA  
174 C C   . HIS A 27 ? 0.8651 0.9492 0.7796 -0.0103 -0.1861 0.0497  518 HIS A C   
175 O O   . HIS A 27 ? 0.8358 0.9379 0.7308 -0.0110 -0.2162 0.0500  518 HIS A O   
176 C CB  . HIS A 27 ? 0.8880 0.9400 0.8421 -0.0534 -0.1865 0.0183  518 HIS A CB  
177 C CG  . HIS A 27 ? 0.9262 1.0192 0.9062 -0.0748 -0.2200 0.0151  518 HIS A CG  
178 N ND1 . HIS A 27 ? 0.8547 1.0094 0.8817 -0.0637 -0.2303 0.0337  518 HIS A ND1 
179 C CD2 . HIS A 27 ? 0.9944 1.0783 0.9631 -0.1079 -0.2472 -0.0048 518 HIS A CD2 
180 C CE1 . HIS A 27 ? 0.9243 1.1199 0.9740 -0.0860 -0.2627 0.0251  518 HIS A CE1 
181 N NE2 . HIS A 27 ? 1.0153 1.1703 1.0306 -0.1177 -0.2733 0.0017  518 HIS A NE2 
182 N N   . ASP A 28 ? 0.7151 0.8092 0.6594 0.0026  -0.1609 0.0720  519 ASP A N   
183 C CA  . ASP A 28 ? 0.7072 0.8196 0.6518 0.0185  -0.1671 0.0994  519 ASP A CA  
184 C C   . ASP A 28 ? 0.7642 0.8619 0.6320 0.0302  -0.1655 0.1072  519 ASP A C   
185 O O   . ASP A 28 ? 0.8102 0.9176 0.6492 0.0390  -0.1881 0.1228  519 ASP A O   
186 C CB  . ASP A 28 ? 0.7213 0.8329 0.7101 0.0249  -0.1417 0.1191  519 ASP A CB  
187 C CG  . ASP A 28 ? 0.7396 0.8703 0.7996 0.0159  -0.1383 0.1100  519 ASP A CG  
188 O OD1 . ASP A 28 ? 0.7141 0.8647 0.7950 0.0007  -0.1547 0.0924  519 ASP A OD1 
189 O OD2 . ASP A 28 ? 0.7685 0.8935 0.8602 0.0211  -0.1180 0.1203  519 ASP A OD2 
190 N N   . GLU A 29 ? 0.8141 0.8941 0.6465 0.0324  -0.1391 0.0969  520 GLU A N   
191 C CA  . GLU A 29 ? 0.9689 1.0468 0.7277 0.0433  -0.1312 0.1023  520 GLU A CA  
192 C C   . GLU A 29 ? 0.8928 0.9658 0.5931 0.0454  -0.1631 0.0850  520 GLU A C   
193 O O   . GLU A 29 ? 0.9503 1.0294 0.5935 0.0531  -0.1703 0.0998  520 GLU A O   
194 C CB  . GLU A 29 ? 0.8177 0.8937 0.5582 0.0495  -0.0968 0.0887  520 GLU A CB  
195 C CG  . GLU A 29 ? 0.8090 0.8974 0.5962 0.0438  -0.0674 0.1091  520 GLU A CG  
196 C CD  . GLU A 29 ? 0.8465 0.9480 0.6347 0.0501  -0.0377 0.0938  520 GLU A CD  
197 O OE1 . GLU A 29 ? 0.9048 0.9995 0.6568 0.0652  -0.0390 0.0659  520 GLU A OE1 
198 O OE2 . GLU A 29 ? 0.9042 1.0219 0.7308 0.0415  -0.0155 0.1080  520 GLU A OE2 
199 N N   . GLN A 30 ? 0.9949 0.5737 0.9324 -0.1005 -0.4286 0.0745  521 GLN A N   
200 C CA  . GLN A 30 ? 1.2294 0.6928 1.0751 -0.0788 -0.4809 0.0559  521 GLN A CA  
201 C C   . GLN A 30 ? 1.2210 0.7589 0.9671 -0.0987 -0.4212 0.0824  521 GLN A C   
202 O O   . GLN A 30 ? 1.3100 0.7834 0.9815 -0.0470 -0.3918 0.0418  521 GLN A O   
203 C CB  . GLN A 30 ? 1.3041 0.6602 1.1384 -0.1412 -0.6488 0.1008  521 GLN A CB  
204 C CG  . GLN A 30 ? 1.4814 0.7194 1.2146 -0.1312 -0.7145 0.0912  521 GLN A CG  
205 C CD  . GLN A 30 ? 1.5982 0.7366 1.3244 -0.0201 -0.6637 -0.0074 521 GLN A CD  
206 O OE1 . GLN A 30 ? 1.7287 0.8234 1.5399 0.0434  -0.6503 -0.0713 521 GLN A OE1 
207 N NE2 . GLN A 30 ? 1.5877 0.6948 1.2124 0.0009  -0.6365 -0.0226 521 GLN A NE2 
208 N N   . ALA A 31 ? 1.0706 0.7487 0.8173 -0.1717 -0.4007 0.1452  522 ALA A N   
209 C CA  . ALA A 31 ? 1.0809 0.8457 0.7503 -0.1827 -0.3371 0.1621  522 ALA A CA  
210 C C   . ALA A 31 ? 1.1152 0.9190 0.7825 -0.0997 -0.1930 0.1048  522 ALA A C   
211 O O   . ALA A 31 ? 1.1016 0.9050 0.6879 -0.0731 -0.1462 0.0915  522 ALA A O   
212 C CB  . ALA A 31 ? 0.9815 0.8982 0.6972 -0.2675 -0.3211 0.2178  522 ALA A CB  
213 N N   . ILE A 32 ? 1.1112 0.9511 0.8627 -0.0635 -0.1231 0.0734  523 ILE A N   
214 C CA  . ILE A 32 ? 1.0091 0.8739 0.7497 0.0111  0.0098  0.0181  523 ILE A CA  
215 C C   . ILE A 32 ? 1.2002 0.9303 0.8869 0.0847  0.0186  -0.0496 523 ILE A C   
216 O O   . ILE A 32 ? 1.2976 1.0238 0.9227 0.1329  0.1069  -0.0866 523 ILE A O   
217 C CB  . ILE A 32 ? 0.8742 0.8103 0.7174 0.0281  0.0804  -0.0001 523 ILE A CB  
218 C CG1 . ILE A 32 ? 0.7878 0.8758 0.6694 -0.0400 0.0983  0.0599  523 ILE A CG1 
219 C CG2 . ILE A 32 ? 0.7873 0.7222 0.6178 0.1058  0.2064  -0.0652 523 ILE A CG2 
220 C CD1 . ILE A 32 ? 0.7333 0.8879 0.7217 -0.0389 0.1437  0.0532  523 ILE A CD1 
221 N N   . ARG A 33 ? 1.2431 0.8588 0.9462 0.0899  -0.0792 -0.0658 524 ARG A N   
222 C CA  . ARG A 33 ? 1.2057 0.6933 0.8645 0.1566  -0.0833 -0.1359 524 ARG A CA  
223 C C   . ARG A 33 ? 1.3521 0.7835 0.8905 0.1434  -0.1213 -0.1178 524 ARG A C   
224 O O   . ARG A 33 ? 1.3496 0.7124 0.8198 0.1981  -0.0779 -0.1731 524 ARG A O   
225 C CB  . ARG A 33 ? 1.2203 0.6074 0.9540 0.1697  -0.1826 -0.1641 524 ARG A CB  
226 C CG  . ARG A 33 ? 1.2059 0.5815 1.0200 0.2452  -0.1121 -0.2499 524 ARG A CG  
227 C CD  . ARG A 33 ? 1.2882 0.5923 1.1974 0.2583  -0.2054 -0.2780 524 ARG A CD  
228 N NE  . ARG A 33 ? 1.3510 0.6319 1.3042 0.1921  -0.3314 -0.2100 524 ARG A NE  
229 C CZ  . ARG A 33 ? 1.4360 0.7796 1.4912 0.1698  -0.3355 -0.1892 524 ARG A CZ  
230 N NH1 . ARG A 33 ? 1.3252 0.7429 1.4473 0.2182  -0.2232 -0.2385 524 ARG A NH1 
231 N NH2 . ARG A 33 ? 1.5479 0.8832 1.6321 0.0926  -0.4513 -0.1160 524 ARG A NH2 
232 N N   . ASP A 34 ? 1.3932 0.8543 0.9022 0.0670  -0.2044 -0.0425 525 ASP A N   
233 C CA  . ASP A 34 ? 1.3743 0.7984 0.7710 0.0494  -0.2377 -0.0211 525 ASP A CA  
234 C C   . ASP A 34 ? 1.2785 0.7834 0.6158 0.0702  -0.1270 -0.0248 525 ASP A C   
235 O O   . ASP A 34 ? 1.3995 0.8396 0.6492 0.1112  -0.0955 -0.0588 525 ASP A O   
236 C CB  . ASP A 34 ? 1.2411 0.6931 0.6252 -0.0454 -0.3529 0.0598  525 ASP A CB  
237 C CG  . ASP A 34 ? 1.4026 0.7448 0.8239 -0.0697 -0.4810 0.0670  525 ASP A CG  
238 O OD1 . ASP A 34 ? 1.4668 0.6824 0.8905 -0.0053 -0.4979 0.0037  525 ASP A OD1 
239 O OD2 . ASP A 34 ? 1.2864 0.6799 0.7588 -0.1518 -0.5423 0.1275  525 ASP A OD2 
240 N N   . LEU A 35 ? 0.6347 0.4060 0.9076 0.0255  -0.1258 0.0682  526 LEU A N   
241 C CA  . LEU A 35 ? 0.8030 0.5992 1.0184 0.0201  -0.1376 0.0811  526 LEU A CA  
242 C C   . LEU A 35 ? 0.8509 0.6871 1.0587 0.0375  -0.1036 0.0961  526 LEU A C   
243 O O   . LEU A 35 ? 1.0509 0.9028 1.1914 0.0425  -0.0958 0.0771  526 LEU A O   
244 C CB  . LEU A 35 ? 0.8428 0.6663 1.0562 -0.0025 -0.1616 0.1084  526 LEU A CB  
245 C CG  . LEU A 35 ? 0.9364 0.7757 1.1307 -0.0194 -0.1822 0.0835  526 LEU A CG  
246 C CD1 . LEU A 35 ? 0.9999 0.8673 1.1603 -0.0353 -0.1920 0.0856  526 LEU A CD1 
247 C CD2 . LEU A 35 ? 1.0118 0.8132 1.1636 -0.0156 -0.2028 0.0553  526 LEU A CD2 
248 N N   . THR A 36 ? 0.7089 0.5709 0.9853 0.0462  -0.0837 0.1339  527 THR A N   
249 C CA  . THR A 36 ? 0.7700 0.6888 1.0424 0.0620  -0.0508 0.1545  527 THR A CA  
250 C C   . THR A 36 ? 0.7880 0.7159 1.0175 0.0937  -0.0120 0.1017  527 THR A C   
251 O O   . THR A 36 ? 0.8094 0.7785 0.9982 0.1045  0.0091  0.1014  527 THR A O   
252 C CB  . THR A 36 ? 0.6171 0.5780 0.9758 0.0657  -0.0368 0.2096  527 THR A CB  
253 O OG1 . THR A 36 ? 0.7118 0.7465 1.0735 0.0880  0.0032  0.2266  527 THR A OG1 
254 C CG2 . THR A 36 ? 0.5631 0.5017 0.9755 0.0821  -0.0256 0.1927  527 THR A CG2 
255 N N   . LEU A 37 ? 0.7235 0.6064 0.9528 0.1067  -0.0071 0.0563  528 LEU A N   
256 C CA  . LEU A 37 ? 0.8572 0.7262 1.0251 0.1326  0.0171  0.0006  528 LEU A CA  
257 C C   . LEU A 37 ? 0.9335 0.7890 1.0191 0.1125  -0.0019 -0.0283 528 LEU A C   
258 O O   . LEU A 37 ? 0.9284 0.8049 0.9575 0.1286  0.0201  -0.0512 528 LEU A O   
259 C CB  . LEU A 37 ? 0.9965 0.8037 1.1756 0.1457  0.0153  -0.0370 528 LEU A CB  
260 C CG  . LEU A 37 ? 1.2363 1.0074 1.3513 0.1771  0.0347  -0.0950 528 LEU A CG  
261 C CD1 . LEU A 37 ? 1.1953 0.9511 1.3480 0.2209  0.0573  -0.1001 528 LEU A CD1 
262 C CD2 . LEU A 37 ? 1.4198 1.1217 1.4825 0.1466  -0.0005 -0.1363 528 LEU A CD2 
263 N N   . GLU A 38 ? 0.8123 0.6411 0.8894 0.0801  -0.0426 -0.0254 529 GLU A N   
264 C CA  . GLU A 38 ? 0.8877 0.7141 0.8865 0.0650  -0.0619 -0.0511 529 GLU A CA  
265 C C   . GLU A 38 ? 0.8698 0.7373 0.8297 0.0679  -0.0563 -0.0291 529 GLU A C   
266 O O   . GLU A 38 ? 0.9256 0.8019 0.8142 0.0716  -0.0506 -0.0583 529 GLU A O   
267 C CB  . GLU A 38 ? 0.7732 0.5798 0.7744 0.0367  -0.1066 -0.0453 529 GLU A CB  
268 N N   . ILE A 39 ? 0.7766 0.6675 0.7802 0.0638  -0.0600 0.0243  530 ILE A N   
269 C CA  . ILE A 39 ? 0.8195 0.7413 0.7841 0.0599  -0.0630 0.0528  530 ILE A CA  
270 C C   . ILE A 39 ? 0.8142 0.7793 0.7599 0.0833  -0.0176 0.0394  530 ILE A C   
271 O O   . ILE A 39 ? 0.7768 0.7566 0.6549 0.0848  -0.0141 0.0259  530 ILE A O   
272 C CB  . ILE A 39 ? 0.8132 0.7435 0.8289 0.0432  -0.0843 0.1192  530 ILE A CB  
273 C CG1 . ILE A 39 ? 0.8728 0.7569 0.8888 0.0245  -0.1343 0.1323  530 ILE A CG1 
274 C CG2 . ILE A 39 ? 0.9508 0.9089 0.9246 0.0350  -0.0896 0.1533  530 ILE A CG2 
275 C CD1 . ILE A 39 ? 0.9735 0.8536 1.0514 0.0083  -0.1556 0.1944  530 ILE A CD1 
276 N N   . GLU A 40 ? 0.7893 0.7791 0.7923 0.1059  0.0175  0.0439  531 GLU A N   
277 C CA  . GLU A 40 ? 0.8253 0.8608 0.8079 0.1382  0.0626  0.0267  531 GLU A CA  
278 C C   . GLU A 40 ? 0.8080 0.8116 0.7085 0.1483  0.0682  -0.0374 531 GLU A C   
279 O O   . GLU A 40 ? 0.7674 0.8028 0.6144 0.1575  0.0855  -0.0472 531 GLU A O   
280 C CB  . GLU A 40 ? 0.9376 0.9936 0.9846 0.1721  0.0956  0.0295  531 GLU A CB  
281 C CG  . GLU A 40 ? 1.1130 1.2115 1.1320 0.2202  0.1434  0.0018  531 GLU A CG  
282 C CD  . GLU A 40 ? 1.1838 1.3148 1.2642 0.2629  0.1745  0.0127  531 GLU A CD  
283 O OE1 . GLU A 40 ? 1.2402 1.3169 1.3033 0.2964  0.1836  -0.0371 531 GLU A OE1 
284 O OE2 . GLU A 40 ? 1.1728 1.3833 1.3145 0.2631  0.1870  0.0730  531 GLU A OE2 
285 N N   . ASN A 41 ? 0.7983 0.7408 0.6862 0.1412  0.0494  -0.0775 532 ASN A N   
286 C CA  . ASN A 41 ? 0.9715 0.8822 0.7829 0.1456  0.0507  -0.1358 532 ASN A CA  
287 C C   . ASN A 41 ? 0.8762 0.7997 0.6209 0.1245  0.0305  -0.1390 532 ASN A C   
288 O O   . ASN A 41 ? 1.0238 0.9576 0.7045 0.1359  0.0471  -0.1698 532 ASN A O   
289 C CB  . ASN A 41 ? 1.1362 0.9823 0.9520 0.1331  0.0272  -0.1676 532 ASN A CB  
290 C CG  . ASN A 41 ? 1.1841 0.9987 1.0314 0.1645  0.0487  -0.1847 532 ASN A CG  
291 O OD1 . ASN A 41 ? 1.2782 1.1026 1.0987 0.2031  0.0823  -0.2060 532 ASN A OD1 
292 N ND2 . ASN A 41 ? 1.1436 0.9194 1.0432 0.1521  0.0280  -0.1760 532 ASN A ND2 
293 N N   . ALA A 42 ? 0.7746 0.6949 0.5280 0.0981  -0.0066 -0.1092 533 ALA A N   
294 C CA  . ALA A 42 ? 0.8104 0.7429 0.4956 0.0863  -0.0286 -0.1073 533 ALA A CA  
295 C C   . ALA A 42 ? 0.8149 0.7873 0.4726 0.0983  -0.0044 -0.0910 533 ALA A C   
296 O O   . ALA A 42 ? 0.7892 0.7714 0.3754 0.1031  0.0018  -0.1184 533 ALA A O   
297 C CB  . ALA A 42 ? 0.6679 0.5878 0.3666 0.0670  -0.0733 -0.0701 533 ALA A CB  
298 N N   . ARG A 43 ? 0.7570 0.7592 0.4722 0.1018  0.0099  -0.0442 534 ARG A N   
299 C CA  . ARG A 43 ? 0.7355 0.7885 0.4304 0.1092  0.0328  -0.0213 534 ARG A CA  
300 C C   . ARG A 43 ? 0.9027 0.9777 0.5627 0.1393  0.0765  -0.0679 534 ARG A C   
301 O O   . ARG A 43 ? 0.9679 1.0635 0.5646 0.1425  0.0850  -0.0804 534 ARG A O   
302 C CB  . ARG A 43 ? 0.8253 0.9219 0.5960 0.1054  0.0419  0.0417  534 ARG A CB  
303 C CG  . ARG A 43 ? 0.9269 0.9964 0.7245 0.0742  -0.0049 0.0926  534 ARG A CG  
304 C CD  . ARG A 43 ? 1.0192 1.1329 0.8247 0.0545  -0.0133 0.1603  534 ARG A CD  
305 N NE  . ARG A 43 ? 0.8857 1.0553 0.7816 0.0568  0.0101  0.2062  534 ARG A NE  
306 C CZ  . ARG A 43 ? 0.9722 1.2284 0.8920 0.0681  0.0476  0.2346  534 ARG A CZ  
307 N NH1 . ARG A 43 ? 1.0503 1.3671 1.0545 0.0738  0.0678  0.2781  534 ARG A NH1 
308 N NH2 . ARG A 43 ? 1.0407 1.3315 0.9005 0.0754  0.0650  0.2220  534 ARG A NH2 
309 N N   . SER A 44 ? 0.8400 0.9031 0.5333 0.1636  0.1013  -0.0962 535 SER A N   
310 C CA  . SER A 44 ? 0.9474 1.0182 0.5981 0.1984  0.1384  -0.1430 535 SER A CA  
311 C C   . SER A 44 ? 0.9270 0.9637 0.4901 0.1885  0.1251  -0.1924 535 SER A C   
312 O O   . SER A 44 ? 0.9769 1.0386 0.4859 0.2055  0.1483  -0.2130 535 SER A O   
313 C CB  . SER A 44 ? 1.0846 1.1225 0.7695 0.2271  0.1544  -0.1698 535 SER A CB  
314 O OG  . SER A 44 ? 1.2793 1.2750 0.8955 0.2482  0.1649  -0.2322 535 SER A OG  
315 N N   . GLU A 45 ? 0.8726 0.5203 0.7742 0.0110  0.0006  0.1245  536 GLU A N   
316 C CA  . GLU A 45 ? 0.8758 0.5555 0.8709 0.0079  0.0260  0.1012  536 GLU A CA  
317 C C   . GLU A 45 ? 0.8715 0.6020 0.8800 0.0124  0.0097  0.0977  536 GLU A C   
318 O O   . GLU A 45 ? 0.7093 0.5106 0.7994 0.0195  -0.0047 0.0720  536 GLU A O   
319 C CB  . GLU A 45 ? 0.8337 0.4368 0.8263 -0.0030 0.0862  0.1099  536 GLU A CB  
320 C CG  . GLU A 45 ? 1.0367 0.5851 1.0328 -0.0100 0.1095  0.1149  536 GLU A CG  
321 C CD  . GLU A 45 ? 1.2365 0.6993 1.1972 -0.0179 0.1736  0.1376  536 GLU A CD  
322 O OE1 . GLU A 45 ? 1.1694 0.6438 1.1718 -0.0201 0.2092  0.1342  536 GLU A OE1 
323 O OE2 . GLU A 45 ? 1.4098 0.7944 1.2972 -0.0187 0.1888  0.1591  536 GLU A OE2 
324 N N   . ALA A 46 ? 0.7980 0.4865 0.7253 0.0106  0.0080  0.1217  537 ALA A N   
325 C CA  . ALA A 46 ? 0.7214 0.4494 0.6623 0.0144  -0.0098 0.1190  537 ALA A CA  
326 C C   . ALA A 46 ? 0.7585 0.5745 0.7266 0.0218  -0.0580 0.1163  537 ALA A C   
327 O O   . ALA A 46 ? 0.7185 0.5936 0.7394 0.0294  -0.0719 0.1006  537 ALA A O   
328 C CB  . ALA A 46 ? 0.7165 0.3773 0.5633 0.0129  -0.0130 0.1447  537 ALA A CB  
329 N N   . LEU A 47 ? 0.7493 0.5749 0.6794 0.0229  -0.0828 0.1323  538 LEU A N   
330 C CA  . LEU A 47 ? 0.7245 0.6384 0.6735 0.0338  -0.1232 0.1356  538 LEU A CA  
331 C C   . LEU A 47 ? 0.7336 0.7166 0.7659 0.0510  -0.1273 0.0995  538 LEU A C   
332 O O   . LEU A 47 ? 0.6772 0.7290 0.7414 0.0643  -0.1491 0.0920  538 LEU A O   
333 C CB  . LEU A 47 ? 0.8059 0.7156 0.7067 0.0342  -0.1421 0.1559  538 LEU A CB  
334 C CG  . LEU A 47 ? 0.8582 0.8596 0.7663 0.0451  -0.1796 0.1716  538 LEU A CG  
335 C CD1 . LEU A 47 ? 0.8989 0.9212 0.8065 0.0391  -0.1824 0.1804  538 LEU A CD1 
336 C CD2 . LEU A 47 ? 0.8778 0.8616 0.7414 0.0426  -0.1781 0.1801  538 LEU A CD2 
337 N N   . LEU A 48 ? 0.6830 0.6417 0.7516 0.0520  -0.1085 0.0761  539 LEU A N   
338 C CA  . LEU A 48 ? 0.5729 0.5884 0.7264 0.0702  -0.1205 0.0370  539 LEU A CA  
339 C C   . LEU A 48 ? 0.5609 0.5903 0.7815 0.0702  -0.1086 0.0139  539 LEU A C   
340 O O   . LEU A 48 ? 0.6054 0.6993 0.8834 0.0915  -0.1343 -0.0150 539 LEU A O   
341 C CB  . LEU A 48 ? 0.5596 0.5353 0.7417 0.0678  -0.1076 0.0200  539 LEU A CB  
342 C CG  . LEU A 48 ? 0.6926 0.6658 0.8222 0.0767  -0.1285 0.0314  539 LEU A CG  
343 C CD1 . LEU A 48 ? 0.7368 0.6389 0.8791 0.0672  -0.1090 0.0227  539 LEU A CD1 
344 C CD2 . LEU A 48 ? 0.6839 0.7525 0.8335 0.1100  -0.1728 0.0131  539 LEU A CD2 
345 N N   . GLY A 49 ? 0.6742 0.6436 0.8857 0.0509  -0.0713 0.0241  540 GLY A N   
346 C CA  . GLY A 49 ? 0.5235 0.5078 0.8030 0.0522  -0.0582 0.0011  540 GLY A CA  
347 C C   . GLY A 49 ? 0.5438 0.5800 0.8093 0.0661  -0.0915 0.0029  540 GLY A C   
348 O O   . GLY A 49 ? 0.5500 0.6330 0.8832 0.0810  -0.1061 -0.0275 540 GLY A O   
349 N N   . GLU A 50 ? 0.5674 0.5940 0.7477 0.0615  -0.1072 0.0392  541 GLU A N   
350 C CA  . GLU A 50 ? 0.5745 0.6395 0.7367 0.0699  -0.1366 0.0502  541 GLU A CA  
351 C C   . GLU A 50 ? 0.5352 0.6849 0.7147 0.0938  -0.1738 0.0435  541 GLU A C   
352 O O   . GLU A 50 ? 0.4722 0.6675 0.6808 0.1119  -0.1944 0.0284  541 GLU A O   
353 C CB  . GLU A 50 ? 0.6140 0.6316 0.6891 0.0536  -0.1420 0.0935  541 GLU A CB  
354 C CG  . GLU A 50 ? 0.7579 0.6886 0.8026 0.0403  -0.1080 0.0967  541 GLU A CG  
355 C CD  . GLU A 50 ? 0.7620 0.6287 0.7142 0.0272  -0.1151 0.1345  541 GLU A CD  
356 O OE1 . GLU A 50 ? 0.7950 0.6907 0.7177 0.0241  -0.1511 0.1615  541 GLU A OE1 
357 O OE2 . GLU A 50 ? 0.8655 0.6539 0.7760 0.0220  -0.0854 0.1378  541 GLU A OE2 
358 N N   . LEU A 51 ? 0.5702 0.6873 0.6728 0.0956  0.0236  -0.1121 542 LEU A N   
359 C CA  . LEU A 51 ? 0.5092 0.6261 0.6300 0.0842  0.0355  -0.1384 542 LEU A CA  
360 C C   . LEU A 51 ? 0.5942 0.7016 0.6917 0.0738  0.0272  -0.1127 542 LEU A C   
361 O O   . LEU A 51 ? 0.5603 0.6679 0.6398 0.0617  0.0454  -0.1202 542 LEU A O   
362 C CB  . LEU A 51 ? 0.4936 0.6075 0.6688 0.0913  0.0168  -0.1816 542 LEU A CB  
363 C CG  . LEU A 51 ? 0.6420 0.7604 0.8575 0.1052  0.0098  -0.2107 542 LEU A CG  
364 C CD1 . LEU A 51 ? 0.5948 0.7075 0.8762 0.1114  -0.0155 -0.2523 542 LEU A CD1 
365 C CD2 . LEU A 51 ? 0.5271 0.6625 0.7530 0.1009  0.0493  -0.2286 542 LEU A CD2 
366 N N   . GLY A 52 ? 0.4764 0.5736 0.5736 0.0776  -0.0014 -0.0812 543 GLY A N   
367 C CA  . GLY A 52 ? 0.4074 0.4955 0.4978 0.0684  -0.0128 -0.0559 543 GLY A CA  
368 C C   . GLY A 52 ? 0.5596 0.6524 0.6162 0.0584  0.0102  -0.0350 543 GLY A C   
369 O O   . GLY A 52 ? 0.5836 0.6684 0.6293 0.0493  0.0074  -0.0385 543 GLY A O   
370 N N   . ILE A 53 ? 0.4886 0.5927 0.5296 0.0609  0.0292  -0.0162 544 ILE A N   
371 C CA  . ILE A 53 ? 0.4954 0.6024 0.5170 0.0524  0.0462  0.0026  544 ILE A CA  
372 C C   . ILE A 53 ? 0.5521 0.6554 0.5544 0.0436  0.0645  -0.0219 544 ILE A C   
373 O O   . ILE A 53 ? 0.5745 0.6657 0.5523 0.0327  0.0632  -0.0124 544 ILE A O   
374 C CB  . ILE A 53 ? 0.5315 0.6543 0.5526 0.0591  0.0622  0.0196  544 ILE A CB  
375 C CG1 . ILE A 53 ? 0.4476 0.5745 0.4755 0.0640  0.0522  0.0498  544 ILE A CG1 
376 C CG2 . ILE A 53 ? 0.6027 0.7276 0.6184 0.0511  0.0779  0.0315  544 ILE A CG2 
377 C CD1 . ILE A 53 ? 0.4453 0.5908 0.4638 0.0743  0.0700  0.0561  544 ILE A CD1 
378 N N   . ILE A 54 ? 0.5355 0.6472 0.5486 0.0475  0.0812  -0.0527 545 ILE A N   
379 C CA  . ILE A 54 ? 0.5671 0.6776 0.5650 0.0364  0.1077  -0.0725 545 ILE A CA  
380 C C   . ILE A 54 ? 0.5868 0.6848 0.5588 0.0269  0.1030  -0.0879 545 ILE A C   
381 O O   . ILE A 54 ? 0.6384 0.7247 0.5655 0.0139  0.1141  -0.0795 545 ILE A O   
382 C CB  . ILE A 54 ? 0.6044 0.7289 0.6393 0.0427  0.1259  -0.1070 545 ILE A CB  
383 C CG1 . ILE A 54 ? 0.6540 0.7887 0.7061 0.0515  0.1309  -0.0952 545 ILE A CG1 
384 C CG2 . ILE A 54 ? 0.5294 0.6548 0.5579 0.0281  0.1601  -0.1322 545 ILE A CG2 
385 C CD1 . ILE A 54 ? 0.6081 0.7540 0.7072 0.0625  0.1353  -0.1307 545 ILE A CD1 
386 N N   . ARG A 55 ? 0.5768 0.6745 0.5750 0.0342  0.0819  -0.1105 546 ARG A N   
387 C CA  . ARG A 55 ? 0.5702 0.6588 0.5505 0.0281  0.0758  -0.1357 546 ARG A CA  
388 C C   . ARG A 55 ? 0.6300 0.7002 0.5745 0.0227  0.0514  -0.1066 546 ARG A C   
389 O O   . ARG A 55 ? 0.7509 0.8089 0.6488 0.0142  0.0534  -0.1201 546 ARG A O   
390 C CB  . ARG A 55 ? 0.5580 0.6502 0.5927 0.0387  0.0529  -0.1697 546 ARG A CB  
391 N N   . ALA A 56 ? 0.5964 0.6636 0.5608 0.0271  0.0289  -0.0680 547 ALA A N   
392 C CA  . ALA A 56 ? 0.6314 0.6817 0.5774 0.0217  0.0054  -0.0403 547 ALA A CA  
393 C C   . ALA A 56 ? 0.6908 0.7295 0.5788 0.0103  0.0212  -0.0284 547 ALA A C   
394 O O   . ALA A 56 ? 0.7701 0.7880 0.6147 0.0039  0.0046  -0.0314 547 ALA A O   
395 C CB  . ALA A 56 ? 0.5757 0.6310 0.5633 0.0265  -0.0094 -0.0006 547 ALA A CB  
396 N N   . LEU A 57 ? 0.5968 0.6455 0.4827 0.0082  0.0490  -0.0153 548 LEU A N   
397 C CA  . LEU A 57 ? 0.5475 0.5812 0.3839 -0.0043 0.0624  -0.0003 548 LEU A CA  
398 C C   . LEU A 57 ? 0.6950 0.7200 0.4733 -0.0148 0.0844  -0.0290 548 LEU A C   
399 O O   . LEU A 57 ? 0.8626 0.8625 0.5747 -0.0261 0.0787  -0.0177 548 LEU A O   
400 C CB  . LEU A 57 ? 0.6450 0.6926 0.5072 -0.0036 0.0866  0.0147  548 LEU A CB  
401 C CG  . LEU A 57 ? 0.6248 0.6831 0.5355 0.0057  0.0715  0.0413  548 LEU A CG  
402 C CD1 . LEU A 57 ? 0.4772 0.5594 0.4238 0.0147  0.0946  0.0332  548 LEU A CD1 
403 C CD2 . LEU A 57 ? 0.5620 0.6017 0.4667 -0.0014 0.0529  0.0741  548 LEU A CD2 
404 N N   . LEU A 58 ? 0.7687 0.8132 0.5695 -0.0114 0.1094  -0.0673 549 LEU A N   
405 C CA  . LEU A 58 ? 0.8059 0.8491 0.5593 -0.0231 0.1428  -0.0980 549 LEU A CA  
406 C C   . LEU A 58 ? 0.8952 0.9195 0.5889 -0.0259 0.1221  -0.1155 549 LEU A C   
407 O O   . LEU A 58 ? 0.9978 1.0080 0.6118 -0.0397 0.1436  -0.1215 549 LEU A O   
408 C CB  . LEU A 58 ? 0.7567 0.8276 0.5689 -0.0168 0.1697  -0.1423 549 LEU A CB  
409 C CG  . LEU A 58 ? 0.8449 0.9331 0.7044 -0.0172 0.2005  -0.1395 549 LEU A CG  
410 C CD1 . LEU A 58 ? 0.8991 1.0111 0.8364 -0.0047 0.2058  -0.1842 549 LEU A CD1 
411 C CD2 . LEU A 58 ? 0.8003 0.8837 0.6159 -0.0377 0.2465  -0.1325 549 LEU A CD2 
412 N N   . VAL A 59 ? 0.8911 0.9134 0.6205 -0.0133 0.0800  -0.1241 550 VAL A N   
413 C CA  . VAL A 59 ? 1.0380 1.0436 0.7246 -0.0125 0.0540  -0.1503 550 VAL A CA  
414 C C   . VAL A 59 ? 1.0967 1.0685 0.7190 -0.0183 0.0203  -0.1159 550 VAL A C   
415 O O   . VAL A 59 ? 1.1981 1.1507 0.7737 -0.0169 -0.0071 -0.1376 550 VAL A O   
416 C CB  . VAL A 59 ? 1.0009 1.0141 0.7643 0.0027  0.0157  -0.1734 550 VAL A CB  
417 C CG1 . VAL A 59 ? 0.9781 1.0189 0.8107 0.0100  0.0377  -0.2099 550 VAL A CG1 
418 C CG2 . VAL A 59 ? 0.9770 0.9841 0.7930 0.0087  -0.0206 -0.1272 550 VAL A CG2 
419 N N   . GLY A 60 ? 1.1266 1.0890 0.7500 -0.0232 0.0170  -0.0672 551 GLY A N   
420 C CA  . GLY A 60 ? 1.2582 1.1860 0.8353 -0.0280 -0.0210 -0.0338 551 GLY A CA  
421 C C   . GLY A 60 ? 1.3444 1.2463 0.8165 -0.0446 -0.0011 -0.0188 551 GLY A C   
422 O O   . GLY A 60 ? 1.4067 1.3186 0.8342 -0.0546 0.0479  -0.0382 551 GLY A O   
423 N N   . ASN A 61 ? 1.3665 1.2326 0.8030 -0.0488 -0.0408 0.0183  552 ASN A N   
424 C CA  . ASN A 61 ? 1.4967 1.3277 0.8318 -0.0660 -0.0337 0.0469  552 ASN A CA  
425 C C   . ASN A 61 ? 1.4831 1.3196 0.8719 -0.0720 -0.0177 0.0894  552 ASN A C   
426 O O   . ASN A 61 ? 1.5107 1.3240 0.9213 -0.0719 -0.0569 0.1267  552 ASN A O   
427 C CB  . ASN A 61 ? 1.5820 1.3642 0.8484 -0.0656 -0.0975 0.0604  552 ASN A CB  
428 C CG  . ASN A 61 ? 1.8324 1.5691 0.9723 -0.0843 -0.0960 0.0921  552 ASN A CG  
429 O OD1 . ASN A 61 ? 1.9420 1.6742 0.9793 -0.0965 -0.0554 0.0746  552 ASN A OD1 
430 N ND2 . ASN A 61 ? 1.9205 1.6225 1.0692 -0.0877 -0.1400 0.1402  552 ASN A ND2 
431 N N   . ILE A 62 ? 1.6785 1.1029 1.0391 0.0033  -0.1462 -0.0606 553 ILE A N   
432 C CA  . ILE A 62 ? 1.4541 0.9737 0.9574 -0.0074 -0.1542 -0.0229 553 ILE A CA  
433 C C   . ILE A 62 ? 1.4474 0.9804 0.9331 0.0246  -0.1132 0.0285  553 ILE A C   
434 O O   . ILE A 62 ? 1.5884 1.0790 0.9789 0.0597  -0.0661 0.0396  553 ILE A O   
435 C CB  . ILE A 62 ? 1.3271 0.8970 0.9708 -0.0182 -0.1355 -0.0180 553 ILE A CB  
436 C CG1 . ILE A 62 ? 1.4047 0.9415 1.0243 0.0165  -0.0658 -0.0101 553 ILE A CG1 
437 C CG2 . ILE A 62 ? 1.2486 0.8255 0.9263 -0.0577 -0.1876 -0.0606 553 ILE A CG2 
438 C CD1 . ILE A 62 ? 1.4563 1.0542 1.1464 0.0400  -0.0104 0.0450  553 ILE A CD1 
439 N N   . SER A 63 ? 1.3099 0.9001 0.8807 0.0134  -0.1335 0.0616  554 SER A N   
440 C CA  . SER A 63 ? 1.3092 0.9062 0.8602 0.0335  -0.1036 0.1151  554 SER A CA  
441 C C   . SER A 63 ? 1.4608 1.0804 1.0527 0.0505  -0.0319 0.1530  554 SER A C   
442 O O   . SER A 63 ? 1.5375 1.1798 1.2006 0.0469  -0.0095 0.1411  554 SER A O   
443 C CB  . SER A 63 ? 1.1096 0.7453 0.7413 0.0169  -0.1432 0.1414  554 SER A CB  
444 O OG  . SER A 63 ? 1.1739 0.8575 0.9432 -0.0009 -0.1336 0.1541  554 SER A OG  
445 N N   . ILE A 64 ? 1.4334 1.0567 0.9792 0.0697  0.0047  0.2031  555 ILE A N   
446 C CA  . ILE A 64 ? 1.3922 1.0533 0.9591 0.0892  0.0759  0.2424  555 ILE A CA  
447 C C   . ILE A 64 ? 1.2880 1.0193 1.0090 0.0581  0.0854  0.2774  555 ILE A C   
448 O O   . ILE A 64 ? 1.2806 1.0629 1.0565 0.0659  0.1347  0.2936  555 ILE A O   
449 C CB  . ILE A 64 ? 1.4403 1.0982 0.9061 0.1188  0.1150  0.2892  555 ILE A CB  
450 C CG1 . ILE A 64 ? 1.3578 1.0688 0.8282 0.1487  0.1911  0.3238  555 ILE A CG1 
451 C CG2 . ILE A 64 ? 1.3323 1.0084 0.8357 0.0930  0.0971  0.3437  555 ILE A CG2 
452 C CD1 . ILE A 64 ? 1.5519 1.2360 0.8731 0.2041  0.2311  0.3246  555 ILE A CD1 
453 N N   . GLY A 65 ? 1.1786 0.9142 0.9678 0.0255  0.0368  0.2864  556 GLY A N   
454 C CA  . GLY A 65 ? 1.0614 0.8519 0.9880 -0.0061 0.0396  0.3138  556 GLY A CA  
455 C C   . GLY A 65 ? 0.9638 0.7860 0.9828 -0.0151 0.0288  0.2706  556 GLY A C   
456 O O   . GLY A 65 ? 0.9990 0.8818 1.1129 -0.0258 0.0615  0.2894  556 GLY A O   
457 N N   . LEU A 66 ? 1.0055 0.7954 0.9979 -0.0130 -0.0170 0.2151  557 LEU A N   
458 C CA  . LEU A 66 ? 0.8692 0.6889 0.9427 -0.0225 -0.0275 0.1759  557 LEU A CA  
459 C C   . LEU A 66 ? 0.9161 0.7416 0.9697 0.0017  0.0324  0.1716  557 LEU A C   
460 O O   . LEU A 66 ? 0.8174 0.6939 0.9675 -0.0038 0.0501  0.1684  557 LEU A O   
461 C CB  . LEU A 66 ? 0.8106 0.6011 0.8487 -0.0309 -0.0902 0.1234  557 LEU A CB  
462 C CG  . LEU A 66 ? 0.8273 0.6422 0.9299 -0.0436 -0.1052 0.0821  557 LEU A CG  
463 C CD1 . LEU A 66 ? 0.6908 0.5829 0.9483 -0.0607 -0.1101 0.0940  557 LEU A CD1 
464 C CD2 . LEU A 66 ? 0.7109 0.5053 0.7626 -0.0583 -0.1679 0.0398  557 LEU A CD2 
465 N N   . GLN A 67 ? 1.0787 0.8551 1.0042 0.0345  0.0656  0.1731  558 GLN A N   
466 C CA  . GLN A 67 ? 1.0507 0.8318 0.9462 0.0705  0.1272  0.1740  558 GLN A CA  
467 C C   . GLN A 67 ? 0.9679 0.8452 0.9619 0.0713  0.1801  0.2291  558 GLN A C   
468 O O   . GLN A 67 ? 0.9788 0.9004 1.0313 0.0843  0.2135  0.2262  558 GLN A O   
469 C CB  . GLN A 67 ? 1.3680 1.0778 1.0969 0.1134  0.1522  0.1664  558 GLN A CB  
470 C CG  . GLN A 67 ? 1.6454 1.3112 1.3062 0.1562  0.1905  0.1352  558 GLN A CG  
471 C CD  . GLN A 67 ? 1.8820 1.4246 1.3752 0.1775  0.1690  0.0831  558 GLN A CD  
472 O OE1 . GLN A 67 ? 1.9825 1.4810 1.4273 0.1495  0.1142  0.0599  558 GLN A OE1 
473 N NE2 . GLN A 67 ? 1.8837 1.3683 1.2863 0.2268  0.2093  0.0621  558 GLN A NE2 
474 N N   . GLU A 68 ? 1.0226 0.9366 1.0407 0.0524  0.1850  0.2814  559 GLU A N   
475 C CA  . GLU A 68 ? 1.0246 1.0380 1.1389 0.0399  0.2305  0.3378  559 GLU A CA  
476 C C   . GLU A 68 ? 0.7946 0.8630 1.0554 0.0071  0.2106  0.3256  559 GLU A C   
477 O O   . GLU A 68 ? 0.7605 0.9057 1.0884 0.0166  0.2533  0.3385  559 GLU A O   
478 C CB  . GLU A 68 ? 1.0453 1.0726 1.1543 0.0126  0.2294  0.3977  559 GLU A CB  
479 N N   . SER A 69 ? 0.7083 0.7455 1.0173 -0.0262 0.1457  0.3004  560 SER A N   
480 C CA  . SER A 69 ? 0.6886 0.7812 1.1347 -0.0548 0.1233  0.2892  560 SER A CA  
481 C C   . SER A 69 ? 0.6265 0.7387 1.1028 -0.0336 0.1360  0.2478  560 SER A C   
482 O O   . SER A 69 ? 0.5801 0.7374 1.1013 -0.0293 0.1267  0.2264  560 SER A O   
483 C CB  . SER A 69 ? 0.7357 0.7897 1.2108 -0.0820 0.0496  0.2680  560 SER A CB  
484 O OG  . SER A 69 ? 0.9156 0.8939 1.2857 -0.0668 0.0136  0.2367  560 SER A OG  
485 N N   . LEU A 70 ? 0.6616 0.7026 1.0340 -0.0047 0.1330  0.2086  561 LEU A N   
486 C CA  . LEU A 70 ? 0.5429 0.5758 0.9239 0.0125  0.1386  0.1681  561 LEU A CA  
487 C C   . LEU A 70 ? 0.6074 0.6769 0.9750 0.0545  0.2119  0.1875  561 LEU A C   
488 O O   . LEU A 70 ? 0.4069 0.5215 0.8467 0.0627  0.2285  0.1773  561 LEU A O   
489 C CB  . LEU A 70 ? 0.6152 0.5450 0.8771 0.0195  0.1024  0.1205  561 LEU A CB  
490 C CG  . LEU A 70 ? 0.6501 0.5681 0.9400 -0.0179 0.0263  0.0936  561 LEU A CG  
491 C CD1 . LEU A 70 ? 0.5977 0.4304 0.7756 -0.0184 -0.0081 0.0474  561 LEU A CD1 
492 C CD2 . LEU A 70 ? 0.3817 0.3784 0.8215 -0.0440 -0.0014 0.0870  561 LEU A CD2 
493 N N   . TRP A 71 ? 0.8451 0.8381 0.7267 -0.1709 0.0466  0.0865  562 TRP A N   
494 C CA  . TRP A 71 ? 0.8335 0.8024 0.7786 -0.1952 0.0823  0.0823  562 TRP A CA  
495 C C   . TRP A 71 ? 0.8309 0.7863 0.8437 -0.1593 0.0407  0.0660  562 TRP A C   
496 O O   . TRP A 71 ? 0.8005 0.7791 0.8597 -0.1379 0.0487  0.0553  562 TRP A O   
497 C CB  . TRP A 71 ? 0.8653 0.7871 0.8069 -0.2543 0.1223  0.0975  562 TRP A CB  
498 C CG  . TRP A 71 ? 0.9525 0.8808 0.8399 -0.2921 0.1754  0.1076  562 TRP A CG  
499 C CD1 . TRP A 71 ? 0.9370 0.8485 0.7618 -0.3280 0.1915  0.1208  562 TRP A CD1 
500 C CD2 . TRP A 71 ? 0.8886 0.8358 0.7739 -0.2960 0.2138  0.1041  562 TRP A CD2 
501 N NE1 . TRP A 71 ? 1.0383 0.9538 0.8214 -0.3558 0.2345  0.1236  562 TRP A NE1 
502 C CE2 . TRP A 71 ? 0.9355 0.8686 0.7538 -0.3377 0.2489  0.1142  562 TRP A CE2 
503 C CE3 . TRP A 71 ? 0.9182 0.8884 0.8489 -0.2675 0.2207  0.0935  562 TRP A CE3 
504 C CZ2 . TRP A 71 ? 0.9607 0.8962 0.7649 -0.3378 0.2747  0.1100  562 TRP A CZ2 
505 C CZ3 . TRP A 71 ? 0.9053 0.8786 0.8124 -0.2819 0.2631  0.0952  562 TRP A CZ3 
506 C CH2 . TRP A 71 ? 0.8878 0.8388 0.7291 -0.3206 0.2896  0.1039  562 TRP A CH2 
507 N N   . GLU A 72 ? 0.8693 0.7837 0.8856 -0.1517 -0.0073 0.0639  563 GLU A N   
508 C CA  . GLU A 72 ? 0.8809 0.7737 0.9546 -0.1186 -0.0591 0.0465  563 GLU A CA  
509 C C   . GLU A 72 ? 0.9403 0.8812 1.0100 -0.0515 -0.0878 0.0259  563 GLU A C   
510 O O   . GLU A 72 ? 0.8454 0.7991 0.9739 -0.0313 -0.0932 0.0123  563 GLU A O   
511 C CB  . GLU A 72 ? 0.9972 0.8302 1.0524 -0.1141 -0.1166 0.0466  563 GLU A CB  
512 C CG  . GLU A 72 ? 1.1826 0.9796 1.2902 -0.0813 -0.1818 0.0262  563 GLU A CG  
513 C CD  . GLU A 72 ? 1.3477 1.0647 1.4721 -0.1101 -0.2235 0.0351  563 GLU A CD  
514 O OE1 . GLU A 72 ? 1.3304 1.0206 1.4157 -0.1453 -0.2061 0.0567  563 GLU A OE1 
515 O OE2 . GLU A 72 ? 1.4086 1.0890 1.5870 -0.0986 -0.2755 0.0218  563 GLU A OE2 
516 N N   . LEU A 73 ? 1.0281 1.0053 1.0286 -0.0148 -0.1031 0.0269  564 LEU A N   
517 C CA  . LEU A 73 ? 0.9520 0.9852 0.9424 0.0558  -0.1297 0.0133  564 LEU A CA  
518 C C   . LEU A 73 ? 0.9308 1.0131 0.9597 0.0506  -0.0805 0.0153  564 LEU A C   
519 O O   . LEU A 73 ? 1.0261 1.1373 1.0848 0.1019  -0.1003 -0.0001 564 LEU A O   
520 C CB  . LEU A 73 ? 0.8895 0.9675 0.7994 0.0897  -0.1450 0.0245  564 LEU A CB  
521 C CG  . LEU A 73 ? 0.9054 1.0660 0.7927 0.1597  -0.1586 0.0239  564 LEU A CG  
522 C CD1 . LEU A 73 ? 0.8300 0.9772 0.7304 0.2373  -0.2211 -0.0043 564 LEU A CD1 
523 C CD2 . LEU A 73 ? 0.9561 1.1642 0.7675 0.1747  -0.1650 0.0452  564 LEU A CD2 
524 N N   . ALA A 74 ? 0.7704 0.8570 0.7941 -0.0079 -0.0178 0.0336  565 ALA A N   
525 C CA  . ALA A 74 ? 0.8491 0.9666 0.9033 -0.0141 0.0293  0.0356  565 ALA A CA  
526 C C   . ALA A 74 ? 0.9341 1.0313 1.0658 -0.0075 0.0290  0.0204  565 ALA A C   
527 O O   . ALA A 74 ? 0.9539 1.0874 1.1153 0.0256  0.0383  0.0131  565 ALA A O   
528 C CB  . ALA A 74 ? 0.7186 0.8233 0.7442 -0.0787 0.0917  0.0545  565 ALA A CB  
529 N N   . SER A 75 ? 0.9595 1.0049 1.1279 -0.0384 0.0177  0.0186  566 SER A N   
530 C CA  . SER A 75 ? 0.9755 1.0121 1.2247 -0.0346 0.0128  0.0085  566 SER A CA  
531 C C   . SER A 75 ? 0.9303 0.9796 1.2025 0.0311  -0.0545 -0.0163 566 SER A C   
532 O O   . SER A 75 ? 0.8242 0.9043 1.1423 0.0615  -0.0523 -0.0277 566 SER A O   
533 C CB  . SER A 75 ? 1.1016 1.0884 1.3890 -0.0884 0.0168  0.0209  566 SER A CB  
534 O OG  . SER A 75 ? 1.1936 1.1744 1.4671 -0.1401 0.0862  0.0418  566 SER A OG  
535 N N   . GLU A 76 ? 1.1158 1.1378 1.3517 0.0580  -0.1165 -0.0260 567 GLU A N   
536 C CA  . GLU A 76 ? 1.0337 1.0554 1.2776 0.1270  -0.1872 -0.0532 567 GLU A CA  
537 C C   . GLU A 76 ? 0.9847 1.0780 1.2145 0.1891  -0.1780 -0.0610 567 GLU A C   
538 O O   . GLU A 76 ? 1.0186 1.1307 1.2936 0.2278  -0.1968 -0.0789 567 GLU A O   
539 C CB  . GLU A 76 ? 1.0331 1.0115 1.2143 0.1551  -0.2506 -0.0611 567 GLU A CB  
540 C CG  . GLU A 76 ? 1.2558 1.1629 1.4389 0.0928  -0.2565 -0.0470 567 GLU A CG  
541 C CD  . GLU A 76 ? 1.4497 1.2996 1.5712 0.1273  -0.3276 -0.0579 567 GLU A CD  
542 O OE1 . GLU A 76 ? 1.4659 1.3474 1.5121 0.1827  -0.3427 -0.0617 567 GLU A OE1 
543 O OE2 . GLU A 76 ? 1.5153 1.2893 1.6631 0.0996  -0.3685 -0.0596 567 GLU A OE2 
544 N N   . ILE A 77 ? 0.9320 1.0703 1.1012 0.1982  -0.1491 -0.0446 568 ILE A N   
545 C CA  . ILE A 77 ? 0.8582 1.0716 1.0168 0.2482  -0.1312 -0.0416 568 ILE A CA  
546 C C   . ILE A 77 ? 0.8601 1.0890 1.0816 0.2296  -0.0834 -0.0411 568 ILE A C   
547 O O   . ILE A 77 ? 0.8146 1.0796 1.0644 0.2837  -0.0967 -0.0545 568 ILE A O   
548 C CB  . ILE A 77 ? 0.7318 0.9904 0.8272 0.2352  -0.0978 -0.0138 568 ILE A CB  
549 C CG1 . ILE A 77 ? 0.7125 0.9817 0.7425 0.2819  -0.1502 -0.0141 568 ILE A CG1 
550 C CG2 . ILE A 77 ? 0.6317 0.9607 0.7314 0.2579  -0.0609 0.0000  568 ILE A CG2 
551 C CD1 . ILE A 77 ? 0.7059 1.0232 0.6753 0.2583  -0.1210 0.0183  568 ILE A CD1 
552 N N   . THR A 78 ? 0.9221 1.1234 1.1615 0.1575  -0.0270 -0.0256 569 THR A N   
553 C CA  . THR A 78 ? 0.8674 1.0796 1.1567 0.1411  0.0241  -0.0226 569 THR A CA  
554 C C   . THR A 78 ? 0.8740 1.0757 1.2387 0.1594  -0.0058 -0.0425 569 THR A C   
555 O O   . THR A 78 ? 0.8119 1.0442 1.2181 0.1810  0.0167  -0.0466 569 THR A O   
556 C CB  . THR A 78 ? 0.8248 1.0023 1.1024 0.0660  0.0871  -0.0024 569 THR A CB  
557 O OG1 . THR A 78 ? 0.8849 1.0788 1.0949 0.0511  0.1139  0.0151  569 THR A OG1 
558 C CG2 . THR A 78 ? 0.8168 0.9943 1.1417 0.0509  0.1394  0.0004  569 THR A CG2 
559 N N   . ASN A 79 ? 1.0307 1.6650 1.5001 0.2085  0.1467  -0.2926 570 ASN A N   
560 C CA  . ASN A 79 ? 0.9409 1.5609 1.4844 0.1928  0.1713  -0.1719 570 ASN A CA  
561 C C   . ASN A 79 ? 0.8736 1.4621 1.4842 0.0763  0.1507  -0.1820 570 ASN A C   
562 O O   . ASN A 79 ? 0.9907 1.5162 1.6288 0.0363  0.1588  -0.1282 570 ASN A O   
563 C CB  . ASN A 79 ? 0.8501 1.5388 1.4394 0.2676  0.1855  -0.0908 570 ASN A CB  
564 C CG  . ASN A 79 ? 0.9540 1.6465 1.4785 0.3962  0.2269  -0.0338 570 ASN A CG  
565 O OD1 . ASN A 79 ? 0.9844 1.6208 1.4424 0.4261  0.2468  -0.0319 570 ASN A OD1 
566 N ND2 . ASN A 79 ? 1.0231 1.7766 1.5597 0.4799  0.2445  0.0155  570 ASN A ND2 
567 N N   . ARG A 80 ? 0.6810 1.3064 1.3120 0.0277  0.1236  -0.2501 571 ARG A N   
568 C CA  . ARG A 80 ? 0.6995 1.2847 1.3713 -0.0710 0.1080  -0.2641 571 ARG A CA  
569 C C   . ARG A 80 ? 0.8735 1.3674 1.5082 -0.1298 0.1201  -0.2957 571 ARG A C   
570 O O   . ARG A 80 ? 0.9945 1.4229 1.6451 -0.1881 0.1169  -0.2657 571 ARG A O   
571 C CB  . ARG A 80 ? 0.5879 1.2230 1.2739 -0.1068 0.0864  -0.3467 571 ARG A CB  
572 C CG  . ARG A 80 ? 0.4395 1.1258 1.1870 -0.1080 0.0673  -0.3021 571 ARG A CG  
573 C CD  . ARG A 80 ? 0.4176 1.1444 1.1701 -0.1431 0.0494  -0.3849 571 ARG A CD  
574 N NE  . ARG A 80 ? 0.4556 1.2759 1.2087 -0.0753 0.0399  -0.4140 571 ARG A NE  
575 C CZ  . ARG A 80 ? 0.6890 1.5358 1.4105 -0.0568 0.0312  -0.5094 571 ARG A CZ  
576 N NH1 . ARG A 80 ? 0.7321 1.5272 1.4420 -0.1074 0.0351  -0.5824 571 ARG A NH1 
577 N NH2 . ARG A 80 ? 0.6999 1.6191 1.4061 0.0163  0.0154  -0.5329 571 ARG A NH2 
578 N N   . ALA A 81 ? 0.8344 1.3161 1.4164 -0.1099 0.1305  -0.3575 572 ALA A N   
579 C CA  . ALA A 81 ? 0.8340 1.2319 1.3869 -0.1618 0.1459  -0.3902 572 ALA A CA  
580 C C   . ALA A 81 ? 1.0042 1.3499 1.5381 -0.1332 0.1644  -0.3029 572 ALA A C   
581 O O   . ALA A 81 ? 1.1517 1.4865 1.6391 -0.0820 0.1777  -0.3071 572 ALA A O   
582 C CB  . ALA A 81 ? 0.8132 1.2196 1.3373 -0.1489 0.1413  -0.4927 572 ALA A CB  
583 N N   . GLY A 82 ? 1.0362 1.3446 1.6095 -0.1633 0.1602  -0.2252 573 GLY A N   
584 C CA  . GLY A 82 ? 1.0643 1.3251 1.6525 -0.1402 0.1707  -0.1307 573 GLY A CA  
585 C C   . GLY A 82 ? 1.1077 1.3466 1.6405 -0.0940 0.1985  -0.1323 573 GLY A C   
586 O O   . GLY A 82 ? 1.1303 1.4173 1.6519 -0.0093 0.2133  -0.1009 573 GLY A O   
587 N N   . ASP A 83 ? 1.1672 1.3298 1.6566 -0.1425 0.2083  -0.1712 574 ASP A N   
588 C CA  . ASP A 83 ? 1.2811 1.4296 1.7072 -0.1086 0.2259  -0.2184 574 ASP A CA  
589 C C   . ASP A 83 ? 1.3057 1.3846 1.7080 -0.1864 0.2314  -0.2925 574 ASP A C   
590 O O   . ASP A 83 ? 1.4172 1.4166 1.8110 -0.2276 0.2435  -0.2572 574 ASP A O   
591 C CB  . ASP A 83 ? 1.3765 1.4979 1.7862 -0.0472 0.2497  -0.1340 574 ASP A CB  
592 C CG  . ASP A 83 ? 1.5287 1.6288 1.8589 -0.0041 0.2630  -0.1868 574 ASP A CG  
593 O OD1 . ASP A 83 ? 1.5745 1.7243 1.8617 0.0755  0.2594  -0.2155 574 ASP A OD1 
594 O OD2 . ASP A 83 ? 1.5820 1.6097 1.8868 -0.0450 0.2734  -0.2024 574 ASP A OD2 
595 N N   . LEU A 84 ? 1.2202 1.3261 1.6216 -0.2038 0.2231  -0.3928 575 LEU A N   
596 C CA  . LEU A 84 ? 1.2135 1.2598 1.6079 -0.2587 0.2364  -0.4659 575 LEU A CA  
597 C C   . LEU A 84 ? 1.3836 1.4296 1.7377 -0.2010 0.2315  -0.5081 575 LEU A C   
598 O O   . LEU A 84 ? 1.4011 1.5023 1.7263 -0.1182 0.2132  -0.5092 575 LEU A O   
599 C CB  . LEU A 84 ? 1.0936 1.1627 1.5404 -0.3135 0.2316  -0.5504 575 LEU A CB  
600 N N   . ALA A 85 ? 1.5381 1.5135 1.8822 -0.2380 0.2482  -0.5406 576 ALA A N   
601 C CA  . ALA A 85 ? 1.6531 1.6172 1.9628 -0.1888 0.2357  -0.5970 576 ALA A CA  
602 C C   . ALA A 85 ? 1.7190 1.7317 2.0769 -0.1835 0.1993  -0.7109 576 ALA A C   
603 O O   . ALA A 85 ? 1.7554 1.7470 2.1787 -0.2407 0.1995  -0.7740 576 ALA A O   
604 C CB  . ALA A 85 ? 1.6493 1.5243 1.9495 -0.2355 0.2625  -0.6008 576 ALA A CB  
605 N N   . VAL A 86 ? 2.1671 2.5119 1.5814 -0.5628 0.0524  -0.6087 577 VAL A N   
606 C CA  . VAL A 86 ? 2.0327 2.2524 1.5182 -0.5186 0.0861  -0.5530 577 VAL A CA  
607 C C   . VAL A 86 ? 1.8234 2.1207 1.4265 -0.4777 0.0524  -0.4864 577 VAL A C   
608 O O   . VAL A 86 ? 1.7729 2.2027 1.3958 -0.4907 0.0050  -0.4898 577 VAL A O   
609 C CB  . VAL A 86 ? 2.0397 2.1166 1.5170 -0.5749 0.1078  -0.5797 577 VAL A CB  
610 C CG1 . VAL A 86 ? 2.0601 1.9932 1.5743 -0.5204 0.1581  -0.5324 577 VAL A CG1 
611 C CG2 . VAL A 86 ? 2.1398 2.1667 1.5037 -0.6439 0.1161  -0.6635 577 VAL A CG2 
612 N N   . GLU A 87 ? 1.7068 1.9231 1.3871 -0.4262 0.0749  -0.4274 578 GLU A N   
613 C CA  . GLU A 87 ? 1.5317 1.7910 1.3275 -0.3933 0.0404  -0.3726 578 GLU A CA  
614 C C   . GLU A 87 ? 1.5910 1.7241 1.4521 -0.3665 0.0725  -0.3301 578 GLU A C   
615 O O   . GLU A 87 ? 1.6934 1.8073 1.6170 -0.3065 0.0861  -0.2725 578 GLU A O   
616 C CB  . GLU A 87 ? 1.4212 1.7830 1.2600 -0.3330 0.0170  -0.3283 578 GLU A CB  
617 N N   . VAL A 88 ? 1.5810 1.6315 1.4299 -0.4113 0.0868  -0.3540 579 VAL A N   
618 C CA  . VAL A 88 ? 1.5173 1.4526 1.4215 -0.3849 0.1202  -0.3143 579 VAL A CA  
619 C C   . VAL A 88 ? 1.4834 1.4700 1.5098 -0.3369 0.0836  -0.2564 579 VAL A C   
620 O O   . VAL A 88 ? 1.3743 1.4626 1.4378 -0.3421 0.0293  -0.2606 579 VAL A O   
621 C CB  . VAL A 88 ? 1.5187 1.3711 1.3950 -0.4414 0.1368  -0.3455 579 VAL A CB  
622 N N   . SER A 89 ? 1.5768 1.4947 1.6659 -0.2876 0.1114  -0.2028 580 SER A N   
623 C CA  . SER A 89 ? 1.5287 1.4813 1.7410 -0.2417 0.0764  -0.1472 580 SER A CA  
624 C C   . SER A 89 ? 1.5155 1.5061 1.7706 -0.2618 0.0304  -0.1620 580 SER A C   
625 O O   . SER A 89 ? 1.5188 1.4879 1.7190 -0.3088 0.0412  -0.1999 580 SER A O   
626 C CB  . SER A 89 ? 1.5043 1.3695 1.7723 -0.1990 0.1197  -0.0915 580 SER A CB  
627 N N   . PRO A 90 ? 1.4525 1.5019 1.8049 -0.2259 -0.0227 -0.1329 581 PRO A N   
628 C CA  . PRO A 90 ? 1.4119 1.5131 1.7981 -0.2333 -0.0705 -0.1495 581 PRO A CA  
629 C C   . PRO A 90 ? 1.4270 1.4684 1.7989 -0.2587 -0.0414 -0.1574 581 PRO A C   
630 O O   . PRO A 90 ? 1.4465 1.5435 1.8119 -0.2786 -0.0693 -0.1796 581 PRO A O   
631 C CB  . PRO A 90 ? 1.3320 1.4557 1.8349 -0.1783 -0.1179 -0.1087 581 PRO A CB  
632 C CG  . PRO A 90 ? 1.3199 1.4551 1.8377 -0.1548 -0.1155 -0.0815 581 PRO A CG  
633 C CD  . PRO A 90 ? 1.3974 1.4780 1.8273 -0.1773 -0.0462 -0.0870 581 PRO A CD  
634 N N   . GLY A 91 ? 1.4055 1.3390 1.7706 -0.2543 0.0172  -0.1353 582 GLY A N   
635 C CA  . GLY A 91 ? 1.3405 1.2083 1.7080 -0.2648 0.0477  -0.1289 582 GLY A CA  
636 C C   . GLY A 91 ? 1.2167 1.0765 1.6893 -0.2119 0.0339  -0.0807 582 GLY A C   
637 O O   . GLY A 91 ? 1.1901 1.0913 1.7386 -0.1734 -0.0040 -0.0553 582 GLY A O   
638 N N   . SER A 92 ? 1.1295 0.9362 1.6113 -0.2105 0.0637  -0.0662 583 SER A N   
639 C CA  . SER A 92 ? 1.0494 0.8611 1.6313 -0.1600 0.0478  -0.0225 583 SER A CA  
640 C C   . SER A 92 ? 1.0361 0.8135 1.6190 -0.1589 0.0761  -0.0101 583 SER A C   
641 O O   . SER A 92 ? 1.0725 0.7723 1.6698 -0.1366 0.1259  0.0256  583 SER A O   
642 C CB  . SER A 92 ? 1.0611 0.8168 1.6855 -0.1251 0.0797  0.0227  583 SER A CB  
643 O OG  . SER A 92 ? 0.9789 0.7564 1.7117 -0.0805 0.0541  0.0644  583 SER A OG  
644 N N   . TRP A 93 ? 0.9426 0.7873 1.5152 -0.1758 0.0450  -0.0326 584 TRP A N   
645 C CA  . TRP A 93 ? 0.9001 0.7199 1.4661 -0.1788 0.0767  -0.0172 584 TRP A CA  
646 C C   . TRP A 93 ? 0.9149 0.7841 1.5711 -0.1205 0.0476  0.0163  584 TRP A C   
647 O O   . TRP A 93 ? 1.0558 0.8877 1.7166 -0.1079 0.0873  0.0449  584 TRP A O   
648 C CB  . TRP A 93 ? 0.9053 0.7837 1.4171 -0.2271 0.0632  -0.0498 584 TRP A CB  
649 C CG  . TRP A 93 ? 1.0121 0.8487 1.4411 -0.2848 0.0854  -0.0860 584 TRP A CG  
650 C CD1 . TRP A 93 ? 0.9527 0.8546 1.3595 -0.3001 0.0460  -0.1187 584 TRP A CD1 
651 C CD2 . TRP A 93 ? 1.1434 0.8583 1.4971 -0.3311 0.1518  -0.0956 584 TRP A CD2 
652 N NE1 . TRP A 93 ? 1.0352 0.8763 1.3572 -0.3542 0.0824  -0.1493 584 TRP A NE1 
653 C CE2 . TRP A 93 ? 1.1308 0.8512 1.4181 -0.3751 0.1454  -0.1394 584 TRP A CE2 
654 C CE3 . TRP A 93 ? 1.1803 0.7793 1.5143 -0.3365 0.2150  -0.0727 584 TRP A CE3 
655 C CZ2 . TRP A 93 ? 1.2556 0.8690 1.4567 -0.4257 0.1952  -0.1675 584 TRP A CZ2 
656 C CZ3 . TRP A 93 ? 1.3136 0.7945 1.5626 -0.3860 0.2662  -0.0987 584 TRP A CZ3 
657 C CH2 . TRP A 93 ? 1.3881 0.8765 1.5705 -0.4315 0.2537  -0.1492 584 TRP A CH2 
658 N N   . ILE A 94 ? 0.9029 0.8516 1.6297 -0.0834 -0.0213 0.0128  585 ILE A N   
659 C CA  . ILE A 94 ? 0.8646 0.8612 1.6802 -0.0273 -0.0577 0.0375  585 ILE A CA  
660 C C   . ILE A 94 ? 0.8311 0.8054 1.7261 0.0022  -0.0759 0.0625  585 ILE A C   
661 O O   . ILE A 94 ? 0.8618 0.8481 1.7667 -0.0064 -0.1083 0.0480  585 ILE A O   
662 C CB  . ILE A 94 ? 0.8099 0.9299 1.6460 -0.0046 -0.1350 0.0071  585 ILE A CB  
# 
loop_
_pdbx_poly_seq_scheme.asym_id 
_pdbx_poly_seq_scheme.entity_id 
_pdbx_poly_seq_scheme.seq_id 
_pdbx_poly_seq_scheme.mon_id 
_pdbx_poly_seq_scheme.ndb_seq_num 
_pdbx_poly_seq_scheme.pdb_seq_num 
_pdbx_poly_seq_scheme.auth_seq_num 
_pdbx_poly_seq_scheme.pdb_mon_id 
_pdbx_poly_seq_scheme.auth_mon_id 
_pdbx_poly_seq_scheme.pdb_strand_id 
_pdbx_poly_seq_scheme.pdb_ins_code 
_pdbx_poly_seq_scheme.hetero 
A 1 1  GLY 1  492 ?   ?   ?   A . n 
A 1 2  SER 2  493 ?   ?   ?   A . n 
A 1 3  SER 3  494 ?   ?   ?   A . n 
A 1 4  GLY 4  495 ?   ?   ?   A . n 
A 1 5  ASN 5  496 496 ASN ASN A . n 
A 1 6  ASP 6  497 497 ASP ASP A . n 
A 1 7  ILE 7  498 498 ILE ILE A . n 
A 1 8  GLN 8  499 499 GLN GLN A . n 
A 1 9  ILE 9  500 500 ILE ILE A . n 
A 1 10 LEU 10 501 501 LEU LEU A . n 
A 1 11 LYS 11 502 502 LYS LYS A . n 
A 1 12 SER 12 503 503 SER SER A . n 
A 1 13 SER 13 504 504 SER SER A . n 
A 1 14 ILE 14 505 505 ILE ILE A . n 
A 1 15 ASN 15 506 506 ASN ASN A . n 
A 1 16 ILE 16 507 507 ILE ILE A . n 
A 1 17 ALA 17 508 508 ALA ALA A . n 
A 1 18 ILE 18 509 509 ILE ILE A . n 
A 1 19 GLU 19 510 510 GLU GLU A . n 
A 1 20 LYS 20 511 511 LYS LYS A . n 
A 1 21 LEU 21 512 512 LEU LEU A . n 
A 1 22 ASN 22 513 513 ASN ASN A . n 
A 1 23 ASP 23 514 514 ASP ASP A . n 
A 1 24 ARG 24 515 515 ARG ARG A . n 
A 1 25 ILE 25 516 516 ILE ILE A . n 
A 1 26 SER 26 517 517 SER SER A . n 
A 1 27 HIS 27 518 518 HIS HIS A . n 
A 1 28 ASP 28 519 519 ASP ASP A . n 
A 1 29 GLU 29 520 520 GLU GLU A . n 
A 1 30 GLN 30 521 521 GLN GLN A . n 
A 1 31 ALA 31 522 522 ALA ALA A . n 
A 1 32 ILE 32 523 523 ILE ILE A . n 
A 1 33 ARG 33 524 524 ARG ARG A . n 
A 1 34 ASP 34 525 525 ASP ASP A . n 
A 1 35 LEU 35 526 526 LEU LEU A . n 
A 1 36 THR 36 527 527 THR THR A . n 
A 1 37 LEU 37 528 528 LEU LEU A . n 
A 1 38 GLU 38 529 529 GLU GLU A . n 
A 1 39 ILE 39 530 530 ILE ILE A . n 
A 1 40 GLU 40 531 531 GLU GLU A . n 
A 1 41 ASN 41 532 532 ASN ASN A . n 
A 1 42 ALA 42 533 533 ALA ALA A . n 
A 1 43 ARG 43 534 534 ARG ARG A . n 
A 1 44 SER 44 535 535 SER SER A . n 
A 1 45 GLU 45 536 536 GLU GLU A . n 
A 1 46 ALA 46 537 537 ALA ALA A . n 
A 1 47 LEU 47 538 538 LEU LEU A . n 
A 1 48 LEU 48 539 539 LEU LEU A . n 
A 1 49 GLY 49 540 540 GLY GLY A . n 
A 1 50 GLU 50 541 541 GLU GLU A . n 
A 1 51 LEU 51 542 542 LEU LEU A . n 
A 1 52 GLY 52 543 543 GLY GLY A . n 
A 1 53 ILE 53 544 544 ILE ILE A . n 
A 1 54 ILE 54 545 545 ILE ILE A . n 
A 1 55 ARG 55 546 546 ARG ARG A . n 
A 1 56 ALA 56 547 547 ALA ALA A . n 
A 1 57 LEU 57 548 548 LEU LEU A . n 
A 1 58 LEU 58 549 549 LEU LEU A . n 
A 1 59 VAL 59 550 550 VAL VAL A . n 
A 1 60 GLY 60 551 551 GLY GLY A . n 
A 1 61 ASN 61 552 552 ASN ASN A . n 
A 1 62 ILE 62 553 553 ILE ILE A . n 
A 1 63 SER 63 554 554 SER SER A . n 
A 1 64 ILE 64 555 555 ILE ILE A . n 
A 1 65 GLY 65 556 556 GLY GLY A . n 
A 1 66 LEU 66 557 557 LEU LEU A . n 
A 1 67 GLN 67 558 558 GLN GLN A . n 
A 1 68 GLU 68 559 559 GLU GLU A . n 
A 1 69 SER 69 560 560 SER SER A . n 
A 1 70 LEU 70 561 561 LEU LEU A . n 
A 1 71 TRP 71 562 562 TRP TRP A . n 
A 1 72 GLU 72 563 563 GLU GLU A . n 
A 1 73 LEU 73 564 564 LEU LEU A . n 
A 1 74 ALA 74 565 565 ALA ALA A . n 
A 1 75 SER 75 566 566 SER SER A . n 
A 1 76 GLU 76 567 567 GLU GLU A . n 
A 1 77 ILE 77 568 568 ILE ILE A . n 
A 1 78 THR 78 569 569 THR THR A . n 
A 1 79 ASN 79 570 570 ASN ASN A . n 
A 1 80 ARG 80 571 571 ARG ARG A . n 
A 1 81 ALA 81 572 572 ALA ALA A . n 
A 1 82 GLY 82 573 573 GLY GLY A . n 
A 1 83 ASP 83 574 574 ASP ASP A . n 
A 1 84 LEU 84 575 575 LEU LEU A . n 
A 1 85 ALA 85 576 576 ALA ALA A . n 
A 1 86 VAL 86 577 577 VAL VAL A . n 
A 1 87 GLU 87 578 578 GLU GLU A . n 
A 1 88 VAL 88 579 579 VAL VAL A . n 
A 1 89 SER 89 580 580 SER SER A . n 
A 1 90 PRO 90 581 581 PRO PRO A . n 
A 1 91 GLY 91 582 582 GLY GLY A . n 
A 1 92 SER 92 583 583 SER SER A . n 
A 1 93 TRP 93 584 584 TRP TRP A . n 
A 1 94 ILE 94 585 585 ILE ILE A . n 
A 1 95 ILE 95 586 ?   ?   ?   A . n 
# 
loop_
_pdbx_nonpoly_scheme.asym_id 
_pdbx_nonpoly_scheme.entity_id 
_pdbx_nonpoly_scheme.mon_id 
_pdbx_nonpoly_scheme.ndb_seq_num 
_pdbx_nonpoly_scheme.pdb_seq_num 
_pdbx_nonpoly_scheme.auth_seq_num 
_pdbx_nonpoly_scheme.pdb_mon_id 
_pdbx_nonpoly_scheme.auth_mon_id 
_pdbx_nonpoly_scheme.pdb_strand_id 
_pdbx_nonpoly_scheme.pdb_ins_code 
B 2 CL  1 601 1 CL  CL  A . 
C 3 HOH 1 701 2 HOH HOH A . 
C 3 HOH 2 702 3 HOH HOH A . 
C 3 HOH 3 703 1 HOH HOH A . 
C 3 HOH 4 704 4 HOH HOH A . 
# 
_pdbx_struct_assembly.id                   1 
_pdbx_struct_assembly.details              author_and_software_defined_assembly 
_pdbx_struct_assembly.method_details       PISA 
_pdbx_struct_assembly.oligomeric_details   trimeric 
_pdbx_struct_assembly.oligomeric_count     3 
# 
_pdbx_struct_assembly_gen.assembly_id       1 
_pdbx_struct_assembly_gen.oper_expression   1,2,3 
_pdbx_struct_assembly_gen.asym_id_list      A,B,C 
# 
loop_
_pdbx_struct_assembly_prop.biol_id 
_pdbx_struct_assembly_prop.type 
_pdbx_struct_assembly_prop.value 
_pdbx_struct_assembly_prop.details 
1 'ABSA (A^2)' 6510  ? 
1 MORE         -65   ? 
1 'SSA (A^2)'  15460 ? 
# 
loop_
_pdbx_struct_oper_list.id 
_pdbx_struct_oper_list.type 
_pdbx_struct_oper_list.name 
_pdbx_struct_oper_list.symmetry_operation 
_pdbx_struct_oper_list.matrix[1][1] 
_pdbx_struct_oper_list.matrix[1][2] 
_pdbx_struct_oper_list.matrix[1][3] 
_pdbx_struct_oper_list.vector[1] 
_pdbx_struct_oper_list.matrix[2][1] 
_pdbx_struct_oper_list.matrix[2][2] 
_pdbx_struct_oper_list.matrix[2][3] 
_pdbx_struct_oper_list.vector[2] 
_pdbx_struct_oper_list.matrix[3][1] 
_pdbx_struct_oper_list.matrix[3][2] 
_pdbx_struct_oper_list.matrix[3][3] 
_pdbx_struct_oper_list.vector[3] 
1 'identity operation'         1_555  x,y,z           1.0000000000  0.0000000000  0.0000000000 0.0000000000   0.0000000000  1.0000000000  0.0000000000  0.0000000000  0.0000000000 0.0000000000  1.0000000000 0.0000000000 
2 'crystal symmetry operation' 8_555  -z,x+1/2,-y+1/2 -0.2120552203 -0.9109810983 0.3537598368 -1.9974125702  0.5858753149  -0.4082343405 -0.7000677385 10.9370159655 0.7821653910 0.0588061372  0.6202895609 4.1428573579 
3 'crystal symmetry operation' 11_455 y-1/2,-z+1/2,-x -0.2120552203 0.5858753149  0.7821653910 -10.0716890811 -0.9109810983 -0.4082343405 0.0588061372  2.4016349650  0.3537598368 -0.7000677385 0.6202895609 5.7934852069  
# 
loop_
_pdbx_struct_special_symmetry.id 
_pdbx_struct_special_symmetry.PDB_model_num 
_pdbx_struct_special_symmetry.auth_asym_id 
_pdbx_struct_special_symmetry.auth_comp_id 
_pdbx_struct_special_symmetry.auth_seq_id 
_pdbx_struct_special_symmetry.PDB_ins_code 
_pdbx_struct_special_symmetry.label_asym_id 
_pdbx_struct_special_symmetry.label_comp_id 
_pdbx_struct_special_symmetry.label_seq_id 
1 1 A CL  601 ? B CL  . 
2 1 A HOH 703 ? C HOH . 
# 
loop_
_pdbx_audit_revision_history.ordinal 
_pdbx_audit_revision_history.data_content_type 
_pdbx_audit_revision_history.major_revision 
_pdbx_audit_revision_history.minor_revision 
_pdbx_audit_revision_history.revision_date 
1 'Structure model' 1 0 2021-05-19 
2 'Structure model' 1 1 2021-06-02 
3 'Structure model' 1 2 2023-10-18 
# 
_pdbx_audit_revision_details.ordinal             1 
_pdbx_audit_revision_details.revision_ordinal    1 
_pdbx_audit_revision_details.data_content_type   'Structure model' 
_pdbx_audit_revision_details.provider            repository 
_pdbx_audit_revision_details.type                'Initial release' 
_pdbx_audit_revision_details.description         ? 
_pdbx_audit_revision_details.details             ? 
# 
loop_
_pdbx_audit_revision_group.ordinal 
_pdbx_audit_revision_group.revision_ordinal 
_pdbx_audit_revision_group.data_content_type 
_pdbx_audit_revision_group.group 
1 2 'Structure model' 'Database references'    
2 3 'Structure model' 'Data collection'        
3 3 'Structure model' 'Database references'    
4 3 'Structure model' 'Refinement description' 
# 
loop_
_pdbx_audit_revision_category.ordinal 
_pdbx_audit_revision_category.revision_ordinal 
_pdbx_audit_revision_category.data_content_type 
_pdbx_audit_revision_category.category 
1 2 'Structure model' citation                      
2 2 'Structure model' citation_author               
3 3 'Structure model' chem_comp_atom                
4 3 'Structure model' chem_comp_bond                
5 3 'Structure model' database_2                    
6 3 'Structure model' pdbx_initial_refinement_model 
# 
loop_
_pdbx_audit_revision_item.ordinal 
_pdbx_audit_revision_item.revision_ordinal 
_pdbx_audit_revision_item.data_content_type 
_pdbx_audit_revision_item.item 
1  2 'Structure model' '_citation.journal_id_CSD'            
2  2 'Structure model' '_citation.journal_volume'            
3  2 'Structure model' '_citation.page_first'                
4  2 'Structure model' '_citation.page_last'                 
5  2 'Structure model' '_citation.pdbx_database_id_DOI'      
6  2 'Structure model' '_citation.pdbx_database_id_PubMed'   
7  2 'Structure model' '_citation.title'                     
8  2 'Structure model' '_citation_author.identifier_ORCID'   
9  3 'Structure model' '_database_2.pdbx_DOI'                
10 3 'Structure model' '_database_2.pdbx_database_accession' 
# 
loop_
_pdbx_refine_tls.id 
_pdbx_refine_tls.pdbx_refine_id 
_pdbx_refine_tls.details 
_pdbx_refine_tls.method 
_pdbx_refine_tls.origin_x 
_pdbx_refine_tls.origin_y 
_pdbx_refine_tls.origin_z 
_pdbx_refine_tls.T[1][1] 
_pdbx_refine_tls.T[1][1]_esd 
_pdbx_refine_tls.T[1][2] 
_pdbx_refine_tls.T[1][2]_esd 
_pdbx_refine_tls.T[1][3] 
_pdbx_refine_tls.T[1][3]_esd 
_pdbx_refine_tls.T[2][2] 
_pdbx_refine_tls.T[2][2]_esd 
_pdbx_refine_tls.T[2][3] 
_pdbx_refine_tls.T[2][3]_esd 
_pdbx_refine_tls.T[3][3] 
_pdbx_refine_tls.T[3][3]_esd 
_pdbx_refine_tls.L[1][1] 
_pdbx_refine_tls.L[1][1]_esd 
_pdbx_refine_tls.L[1][2] 
_pdbx_refine_tls.L[1][2]_esd 
_pdbx_refine_tls.L[1][3] 
_pdbx_refine_tls.L[1][3]_esd 
_pdbx_refine_tls.L[2][2] 
_pdbx_refine_tls.L[2][2]_esd 
_pdbx_refine_tls.L[2][3] 
_pdbx_refine_tls.L[2][3]_esd 
_pdbx_refine_tls.L[3][3] 
_pdbx_refine_tls.L[3][3]_esd 
_pdbx_refine_tls.S[1][1] 
_pdbx_refine_tls.S[1][1]_esd 
_pdbx_refine_tls.S[1][2] 
_pdbx_refine_tls.S[1][2]_esd 
_pdbx_refine_tls.S[1][3] 
_pdbx_refine_tls.S[1][3]_esd 
_pdbx_refine_tls.S[2][1] 
_pdbx_refine_tls.S[2][1]_esd 
_pdbx_refine_tls.S[2][2] 
_pdbx_refine_tls.S[2][2]_esd 
_pdbx_refine_tls.S[2][3] 
_pdbx_refine_tls.S[2][3]_esd 
_pdbx_refine_tls.S[3][1] 
_pdbx_refine_tls.S[3][1]_esd 
_pdbx_refine_tls.S[3][2] 
_pdbx_refine_tls.S[3][2]_esd 
_pdbx_refine_tls.S[3][3] 
_pdbx_refine_tls.S[3][3]_esd 
1  'X-RAY DIFFRACTION' ? refined 15.8564  -13.8264 44.4150  1.1414 ? 0.2962  ? 0.0210  ? 0.9637 ? 0.1748  ? 0.8433 ? 1.7539 ? 2.7345  ? 0.6448 ? 4.8211  ? 2.7637  ? 5.2847  ? -0.2849 ? -1.3071 ? -2.6385 ? -0.2501 ? 1.1674  ? -1.0577 ? 1.8518  ? 1.5716  ? -1.0790 ? 
2  'X-RAY DIFFRACTION' ? refined 7.7779   -8.9582  27.5322  0.5452 ? -0.0164 ? -0.0384 ? 0.5006 ? 0.0334  ? 0.5542 ? 4.9721 ? 0.2932  ? 1.1609 ? 4.6920  ? 0.4855  ? 9.7548  ? 0.3692  ? 0.4496  ? -0.2302 ? -0.3875 ? -0.1592 ? 0.3049  ? 1.1123  ? 0.0955  ? -0.2425 ? 
3  'X-RAY DIFFRACTION' ? refined 2.7434   -5.3128  11.1932  1.0512 ? 0.0232  ? -0.2549 ? 0.5775 ? -0.0145 ? 0.7482 ? 4.5723 ? 3.7351  ? 4.2724 ? 3.2883  ? 2.8061  ? 5.7449  ? 2.7181  ? -0.2157 ? -2.4590 ? -1.4769 ? -0.0935 ? -1.6965 ? 2.4672  ? -0.6588 ? -2.5333 ? 
4  'X-RAY DIFFRACTION' ? refined -0.9090  -0.4338  1.2393   0.6509 ? 0.1098  ? 0.0145  ? 0.6032 ? -0.0031 ? 0.6199 ? 2.1019 ? -1.1961 ? 4.1360 ? 0.8828  ? -2.6095 ? 8.5902  ? 0.0584  ? 1.6160  ? -0.9263 ? -0.9644 ? -0.8617 ? -1.3595 ? 0.5515  ? 0.8432  ? 0.8615  ? 
5  'X-RAY DIFFRACTION' ? refined -6.3243  2.7323   -8.4861  0.5420 ? 0.0336  ? -0.0671 ? 0.4297 ? 0.0829  ? 0.6011 ? 4.5356 ? -3.8511 ? 3.0196 ? 6.6084  ? -0.0569 ? 3.8961  ? 0.0813  ? 0.6919  ? -0.7801 ? 1.1479  ? -0.5560 ? 1.3637  ? 0.0609  ? 0.0897  ? 0.4675  ? 
6  'X-RAY DIFFRACTION' ? refined -10.3021 5.6444   -21.1013 0.5183 ? 0.0081  ? 0.0798  ? 0.5800 ? -0.0621 ? 0.4027 ? 7.7751 ? -0.0764 ? 2.3481 ? 9.2389  ? 1.7840  ? 1.0276  ? 0.1854  ? 0.8010  ? -0.4535 ? -1.1795 ? 0.7568  ? -0.0431 ? -0.0149 ? 0.4511  ? -0.5584 ? 
7  'X-RAY DIFFRACTION' ? refined -8.1075  13.4206  -25.0085 0.8354 ? 0.0301  ? 0.0575  ? 0.6121 ? 0.1726  ? 0.7669 ? 4.1663 ? -1.6995 ? 1.4962 ? 0.9644  ? -2.2407 ? 11.6922 ? 0.1129  ? 1.6453  ? 0.4277  ? -2.7248 ? -0.8498 ? -0.5063 ? 0.7395  ? 1.0238  ? 0.9453  ? 
8  'X-RAY DIFFRACTION' ? refined -0.6752  10.7679  -16.6204 0.7622 ? -0.0105 ? -0.0329 ? 0.8039 ? 0.0161  ? 0.8735 ? 3.6770 ? -3.0452 ? 1.8710 ? 2.7051  ? -2.8287 ? 7.1781  ? -1.7042 ? -0.3556 ? 0.7841  ? -0.3411 ? 0.9291  ? -1.6172 ? -0.8116 ? -0.7221 ? 0.5165  ? 
9  'X-RAY DIFFRACTION' ? refined 4.2278   5.6322   -8.3545  0.7585 ? -0.0669 ? 0.1696  ? 1.1287 ? -0.3277 ? 1.2490 ? 4.7640 ? -7.8574 ? 0.6526 ? 12.9840 ? -1.1009 ? 0.1980  ? 1.1098  ? 1.8466  ? -0.2659 ? -0.7797 ? -2.7714 ? -0.1375 ? 1.2957  ? -0.7627 ? 1.3652  ? 
10 'X-RAY DIFFRACTION' ? refined -4.8156  -3.0237  -20.4937 1.0390 ? -0.3088 ? 0.0637  ? 0.9107 ? -0.1722 ? 1.3064 ? 8.7731 ? -4.1080 ? 0.6404 ? 2.7124  ? -2.8067 ? 7.8988  ? 0.8262  ? -0.7555 ? 0.5292  ? 1.2488  ? 0.6022  ? 1.2080  ? -1.9383 ? 1.6889  ? -1.1552 ? 
# 
loop_
_pdbx_refine_tls_group.id 
_pdbx_refine_tls_group.pdbx_refine_id 
_pdbx_refine_tls_group.refine_tls_id 
_pdbx_refine_tls_group.beg_label_asym_id 
_pdbx_refine_tls_group.beg_label_seq_id 
_pdbx_refine_tls_group.beg_auth_asym_id 
_pdbx_refine_tls_group.beg_auth_seq_id 
_pdbx_refine_tls_group.end_label_asym_id 
_pdbx_refine_tls_group.end_label_seq_id 
_pdbx_refine_tls_group.end_auth_asym_id 
_pdbx_refine_tls_group.end_auth_seq_id 
_pdbx_refine_tls_group.selection 
_pdbx_refine_tls_group.selection_details 
1  'X-RAY DIFFRACTION' 1  ? ? A 496 ? ? A 501 ? '(chain A and resid 496:501)' 
2  'X-RAY DIFFRACTION' 2  ? ? A 502 ? ? A 520 ? '(chain A and resid 502:520)' 
3  'X-RAY DIFFRACTION' 3  ? ? A 521 ? ? A 525 ? '(chain A and resid 521:525)' 
4  'X-RAY DIFFRACTION' 4  ? ? A 526 ? ? A 535 ? '(chain A and resid 526:535)' 
5  'X-RAY DIFFRACTION' 5  ? ? A 536 ? ? A 541 ? '(chain A and resid 536:541)' 
6  'X-RAY DIFFRACTION' 6  ? ? A 542 ? ? A 552 ? '(chain A and resid 542:552)' 
7  'X-RAY DIFFRACTION' 7  ? ? A 553 ? ? A 561 ? '(chain A and resid 553:561)' 
8  'X-RAY DIFFRACTION' 8  ? ? A 562 ? ? A 569 ? '(chain A and resid 562:569)' 
9  'X-RAY DIFFRACTION' 9  ? ? A 570 ? ? A 576 ? '(chain A and resid 570:576)' 
10 'X-RAY DIFFRACTION' 10 ? ? A 577 ? ? A 585 ? '(chain A and resid 577:585)' 
# 
_phasing.method   MR 
# 
loop_
_software.citation_id 
_software.classification 
_software.compiler_name 
_software.compiler_version 
_software.contact_author 
_software.contact_author_email 
_software.date 
_software.description 
_software.dependencies 
_software.hardware 
_software.language 
_software.location 
_software.mods 
_software.name 
_software.os 
_software.os_version 
_software.type 
_software.version 
_software.pdbx_ordinal 
? 'data scaling'    ? ? ? ? ? ? ? ? ? ? ? Aimless     ? ? ? 0.6.2       1 
? phasing           ? ? ? ? ? ? ? ? ? ? ? PHASER      ? ? ? .           2 
? refinement        ? ? ? ? ? ? ? ? ? ? ? PHENIX      ? ? ? 1.11.1-2575 3 
? 'data extraction' ? ? ? ? ? ? ? ? ? ? ? PDB_EXTRACT ? ? ? 3.25        4 
? 'data reduction'  ? ? ? ? ? ? ? ? ? ? ? DIALS       ? ? ? 1.12.0      5 
# 
_pdbx_entry_details.entry_id                 6WKO 
_pdbx_entry_details.has_ligand_of_interest   N 
_pdbx_entry_details.compound_details         ? 
_pdbx_entry_details.source_details           ? 
_pdbx_entry_details.nonpolymer_details       ? 
_pdbx_entry_details.sequence_details         ? 
# 
loop_
_pdbx_validate_torsion.id 
_pdbx_validate_torsion.PDB_model_num 
_pdbx_validate_torsion.auth_comp_id 
_pdbx_validate_torsion.auth_asym_id 
_pdbx_validate_torsion.auth_seq_id 
_pdbx_validate_torsion.PDB_ins_code 
_pdbx_validate_torsion.label_alt_id 
_pdbx_validate_torsion.phi 
_pdbx_validate_torsion.psi 
1 1 GLU A 578 ? ? -156.12 73.02 
2 1 SER A 583 ? ? -168.91 69.63 
# 
loop_
_pdbx_unobs_or_zero_occ_atoms.id 
_pdbx_unobs_or_zero_occ_atoms.PDB_model_num 
_pdbx_unobs_or_zero_occ_atoms.polymer_flag 
_pdbx_unobs_or_zero_occ_atoms.occupancy_flag 
_pdbx_unobs_or_zero_occ_atoms.auth_asym_id 
_pdbx_unobs_or_zero_occ_atoms.auth_comp_id 
_pdbx_unobs_or_zero_occ_atoms.auth_seq_id 
_pdbx_unobs_or_zero_occ_atoms.PDB_ins_code 
_pdbx_unobs_or_zero_occ_atoms.auth_atom_id 
_pdbx_unobs_or_zero_occ_atoms.label_alt_id 
_pdbx_unobs_or_zero_occ_atoms.label_asym_id 
_pdbx_unobs_or_zero_occ_atoms.label_comp_id 
_pdbx_unobs_or_zero_occ_atoms.label_seq_id 
_pdbx_unobs_or_zero_occ_atoms.label_atom_id 
1  1 Y 1 A ASP 497 ? CG  ? A ASP 6  CG  
2  1 Y 1 A ASP 497 ? OD1 ? A ASP 6  OD1 
3  1 Y 1 A ASP 497 ? OD2 ? A ASP 6  OD2 
4  1 Y 1 A GLU 529 ? CG  ? A GLU 38 CG  
5  1 Y 1 A GLU 529 ? CD  ? A GLU 38 CD  
6  1 Y 1 A GLU 529 ? OE1 ? A GLU 38 OE1 
7  1 Y 1 A GLU 529 ? OE2 ? A GLU 38 OE2 
8  1 Y 1 A ARG 546 ? CG  ? A ARG 55 CG  
9  1 Y 1 A ARG 546 ? CD  ? A ARG 55 CD  
10 1 Y 1 A ARG 546 ? NE  ? A ARG 55 NE  
11 1 Y 1 A ARG 546 ? CZ  ? A ARG 55 CZ  
12 1 Y 1 A ARG 546 ? NH1 ? A ARG 55 NH1 
13 1 Y 1 A ARG 546 ? NH2 ? A ARG 55 NH2 
14 1 Y 1 A GLU 559 ? CG  ? A GLU 68 CG  
15 1 Y 1 A GLU 559 ? CD  ? A GLU 68 CD  
16 1 Y 1 A GLU 559 ? OE1 ? A GLU 68 OE1 
17 1 Y 1 A GLU 559 ? OE2 ? A GLU 68 OE2 
18 1 Y 1 A LEU 575 ? CG  ? A LEU 84 CG  
19 1 Y 1 A LEU 575 ? CD1 ? A LEU 84 CD1 
20 1 Y 1 A LEU 575 ? CD2 ? A LEU 84 CD2 
21 1 Y 1 A GLU 578 ? CG  ? A GLU 87 CG  
22 1 Y 1 A GLU 578 ? CD  ? A GLU 87 CD  
23 1 Y 1 A GLU 578 ? OE1 ? A GLU 87 OE1 
24 1 Y 1 A GLU 578 ? OE2 ? A GLU 87 OE2 
25 1 Y 1 A VAL 579 ? CG1 ? A VAL 88 CG1 
26 1 Y 1 A VAL 579 ? CG2 ? A VAL 88 CG2 
27 1 Y 1 A SER 580 ? OG  ? A SER 89 OG  
28 1 Y 1 A ILE 585 ? CG1 ? A ILE 94 CG1 
29 1 Y 1 A ILE 585 ? CG2 ? A ILE 94 CG2 
30 1 Y 1 A ILE 585 ? CD1 ? A ILE 94 CD1 
# 
loop_
_pdbx_unobs_or_zero_occ_residues.id 
_pdbx_unobs_or_zero_occ_residues.PDB_model_num 
_pdbx_unobs_or_zero_occ_residues.polymer_flag 
_pdbx_unobs_or_zero_occ_residues.occupancy_flag 
_pdbx_unobs_or_zero_occ_residues.auth_asym_id 
_pdbx_unobs_or_zero_occ_residues.auth_comp_id 
_pdbx_unobs_or_zero_occ_residues.auth_seq_id 
_pdbx_unobs_or_zero_occ_residues.PDB_ins_code 
_pdbx_unobs_or_zero_occ_residues.label_asym_id 
_pdbx_unobs_or_zero_occ_residues.label_comp_id 
_pdbx_unobs_or_zero_occ_residues.label_seq_id 
1 1 Y 1 A GLY 492 ? A GLY 1  
2 1 Y 1 A SER 493 ? A SER 2  
3 1 Y 1 A SER 494 ? A SER 3  
4 1 Y 1 A GLY 495 ? A GLY 4  
5 1 Y 1 A ILE 586 ? A ILE 95 
# 
loop_
_chem_comp_atom.comp_id 
_chem_comp_atom.atom_id 
_chem_comp_atom.type_symbol 
_chem_comp_atom.pdbx_aromatic_flag 
_chem_comp_atom.pdbx_stereo_config 
_chem_comp_atom.pdbx_ordinal 
ALA N    N  N N 1   
ALA CA   C  N S 2   
ALA C    C  N N 3   
ALA O    O  N N 4   
ALA CB   C  N N 5   
ALA OXT  O  N N 6   
ALA H    H  N N 7   
ALA H2   H  N N 8   
ALA HA   H  N N 9   
ALA HB1  H  N N 10  
ALA HB2  H  N N 11  
ALA HB3  H  N N 12  
ALA HXT  H  N N 13  
ARG N    N  N N 14  
ARG CA   C  N S 15  
ARG C    C  N N 16  
ARG O    O  N N 17  
ARG CB   C  N N 18  
ARG CG   C  N N 19  
ARG CD   C  N N 20  
ARG NE   N  N N 21  
ARG CZ   C  N N 22  
ARG NH1  N  N N 23  
ARG NH2  N  N N 24  
ARG OXT  O  N N 25  
ARG H    H  N N 26  
ARG H2   H  N N 27  
ARG HA   H  N N 28  
ARG HB2  H  N N 29  
ARG HB3  H  N N 30  
ARG HG2  H  N N 31  
ARG HG3  H  N N 32  
ARG HD2  H  N N 33  
ARG HD3  H  N N 34  
ARG HE   H  N N 35  
ARG HH11 H  N N 36  
ARG HH12 H  N N 37  
ARG HH21 H  N N 38  
ARG HH22 H  N N 39  
ARG HXT  H  N N 40  
ASN N    N  N N 41  
ASN CA   C  N S 42  
ASN C    C  N N 43  
ASN O    O  N N 44  
ASN CB   C  N N 45  
ASN CG   C  N N 46  
ASN OD1  O  N N 47  
ASN ND2  N  N N 48  
ASN OXT  O  N N 49  
ASN H    H  N N 50  
ASN H2   H  N N 51  
ASN HA   H  N N 52  
ASN HB2  H  N N 53  
ASN HB3  H  N N 54  
ASN HD21 H  N N 55  
ASN HD22 H  N N 56  
ASN HXT  H  N N 57  
ASP N    N  N N 58  
ASP CA   C  N S 59  
ASP C    C  N N 60  
ASP O    O  N N 61  
ASP CB   C  N N 62  
ASP CG   C  N N 63  
ASP OD1  O  N N 64  
ASP OD2  O  N N 65  
ASP OXT  O  N N 66  
ASP H    H  N N 67  
ASP H2   H  N N 68  
ASP HA   H  N N 69  
ASP HB2  H  N N 70  
ASP HB3  H  N N 71  
ASP HD2  H  N N 72  
ASP HXT  H  N N 73  
CL  CL   CL N N 74  
CYS N    N  N N 75  
CYS CA   C  N R 76  
CYS C    C  N N 77  
CYS O    O  N N 78  
CYS CB   C  N N 79  
CYS SG   S  N N 80  
CYS OXT  O  N N 81  
CYS H    H  N N 82  
CYS H2   H  N N 83  
CYS HA   H  N N 84  
CYS HB2  H  N N 85  
CYS HB3  H  N N 86  
CYS HG   H  N N 87  
CYS HXT  H  N N 88  
GLN N    N  N N 89  
GLN CA   C  N S 90  
GLN C    C  N N 91  
GLN O    O  N N 92  
GLN CB   C  N N 93  
GLN CG   C  N N 94  
GLN CD   C  N N 95  
GLN OE1  O  N N 96  
GLN NE2  N  N N 97  
GLN OXT  O  N N 98  
GLN H    H  N N 99  
GLN H2   H  N N 100 
GLN HA   H  N N 101 
GLN HB2  H  N N 102 
GLN HB3  H  N N 103 
GLN HG2  H  N N 104 
GLN HG3  H  N N 105 
GLN HE21 H  N N 106 
GLN HE22 H  N N 107 
GLN HXT  H  N N 108 
GLU N    N  N N 109 
GLU CA   C  N S 110 
GLU C    C  N N 111 
GLU O    O  N N 112 
GLU CB   C  N N 113 
GLU CG   C  N N 114 
GLU CD   C  N N 115 
GLU OE1  O  N N 116 
GLU OE2  O  N N 117 
GLU OXT  O  N N 118 
GLU H    H  N N 119 
GLU H2   H  N N 120 
GLU HA   H  N N 121 
GLU HB2  H  N N 122 
GLU HB3  H  N N 123 
GLU HG2  H  N N 124 
GLU HG3  H  N N 125 
GLU HE2  H  N N 126 
GLU HXT  H  N N 127 
GLY N    N  N N 128 
GLY CA   C  N N 129 
GLY C    C  N N 130 
GLY O    O  N N 131 
GLY OXT  O  N N 132 
GLY H    H  N N 133 
GLY H2   H  N N 134 
GLY HA2  H  N N 135 
GLY HA3  H  N N 136 
GLY HXT  H  N N 137 
HIS N    N  N N 138 
HIS CA   C  N S 139 
HIS C    C  N N 140 
HIS O    O  N N 141 
HIS CB   C  N N 142 
HIS CG   C  Y N 143 
HIS ND1  N  Y N 144 
HIS CD2  C  Y N 145 
HIS CE1  C  Y N 146 
HIS NE2  N  Y N 147 
HIS OXT  O  N N 148 
HIS H    H  N N 149 
HIS H2   H  N N 150 
HIS HA   H  N N 151 
HIS HB2  H  N N 152 
HIS HB3  H  N N 153 
HIS HD1  H  N N 154 
HIS HD2  H  N N 155 
HIS HE1  H  N N 156 
HIS HE2  H  N N 157 
HIS HXT  H  N N 158 
HOH O    O  N N 159 
HOH H1   H  N N 160 
HOH H2   H  N N 161 
ILE N    N  N N 162 
ILE CA   C  N S 163 
ILE C    C  N N 164 
ILE O    O  N N 165 
ILE CB   C  N S 166 
ILE CG1  C  N N 167 
ILE CG2  C  N N 168 
ILE CD1  C  N N 169 
ILE OXT  O  N N 170 
ILE H    H  N N 171 
ILE H2   H  N N 172 
ILE HA   H  N N 173 
ILE HB   H  N N 174 
ILE HG12 H  N N 175 
ILE HG13 H  N N 176 
ILE HG21 H  N N 177 
ILE HG22 H  N N 178 
ILE HG23 H  N N 179 
ILE HD11 H  N N 180 
ILE HD12 H  N N 181 
ILE HD13 H  N N 182 
ILE HXT  H  N N 183 
LEU N    N  N N 184 
LEU CA   C  N S 185 
LEU C    C  N N 186 
LEU O    O  N N 187 
LEU CB   C  N N 188 
LEU CG   C  N N 189 
LEU CD1  C  N N 190 
LEU CD2  C  N N 191 
LEU OXT  O  N N 192 
LEU H    H  N N 193 
LEU H2   H  N N 194 
LEU HA   H  N N 195 
LEU HB2  H  N N 196 
LEU HB3  H  N N 197 
LEU HG   H  N N 198 
LEU HD11 H  N N 199 
LEU HD12 H  N N 200 
LEU HD13 H  N N 201 
LEU HD21 H  N N 202 
LEU HD22 H  N N 203 
LEU HD23 H  N N 204 
LEU HXT  H  N N 205 
LYS N    N  N N 206 
LYS CA   C  N S 207 
LYS C    C  N N 208 
LYS O    O  N N 209 
LYS CB   C  N N 210 
LYS CG   C  N N 211 
LYS CD   C  N N 212 
LYS CE   C  N N 213 
LYS NZ   N  N N 214 
LYS OXT  O  N N 215 
LYS H    H  N N 216 
LYS H2   H  N N 217 
LYS HA   H  N N 218 
LYS HB2  H  N N 219 
LYS HB3  H  N N 220 
LYS HG2  H  N N 221 
LYS HG3  H  N N 222 
LYS HD2  H  N N 223 
LYS HD3  H  N N 224 
LYS HE2  H  N N 225 
LYS HE3  H  N N 226 
LYS HZ1  H  N N 227 
LYS HZ2  H  N N 228 
LYS HZ3  H  N N 229 
LYS HXT  H  N N 230 
PRO N    N  N N 231 
PRO CA   C  N S 232 
PRO C    C  N N 233 
PRO O    O  N N 234 
PRO CB   C  N N 235 
PRO CG   C  N N 236 
PRO CD   C  N N 237 
PRO OXT  O  N N 238 
PRO H    H  N N 239 
PRO HA   H  N N 240 
PRO HB2  H  N N 241 
PRO HB3  H  N N 242 
PRO HG2  H  N N 243 
PRO HG3  H  N N 244 
PRO HD2  H  N N 245 
PRO HD3  H  N N 246 
PRO HXT  H  N N 247 
SER N    N  N N 248 
SER CA   C  N S 249 
SER C    C  N N 250 
SER O    O  N N 251 
SER CB   C  N N 252 
SER OG   O  N N 253 
SER OXT  O  N N 254 
SER H    H  N N 255 
SER H2   H  N N 256 
SER HA   H  N N 257 
SER HB2  H  N N 258 
SER HB3  H  N N 259 
SER HG   H  N N 260 
SER HXT  H  N N 261 
THR N    N  N N 262 
THR CA   C  N S 263 
THR C    C  N N 264 
THR O    O  N N 265 
THR CB   C  N R 266 
THR OG1  O  N N 267 
THR CG2  C  N N 268 
THR OXT  O  N N 269 
THR H    H  N N 270 
THR H2   H  N N 271 
THR HA   H  N N 272 
THR HB   H  N N 273 
THR HG1  H  N N 274 
THR HG21 H  N N 275 
THR HG22 H  N N 276 
THR HG23 H  N N 277 
THR HXT  H  N N 278 
TRP N    N  N N 279 
TRP CA   C  N S 280 
TRP C    C  N N 281 
TRP O    O  N N 282 
TRP CB   C  N N 283 
TRP CG   C  Y N 284 
TRP CD1  C  Y N 285 
TRP CD2  C  Y N 286 
TRP NE1  N  Y N 287 
TRP CE2  C  Y N 288 
TRP CE3  C  Y N 289 
TRP CZ2  C  Y N 290 
TRP CZ3  C  Y N 291 
TRP CH2  C  Y N 292 
TRP OXT  O  N N 293 
TRP H    H  N N 294 
TRP H2   H  N N 295 
TRP HA   H  N N 296 
TRP HB2  H  N N 297 
TRP HB3  H  N N 298 
TRP HD1  H  N N 299 
TRP HE1  H  N N 300 
TRP HE3  H  N N 301 
TRP HZ2  H  N N 302 
TRP HZ3  H  N N 303 
TRP HH2  H  N N 304 
TRP HXT  H  N N 305 
VAL N    N  N N 306 
VAL CA   C  N S 307 
VAL C    C  N N 308 
VAL O    O  N N 309 
VAL CB   C  N N 310 
VAL CG1  C  N N 311 
VAL CG2  C  N N 312 
VAL OXT  O  N N 313 
VAL H    H  N N 314 
VAL H2   H  N N 315 
VAL HA   H  N N 316 
VAL HB   H  N N 317 
VAL HG11 H  N N 318 
VAL HG12 H  N N 319 
VAL HG13 H  N N 320 
VAL HG21 H  N N 321 
VAL HG22 H  N N 322 
VAL HG23 H  N N 323 
VAL HXT  H  N N 324 
# 
loop_
_chem_comp_bond.comp_id 
_chem_comp_bond.atom_id_1 
_chem_comp_bond.atom_id_2 
_chem_comp_bond.value_order 
_chem_comp_bond.pdbx_aromatic_flag 
_chem_comp_bond.pdbx_stereo_config 
_chem_comp_bond.pdbx_ordinal 
ALA N   CA   sing N N 1   
ALA N   H    sing N N 2   
ALA N   H2   sing N N 3   
ALA CA  C    sing N N 4   
ALA CA  CB   sing N N 5   
ALA CA  HA   sing N N 6   
ALA C   O    doub N N 7   
ALA C   OXT  sing N N 8   
ALA CB  HB1  sing N N 9   
ALA CB  HB2  sing N N 10  
ALA CB  HB3  sing N N 11  
ALA OXT HXT  sing N N 12  
ARG N   CA   sing N N 13  
ARG N   H    sing N N 14  
ARG N   H2   sing N N 15  
ARG CA  C    sing N N 16  
ARG CA  CB   sing N N 17  
ARG CA  HA   sing N N 18  
ARG C   O    doub N N 19  
ARG C   OXT  sing N N 20  
ARG CB  CG   sing N N 21  
ARG CB  HB2  sing N N 22  
ARG CB  HB3  sing N N 23  
ARG CG  CD   sing N N 24  
ARG CG  HG2  sing N N 25  
ARG CG  HG3  sing N N 26  
ARG CD  NE   sing N N 27  
ARG CD  HD2  sing N N 28  
ARG CD  HD3  sing N N 29  
ARG NE  CZ   sing N N 30  
ARG NE  HE   sing N N 31  
ARG CZ  NH1  sing N N 32  
ARG CZ  NH2  doub N N 33  
ARG NH1 HH11 sing N N 34  
ARG NH1 HH12 sing N N 35  
ARG NH2 HH21 sing N N 36  
ARG NH2 HH22 sing N N 37  
ARG OXT HXT  sing N N 38  
ASN N   CA   sing N N 39  
ASN N   H    sing N N 40  
ASN N   H2   sing N N 41  
ASN CA  C    sing N N 42  
ASN CA  CB   sing N N 43  
ASN CA  HA   sing N N 44  
ASN C   O    doub N N 45  
ASN C   OXT  sing N N 46  
ASN CB  CG   sing N N 47  
ASN CB  HB2  sing N N 48  
ASN CB  HB3  sing N N 49  
ASN CG  OD1  doub N N 50  
ASN CG  ND2  sing N N 51  
ASN ND2 HD21 sing N N 52  
ASN ND2 HD22 sing N N 53  
ASN OXT HXT  sing N N 54  
ASP N   CA   sing N N 55  
ASP N   H    sing N N 56  
ASP N   H2   sing N N 57  
ASP CA  C    sing N N 58  
ASP CA  CB   sing N N 59  
ASP CA  HA   sing N N 60  
ASP C   O    doub N N 61  
ASP C   OXT  sing N N 62  
ASP CB  CG   sing N N 63  
ASP CB  HB2  sing N N 64  
ASP CB  HB3  sing N N 65  
ASP CG  OD1  doub N N 66  
ASP CG  OD2  sing N N 67  
ASP OD2 HD2  sing N N 68  
ASP OXT HXT  sing N N 69  
CYS N   CA   sing N N 70  
CYS N   H    sing N N 71  
CYS N   H2   sing N N 72  
CYS CA  C    sing N N 73  
CYS CA  CB   sing N N 74  
CYS CA  HA   sing N N 75  
CYS C   O    doub N N 76  
CYS C   OXT  sing N N 77  
CYS CB  SG   sing N N 78  
CYS CB  HB2  sing N N 79  
CYS CB  HB3  sing N N 80  
CYS SG  HG   sing N N 81  
CYS OXT HXT  sing N N 82  
GLN N   CA   sing N N 83  
GLN N   H    sing N N 84  
GLN N   H2   sing N N 85  
GLN CA  C    sing N N 86  
GLN CA  CB   sing N N 87  
GLN CA  HA   sing N N 88  
GLN C   O    doub N N 89  
GLN C   OXT  sing N N 90  
GLN CB  CG   sing N N 91  
GLN CB  HB2  sing N N 92  
GLN CB  HB3  sing N N 93  
GLN CG  CD   sing N N 94  
GLN CG  HG2  sing N N 95  
GLN CG  HG3  sing N N 96  
GLN CD  OE1  doub N N 97  
GLN CD  NE2  sing N N 98  
GLN NE2 HE21 sing N N 99  
GLN NE2 HE22 sing N N 100 
GLN OXT HXT  sing N N 101 
GLU N   CA   sing N N 102 
GLU N   H    sing N N 103 
GLU N   H2   sing N N 104 
GLU CA  C    sing N N 105 
GLU CA  CB   sing N N 106 
GLU CA  HA   sing N N 107 
GLU C   O    doub N N 108 
GLU C   OXT  sing N N 109 
GLU CB  CG   sing N N 110 
GLU CB  HB2  sing N N 111 
GLU CB  HB3  sing N N 112 
GLU CG  CD   sing N N 113 
GLU CG  HG2  sing N N 114 
GLU CG  HG3  sing N N 115 
GLU CD  OE1  doub N N 116 
GLU CD  OE2  sing N N 117 
GLU OE2 HE2  sing N N 118 
GLU OXT HXT  sing N N 119 
GLY N   CA   sing N N 120 
GLY N   H    sing N N 121 
GLY N   H2   sing N N 122 
GLY CA  C    sing N N 123 
GLY CA  HA2  sing N N 124 
GLY CA  HA3  sing N N 125 
GLY C   O    doub N N 126 
GLY C   OXT  sing N N 127 
GLY OXT HXT  sing N N 128 
HIS N   CA   sing N N 129 
HIS N   H    sing N N 130 
HIS N   H2   sing N N 131 
HIS CA  C    sing N N 132 
HIS CA  CB   sing N N 133 
HIS CA  HA   sing N N 134 
HIS C   O    doub N N 135 
HIS C   OXT  sing N N 136 
HIS CB  CG   sing N N 137 
HIS CB  HB2  sing N N 138 
HIS CB  HB3  sing N N 139 
HIS CG  ND1  sing Y N 140 
HIS CG  CD2  doub Y N 141 
HIS ND1 CE1  doub Y N 142 
HIS ND1 HD1  sing N N 143 
HIS CD2 NE2  sing Y N 144 
HIS CD2 HD2  sing N N 145 
HIS CE1 NE2  sing Y N 146 
HIS CE1 HE1  sing N N 147 
HIS NE2 HE2  sing N N 148 
HIS OXT HXT  sing N N 149 
HOH O   H1   sing N N 150 
HOH O   H2   sing N N 151 
ILE N   CA   sing N N 152 
ILE N   H    sing N N 153 
ILE N   H2   sing N N 154 
ILE CA  C    sing N N 155 
ILE CA  CB   sing N N 156 
ILE CA  HA   sing N N 157 
ILE C   O    doub N N 158 
ILE C   OXT  sing N N 159 
ILE CB  CG1  sing N N 160 
ILE CB  CG2  sing N N 161 
ILE CB  HB   sing N N 162 
ILE CG1 CD1  sing N N 163 
ILE CG1 HG12 sing N N 164 
ILE CG1 HG13 sing N N 165 
ILE CG2 HG21 sing N N 166 
ILE CG2 HG22 sing N N 167 
ILE CG2 HG23 sing N N 168 
ILE CD1 HD11 sing N N 169 
ILE CD1 HD12 sing N N 170 
ILE CD1 HD13 sing N N 171 
ILE OXT HXT  sing N N 172 
LEU N   CA   sing N N 173 
LEU N   H    sing N N 174 
LEU N   H2   sing N N 175 
LEU CA  C    sing N N 176 
LEU CA  CB   sing N N 177 
LEU CA  HA   sing N N 178 
LEU C   O    doub N N 179 
LEU C   OXT  sing N N 180 
LEU CB  CG   sing N N 181 
LEU CB  HB2  sing N N 182 
LEU CB  HB3  sing N N 183 
LEU CG  CD1  sing N N 184 
LEU CG  CD2  sing N N 185 
LEU CG  HG   sing N N 186 
LEU CD1 HD11 sing N N 187 
LEU CD1 HD12 sing N N 188 
LEU CD1 HD13 sing N N 189 
LEU CD2 HD21 sing N N 190 
LEU CD2 HD22 sing N N 191 
LEU CD2 HD23 sing N N 192 
LEU OXT HXT  sing N N 193 
LYS N   CA   sing N N 194 
LYS N   H    sing N N 195 
LYS N   H2   sing N N 196 
LYS CA  C    sing N N 197 
LYS CA  CB   sing N N 198 
LYS CA  HA   sing N N 199 
LYS C   O    doub N N 200 
LYS C   OXT  sing N N 201 
LYS CB  CG   sing N N 202 
LYS CB  HB2  sing N N 203 
LYS CB  HB3  sing N N 204 
LYS CG  CD   sing N N 205 
LYS CG  HG2  sing N N 206 
LYS CG  HG3  sing N N 207 
LYS CD  CE   sing N N 208 
LYS CD  HD2  sing N N 209 
LYS CD  HD3  sing N N 210 
LYS CE  NZ   sing N N 211 
LYS CE  HE2  sing N N 212 
LYS CE  HE3  sing N N 213 
LYS NZ  HZ1  sing N N 214 
LYS NZ  HZ2  sing N N 215 
LYS NZ  HZ3  sing N N 216 
LYS OXT HXT  sing N N 217 
PRO N   CA   sing N N 218 
PRO N   CD   sing N N 219 
PRO N   H    sing N N 220 
PRO CA  C    sing N N 221 
PRO CA  CB   sing N N 222 
PRO CA  HA   sing N N 223 
PRO C   O    doub N N 224 
PRO C   OXT  sing N N 225 
PRO CB  CG   sing N N 226 
PRO CB  HB2  sing N N 227 
PRO CB  HB3  sing N N 228 
PRO CG  CD   sing N N 229 
PRO CG  HG2  sing N N 230 
PRO CG  HG3  sing N N 231 
PRO CD  HD2  sing N N 232 
PRO CD  HD3  sing N N 233 
PRO OXT HXT  sing N N 234 
SER N   CA   sing N N 235 
SER N   H    sing N N 236 
SER N   H2   sing N N 237 
SER CA  C    sing N N 238 
SER CA  CB   sing N N 239 
SER CA  HA   sing N N 240 
SER C   O    doub N N 241 
SER C   OXT  sing N N 242 
SER CB  OG   sing N N 243 
SER CB  HB2  sing N N 244 
SER CB  HB3  sing N N 245 
SER OG  HG   sing N N 246 
SER OXT HXT  sing N N 247 
THR N   CA   sing N N 248 
THR N   H    sing N N 249 
THR N   H2   sing N N 250 
THR CA  C    sing N N 251 
THR CA  CB   sing N N 252 
THR CA  HA   sing N N 253 
THR C   O    doub N N 254 
THR C   OXT  sing N N 255 
THR CB  OG1  sing N N 256 
THR CB  CG2  sing N N 257 
THR CB  HB   sing N N 258 
THR OG1 HG1  sing N N 259 
THR CG2 HG21 sing N N 260 
THR CG2 HG22 sing N N 261 
THR CG2 HG23 sing N N 262 
THR OXT HXT  sing N N 263 
TRP N   CA   sing N N 264 
TRP N   H    sing N N 265 
TRP N   H2   sing N N 266 
TRP CA  C    sing N N 267 
TRP CA  CB   sing N N 268 
TRP CA  HA   sing N N 269 
TRP C   O    doub N N 270 
TRP C   OXT  sing N N 271 
TRP CB  CG   sing N N 272 
TRP CB  HB2  sing N N 273 
TRP CB  HB3  sing N N 274 
TRP CG  CD1  doub Y N 275 
TRP CG  CD2  sing Y N 276 
TRP CD1 NE1  sing Y N 277 
TRP CD1 HD1  sing N N 278 
TRP CD2 CE2  doub Y N 279 
TRP CD2 CE3  sing Y N 280 
TRP NE1 CE2  sing Y N 281 
TRP NE1 HE1  sing N N 282 
TRP CE2 CZ2  sing Y N 283 
TRP CE3 CZ3  doub Y N 284 
TRP CE3 HE3  sing N N 285 
TRP CZ2 CH2  doub Y N 286 
TRP CZ2 HZ2  sing N N 287 
TRP CZ3 CH2  sing Y N 288 
TRP CZ3 HZ3  sing N N 289 
TRP CH2 HH2  sing N N 290 
TRP OXT HXT  sing N N 291 
VAL N   CA   sing N N 292 
VAL N   H    sing N N 293 
VAL N   H2   sing N N 294 
VAL CA  C    sing N N 295 
VAL CA  CB   sing N N 296 
VAL CA  HA   sing N N 297 
VAL C   O    doub N N 298 
VAL C   OXT  sing N N 299 
VAL CB  CG1  sing N N 300 
VAL CB  CG2  sing N N 301 
VAL CB  HB   sing N N 302 
VAL CG1 HG11 sing N N 303 
VAL CG1 HG12 sing N N 304 
VAL CG1 HG13 sing N N 305 
VAL CG2 HG21 sing N N 306 
VAL CG2 HG22 sing N N 307 
VAL CG2 HG23 sing N N 308 
VAL OXT HXT  sing N N 309 
# 
loop_
_pdbx_audit_support.funding_organization 
_pdbx_audit_support.country 
_pdbx_audit_support.grant_number 
_pdbx_audit_support.ordinal 
'Natural Sciences and Engineering Research Council (NSERC, Canada)' Canada RGPIN-2019-057 1 
'Canadian Institutes of Health Research (CIHR)'                     Canada MOP-115066     2 
# 
loop_
_pdbx_entity_nonpoly.entity_id 
_pdbx_entity_nonpoly.name 
_pdbx_entity_nonpoly.comp_id 
2 'CHLORIDE ION' CL  
3 water          HOH 
# 
_pdbx_initial_refinement_model.id               1 
_pdbx_initial_refinement_model.entity_id_list   ? 
_pdbx_initial_refinement_model.type             'experimental model' 
_pdbx_initial_refinement_model.source_name      PDB 
_pdbx_initial_refinement_model.accession_code   4NKJ 
_pdbx_initial_refinement_model.details          '4NKJ chain A' 
# 
loop_
_pdbx_struct_assembly_auth_evidence.id 
_pdbx_struct_assembly_auth_evidence.assembly_id 
_pdbx_struct_assembly_auth_evidence.experimental_support 
_pdbx_struct_assembly_auth_evidence.details 
1 1 'gel filtration'   ? 
2 1 'light scattering' ? 
# 
